data_1O66
#
_entry.id   1O66
#
_cell.length_a   165.190
_cell.length_b   111.492
_cell.length_c   99.079
_cell.angle_alpha   90.00
_cell.angle_beta   122.65
_cell.angle_gamma   90.00
#
_symmetry.space_group_name_H-M   'C 1 2 1'
#
loop_
_entity.id
_entity.type
_entity.pdbx_description
1 polymer '3-methyl-2-oxobutanoate hydroxymethyltransferase'
2 non-polymer GLYCEROL
3 water water
#
_entity_poly.entity_id   1
_entity_poly.type   'polypeptide(L)'
_entity_poly.pdbx_seq_one_letter_code
;(MSE)SLITVNTLQK(MSE)KAAGEKIA(MSE)LTAYESSFAAL(MSE)DDAGVE(MSE)LLVGDSLG(MSE)AVQGRKS
TLPVSLRD(MSE)CYHTECVARGAKNA(MSE)IVSDLPFGAYQQSKEQAFAAAAEL(MSE)AAGAH(MSE)VKLEGGVW
(MSE)AETTEFLQ(MSE)RGIPVCAHIGLTPQSVFAFGGYKVQGRGGKAQALLNDAKAHDDAGAAVVL(MSE)ECVLAEL
AKKVTETVSCPTIGIGAGADCDGQVLV(MSE)HD(MSE)LGIFPGKTAKFVKNF(MSE)QGHDSVQAAVRAYVAEVKAKT
FPAAEHIFADEGGSHHHHHH
;
_entity_poly.pdbx_strand_id   A,B,C,D,E
#
loop_
_chem_comp.id
_chem_comp.type
_chem_comp.name
_chem_comp.formula
GOL non-polymer GLYCEROL 'C3 H8 O3'
#
# COMPACT_ATOMS: atom_id res chain seq x y z
N LEU A 3 -8.71 33.98 19.37
CA LEU A 3 -8.54 32.91 18.34
C LEU A 3 -9.88 32.40 17.89
N ILE A 4 -10.03 32.18 16.59
CA ILE A 4 -11.28 31.68 16.04
C ILE A 4 -11.23 30.15 16.03
N THR A 5 -12.14 29.53 16.78
CA THR A 5 -12.20 28.08 16.87
C THR A 5 -13.53 27.58 16.33
N VAL A 6 -13.68 26.26 16.21
CA VAL A 6 -14.92 25.70 15.72
C VAL A 6 -16.04 26.13 16.67
N ASN A 7 -15.73 26.17 17.95
CA ASN A 7 -16.70 26.57 18.96
C ASN A 7 -17.15 28.00 18.67
N THR A 8 -16.20 28.86 18.30
CA THR A 8 -16.53 30.25 17.98
C THR A 8 -17.57 30.28 16.87
N LEU A 9 -17.33 29.51 15.81
CA LEU A 9 -18.25 29.46 14.68
C LEU A 9 -19.63 28.98 15.07
N GLN A 10 -19.71 27.96 15.93
CA GLN A 10 -21.00 27.44 16.36
C GLN A 10 -21.76 28.47 17.17
N LYS A 11 -21.06 29.22 18.02
CA LYS A 11 -21.69 30.26 18.82
C LYS A 11 -22.23 31.35 17.90
N MSE A 12 -21.47 31.65 16.86
CA MSE A 12 -21.90 32.67 15.90
C MSE A 12 -23.14 32.23 15.15
O MSE A 12 -24.06 33.02 14.94
CB MSE A 12 -20.76 32.98 14.93
CG MSE A 12 -19.58 33.70 15.60
SE MSE A 12 -18.07 34.04 14.44
CE MSE A 12 -18.75 35.60 13.53
N LYS A 13 -23.19 30.96 14.74
CA LYS A 13 -24.37 30.44 14.03
C LYS A 13 -25.59 30.59 14.92
N ALA A 14 -25.43 30.24 16.19
CA ALA A 14 -26.52 30.31 17.16
C ALA A 14 -27.00 31.74 17.38
N ALA A 15 -26.05 32.68 17.42
CA ALA A 15 -26.37 34.08 17.65
C ALA A 15 -26.80 34.82 16.38
N GLY A 16 -26.64 34.17 15.23
CA GLY A 16 -27.02 34.79 13.98
C GLY A 16 -25.99 35.81 13.50
N GLU A 17 -24.78 35.71 14.05
CA GLU A 17 -23.69 36.62 13.68
C GLU A 17 -22.96 36.04 12.48
N LYS A 18 -23.07 36.69 11.34
CA LYS A 18 -22.44 36.21 10.11
C LYS A 18 -20.92 36.12 10.14
N ILE A 19 -20.43 35.03 9.55
CA ILE A 19 -18.99 34.74 9.48
C ILE A 19 -18.38 35.22 8.17
N ALA A 20 -17.26 35.93 8.27
CA ALA A 20 -16.58 36.43 7.07
C ALA A 20 -15.39 35.56 6.70
N MSE A 21 -15.44 35.01 5.50
CA MSE A 21 -14.36 34.16 4.99
C MSE A 21 -13.86 34.74 3.67
O MSE A 21 -14.63 35.29 2.90
CB MSE A 21 -14.86 32.73 4.76
CG MSE A 21 -13.81 31.78 4.16
SE MSE A 21 -14.52 30.02 3.68
CE MSE A 21 -13.83 28.98 5.15
N LEU A 22 -12.54 34.65 3.46
CA LEU A 22 -11.92 35.13 2.22
C LEU A 22 -10.77 34.19 1.91
N THR A 23 -10.46 34.01 0.62
CA THR A 23 -9.35 33.14 0.27
C THR A 23 -8.04 33.88 0.56
N ALA A 24 -6.98 33.13 0.80
CA ALA A 24 -5.67 33.71 1.10
C ALA A 24 -4.61 32.73 0.61
N TYR A 25 -3.57 33.23 -0.03
CA TYR A 25 -2.52 32.36 -0.55
C TYR A 25 -1.11 32.85 -0.22
N GLU A 26 -1.02 34.01 0.44
CA GLU A 26 0.27 34.60 0.78
C GLU A 26 0.28 35.12 2.22
N SER A 27 1.48 35.21 2.80
CA SER A 27 1.63 35.67 4.18
C SER A 27 1.18 37.11 4.41
N SER A 28 1.60 38.01 3.51
CA SER A 28 1.29 39.43 3.62
C SER A 28 -0.22 39.71 3.62
N PHE A 29 -0.91 39.17 2.61
CA PHE A 29 -2.35 39.37 2.54
C PHE A 29 -3.06 38.69 3.69
N ALA A 30 -2.58 37.53 4.11
CA ALA A 30 -3.20 36.81 5.21
C ALA A 30 -3.16 37.67 6.48
N ALA A 31 -2.01 38.28 6.75
CA ALA A 31 -1.86 39.12 7.94
C ALA A 31 -2.80 40.32 7.84
N LEU A 32 -2.92 40.87 6.63
CA LEU A 32 -3.78 42.01 6.39
C LEU A 32 -5.24 41.66 6.64
N MSE A 33 -5.69 40.53 6.08
CA MSE A 33 -7.07 40.10 6.26
C MSE A 33 -7.39 39.76 7.71
O MSE A 33 -8.48 40.05 8.20
CB MSE A 33 -7.37 38.92 5.34
CG MSE A 33 -7.41 39.32 3.88
SE MSE A 33 -7.76 37.82 2.70
CE MSE A 33 -5.94 37.21 2.47
N ASP A 34 -6.43 39.14 8.39
CA ASP A 34 -6.60 38.78 9.78
C ASP A 34 -6.84 40.05 10.60
N ASP A 35 -5.96 41.02 10.41
CA ASP A 35 -6.04 42.29 11.11
C ASP A 35 -7.32 43.07 10.77
N ALA A 36 -7.85 42.83 9.58
CA ALA A 36 -9.05 43.51 9.13
C ALA A 36 -10.34 42.84 9.60
N GLY A 37 -10.20 41.74 10.33
CA GLY A 37 -11.38 41.07 10.85
C GLY A 37 -11.90 39.84 10.15
N VAL A 38 -11.18 39.36 9.13
CA VAL A 38 -11.63 38.15 8.45
C VAL A 38 -11.45 37.01 9.46
N GLU A 39 -12.50 36.23 9.65
CA GLU A 39 -12.51 35.14 10.62
C GLU A 39 -12.02 33.79 10.13
N MSE A 40 -12.21 33.53 8.84
CA MSE A 40 -11.78 32.27 8.24
C MSE A 40 -10.97 32.58 7.00
O MSE A 40 -11.43 33.33 6.13
CB MSE A 40 -13.00 31.41 7.87
CG MSE A 40 -13.85 30.97 9.06
SE MSE A 40 -15.34 29.89 8.49
CE MSE A 40 -14.50 28.16 8.62
N LEU A 41 -9.78 32.01 6.90
CA LEU A 41 -8.94 32.23 5.72
C LEU A 41 -8.92 30.94 4.94
N LEU A 42 -9.40 30.98 3.70
CA LEU A 42 -9.44 29.78 2.87
C LEU A 42 -8.28 29.67 1.90
N VAL A 43 -7.36 28.73 2.17
CA VAL A 43 -6.25 28.50 1.27
C VAL A 43 -6.88 27.53 0.28
N GLY A 44 -7.57 28.07 -0.72
CA GLY A 44 -8.26 27.23 -1.68
C GLY A 44 -7.51 26.86 -2.93
N ASP A 45 -7.96 25.78 -3.59
CA ASP A 45 -7.30 25.36 -4.82
C ASP A 45 -7.60 26.34 -5.94
N SER A 46 -8.37 27.38 -5.60
CA SER A 46 -8.67 28.43 -6.55
C SER A 46 -7.35 29.12 -6.90
N LEU A 47 -6.32 28.83 -6.12
CA LEU A 47 -5.01 29.42 -6.39
C LEU A 47 -4.49 28.89 -7.71
N GLY A 48 -5.04 27.78 -8.17
CA GLY A 48 -4.62 27.21 -9.44
C GLY A 48 -4.87 28.20 -10.57
N MSE A 49 -5.84 29.07 -10.36
CA MSE A 49 -6.19 30.06 -11.35
C MSE A 49 -5.67 31.46 -10.96
O MSE A 49 -5.00 32.12 -11.76
CB MSE A 49 -7.70 30.03 -11.56
CG MSE A 49 -8.17 28.62 -11.96
SE MSE A 49 -10.07 28.31 -12.19
CE MSE A 49 -10.30 29.14 -13.91
N ALA A 50 -5.92 31.89 -9.72
CA ALA A 50 -5.50 33.21 -9.27
C ALA A 50 -3.97 33.36 -9.09
N VAL A 51 -3.30 32.31 -8.64
CA VAL A 51 -1.85 32.37 -8.44
C VAL A 51 -1.07 31.74 -9.58
N GLN A 52 -1.48 30.54 -9.97
CA GLN A 52 -0.79 29.79 -11.03
C GLN A 52 -1.19 30.16 -12.46
N GLY A 53 -2.34 30.82 -12.61
CA GLY A 53 -2.77 31.23 -13.95
C GLY A 53 -3.30 30.12 -14.86
N ARG A 54 -3.69 28.99 -14.27
CA ARG A 54 -4.22 27.88 -15.05
C ARG A 54 -5.69 28.10 -15.41
N LYS A 55 -6.21 27.22 -16.27
CA LYS A 55 -7.60 27.29 -16.72
C LYS A 55 -8.53 26.50 -15.79
N SER A 56 -7.96 25.66 -14.93
CA SER A 56 -8.76 24.88 -13.99
C SER A 56 -7.93 24.63 -12.73
N THR A 57 -8.56 24.02 -11.73
CA THR A 57 -7.90 23.74 -10.47
C THR A 57 -7.38 22.32 -10.37
N LEU A 58 -7.68 21.49 -11.37
CA LEU A 58 -7.26 20.10 -11.33
C LEU A 58 -5.75 19.84 -11.22
N PRO A 59 -4.91 20.69 -11.86
CA PRO A 59 -3.46 20.47 -11.80
C PRO A 59 -2.81 20.81 -10.44
N VAL A 60 -3.55 21.48 -9.56
CA VAL A 60 -2.98 21.85 -8.27
C VAL A 60 -2.62 20.59 -7.46
N SER A 61 -1.39 20.55 -6.96
CA SER A 61 -0.91 19.39 -6.21
C SER A 61 -1.01 19.57 -4.70
N LEU A 62 -0.81 18.47 -3.97
CA LEU A 62 -0.84 18.53 -2.52
C LEU A 62 0.35 19.35 -2.06
N ARG A 63 1.46 19.27 -2.80
CA ARG A 63 2.66 20.04 -2.46
C ARG A 63 2.34 21.53 -2.55
N ASP A 64 1.60 21.91 -3.60
CA ASP A 64 1.21 23.31 -3.78
C ASP A 64 0.35 23.77 -2.61
N MSE A 65 -0.62 22.96 -2.23
CA MSE A 65 -1.51 23.32 -1.12
C MSE A 65 -0.76 23.44 0.20
O MSE A 65 -1.03 24.35 0.98
CB MSE A 65 -2.64 22.29 -0.99
CG MSE A 65 -3.54 22.19 -2.20
SE MSE A 65 -4.23 23.93 -2.76
CE MSE A 65 -4.92 24.51 -1.06
N CYS A 66 0.18 22.54 0.45
CA CYS A 66 0.95 22.62 1.69
C CYS A 66 1.82 23.87 1.71
N TYR A 67 2.39 24.20 0.55
CA TYR A 67 3.25 25.37 0.42
C TYR A 67 2.49 26.64 0.76
N HIS A 68 1.34 26.84 0.12
CA HIS A 68 0.57 28.05 0.38
C HIS A 68 0.00 28.06 1.79
N THR A 69 -0.28 26.88 2.34
CA THR A 69 -0.79 26.81 3.71
C THR A 69 0.31 27.29 4.66
N GLU A 70 1.54 26.83 4.45
CA GLU A 70 2.66 27.26 5.29
C GLU A 70 2.85 28.77 5.20
N CYS A 71 2.72 29.32 3.99
CA CYS A 71 2.87 30.75 3.78
C CYS A 71 1.81 31.53 4.56
N VAL A 72 0.56 31.11 4.42
CA VAL A 72 -0.54 31.78 5.11
C VAL A 72 -0.40 31.66 6.64
N ALA A 73 0.06 30.50 7.11
CA ALA A 73 0.23 30.30 8.54
C ALA A 73 1.25 31.25 9.16
N ARG A 74 2.23 31.70 8.37
CA ARG A 74 3.23 32.62 8.90
C ARG A 74 2.66 34.03 9.05
N GLY A 75 1.56 34.30 8.37
CA GLY A 75 0.95 35.62 8.44
C GLY A 75 -0.28 35.73 9.31
N ALA A 76 -1.05 34.65 9.42
CA ALA A 76 -2.27 34.64 10.21
C ALA A 76 -2.00 34.58 11.71
N LYS A 77 -2.93 35.11 12.50
CA LYS A 77 -2.80 35.12 13.95
C LYS A 77 -4.06 34.61 14.65
N ASN A 78 -5.16 35.34 14.50
CA ASN A 78 -6.41 34.97 15.15
C ASN A 78 -7.34 34.13 14.26
N ALA A 79 -7.31 34.40 12.96
CA ALA A 79 -8.16 33.70 12.02
C ALA A 79 -7.87 32.21 11.89
N MSE A 80 -8.92 31.46 11.58
CA MSE A 80 -8.79 30.02 11.39
C MSE A 80 -8.39 29.79 9.94
O MSE A 80 -8.97 30.37 9.02
CB MSE A 80 -10.13 29.34 11.65
CG MSE A 80 -10.08 27.84 11.46
SE MSE A 80 -11.86 27.20 11.33
CE MSE A 80 -12.33 27.29 13.21
N ILE A 81 -7.40 28.93 9.74
CA ILE A 81 -6.93 28.61 8.39
C ILE A 81 -7.61 27.34 7.89
N VAL A 82 -8.24 27.43 6.73
CA VAL A 82 -8.91 26.29 6.14
C VAL A 82 -8.21 25.99 4.82
N SER A 83 -7.76 24.74 4.64
CA SER A 83 -7.05 24.38 3.41
C SER A 83 -7.77 23.32 2.60
N ASP A 84 -7.84 23.53 1.28
CA ASP A 84 -8.48 22.60 0.37
C ASP A 84 -7.63 21.38 0.08
N LEU A 85 -8.28 20.22 0.05
CA LEU A 85 -7.62 18.98 -0.32
C LEU A 85 -7.72 19.08 -1.85
N PRO A 86 -6.57 19.05 -2.56
CA PRO A 86 -6.57 19.16 -4.02
C PRO A 86 -7.03 17.92 -4.77
N PHE A 87 -7.49 18.13 -6.00
CA PHE A 87 -7.97 17.06 -6.85
C PHE A 87 -7.00 15.88 -6.96
N GLY A 88 -7.52 14.69 -6.73
CA GLY A 88 -6.71 13.49 -6.83
C GLY A 88 -5.97 13.07 -5.56
N ALA A 89 -5.92 13.97 -4.58
CA ALA A 89 -5.20 13.68 -3.34
C ALA A 89 -6.05 13.09 -2.21
N TYR A 90 -7.36 13.02 -2.38
CA TYR A 90 -8.22 12.51 -1.32
C TYR A 90 -9.39 11.62 -1.71
N GLN A 91 -9.72 11.53 -2.99
CA GLN A 91 -10.86 10.74 -3.41
C GLN A 91 -10.65 9.23 -3.56
N GLN A 92 -9.40 8.80 -3.50
CA GLN A 92 -9.10 7.38 -3.66
C GLN A 92 -9.69 6.53 -2.54
N SER A 93 -9.64 7.05 -1.30
CA SER A 93 -10.15 6.34 -0.13
C SER A 93 -10.10 7.26 1.07
N LYS A 94 -10.81 6.90 2.14
CA LYS A 94 -10.79 7.73 3.35
C LYS A 94 -9.39 7.71 3.97
N GLU A 95 -8.67 6.61 3.79
CA GLU A 95 -7.30 6.52 4.31
C GLU A 95 -6.40 7.51 3.58
N GLN A 96 -6.53 7.60 2.25
CA GLN A 96 -5.70 8.53 1.49
C GLN A 96 -6.06 9.95 1.89
N ALA A 97 -7.36 10.20 2.08
CA ALA A 97 -7.83 11.54 2.46
C ALA A 97 -7.23 11.94 3.80
N PHE A 98 -7.17 10.98 4.72
CA PHE A 98 -6.61 11.28 6.03
C PHE A 98 -5.14 11.65 5.91
N ALA A 99 -4.41 10.88 5.11
CA ALA A 99 -2.98 11.15 4.93
C ALA A 99 -2.76 12.56 4.36
N ALA A 100 -3.54 12.91 3.35
CA ALA A 100 -3.43 14.22 2.72
C ALA A 100 -3.81 15.33 3.70
N ALA A 101 -4.92 15.14 4.40
CA ALA A 101 -5.38 16.14 5.36
C ALA A 101 -4.37 16.31 6.49
N ALA A 102 -3.73 15.21 6.88
CA ALA A 102 -2.74 15.27 7.94
C ALA A 102 -1.55 16.14 7.53
N GLU A 103 -1.18 16.08 6.24
CA GLU A 103 -0.08 16.90 5.74
C GLU A 103 -0.47 18.37 5.81
N LEU A 104 -1.73 18.68 5.50
CA LEU A 104 -2.19 20.06 5.53
C LEU A 104 -2.23 20.58 6.97
N MSE A 105 -2.66 19.74 7.91
CA MSE A 105 -2.69 20.17 9.30
C MSE A 105 -1.25 20.42 9.75
O MSE A 105 -0.96 21.40 10.44
CB MSE A 105 -3.33 19.09 10.18
CG MSE A 105 -4.80 18.75 9.86
SE MSE A 105 -6.05 20.24 9.96
CE MSE A 105 -6.10 20.49 11.87
N ALA A 106 -0.33 19.54 9.33
CA ALA A 106 1.07 19.71 9.69
C ALA A 106 1.64 21.00 9.11
N ALA A 107 1.07 21.46 7.99
CA ALA A 107 1.54 22.67 7.33
C ALA A 107 0.96 23.93 7.96
N GLY A 108 0.02 23.77 8.88
CA GLY A 108 -0.56 24.92 9.56
C GLY A 108 -2.07 25.09 9.44
N ALA A 109 -2.75 24.18 8.75
CA ALA A 109 -4.20 24.30 8.64
C ALA A 109 -4.89 23.97 9.97
N HIS A 110 -6.10 24.53 10.14
CA HIS A 110 -6.89 24.28 11.35
C HIS A 110 -8.14 23.49 10.97
N MSE A 111 -8.33 23.33 9.67
CA MSE A 111 -9.49 22.64 9.13
C MSE A 111 -9.15 22.37 7.66
O MSE A 111 -8.33 23.09 7.08
CB MSE A 111 -10.72 23.55 9.21
CG MSE A 111 -12.02 22.96 8.70
SE MSE A 111 -13.48 24.27 8.81
CE MSE A 111 -13.65 24.32 10.73
N VAL A 112 -9.77 21.34 7.08
CA VAL A 112 -9.55 21.04 5.67
C VAL A 112 -10.89 21.04 4.97
N LYS A 113 -10.87 21.35 3.68
CA LYS A 113 -12.09 21.40 2.89
C LYS A 113 -12.03 20.34 1.80
N LEU A 114 -13.13 19.63 1.61
CA LEU A 114 -13.18 18.60 0.59
C LEU A 114 -14.47 18.72 -0.21
N GLU A 115 -14.42 18.32 -1.48
CA GLU A 115 -15.58 18.42 -2.36
C GLU A 115 -16.22 17.05 -2.57
N GLY A 116 -17.54 17.04 -2.66
CA GLY A 116 -18.23 15.79 -2.87
C GLY A 116 -19.54 15.67 -2.12
N GLY A 117 -20.42 14.82 -2.64
CA GLY A 117 -21.71 14.63 -2.02
C GLY A 117 -21.75 13.48 -1.03
N VAL A 118 -22.86 12.75 -1.04
CA VAL A 118 -23.04 11.63 -0.12
C VAL A 118 -21.90 10.61 -0.14
N TRP A 119 -21.30 10.38 -1.30
CA TRP A 119 -20.21 9.41 -1.41
C TRP A 119 -18.95 9.81 -0.66
N MSE A 120 -18.93 11.02 -0.11
CA MSE A 120 -17.77 11.51 0.63
C MSE A 120 -18.03 11.65 2.12
O MSE A 120 -17.12 11.96 2.89
CB MSE A 120 -17.33 12.88 0.08
CG MSE A 120 -16.52 12.80 -1.20
SE MSE A 120 -14.82 11.89 -0.94
CE MSE A 120 -15.18 10.30 -1.97
N ALA A 121 -19.27 11.40 2.55
CA ALA A 121 -19.64 11.51 3.96
C ALA A 121 -18.83 10.56 4.85
N GLU A 122 -18.52 9.37 4.34
CA GLU A 122 -17.75 8.41 5.11
C GLU A 122 -16.34 8.96 5.37
N THR A 123 -15.83 9.73 4.42
CA THR A 123 -14.50 10.31 4.56
C THR A 123 -14.56 11.45 5.58
N THR A 124 -15.64 12.23 5.54
CA THR A 124 -15.79 13.32 6.50
C THR A 124 -15.77 12.74 7.91
N GLU A 125 -16.50 11.66 8.11
CA GLU A 125 -16.57 11.03 9.43
C GLU A 125 -15.20 10.52 9.88
N PHE A 126 -14.50 9.85 8.97
CA PHE A 126 -13.17 9.30 9.25
C PHE A 126 -12.19 10.38 9.73
N LEU A 127 -12.21 11.54 9.06
CA LEU A 127 -11.33 12.63 9.43
C LEU A 127 -11.72 13.33 10.73
N GLN A 128 -13.01 13.66 10.87
CA GLN A 128 -13.47 14.35 12.08
C GLN A 128 -13.19 13.55 13.35
N MSE A 129 -13.38 12.24 13.28
CA MSE A 129 -13.17 11.38 14.43
C MSE A 129 -11.70 11.37 14.84
O MSE A 129 -11.37 11.12 16.01
CB MSE A 129 -13.64 9.96 14.11
CG MSE A 129 -15.13 9.89 13.82
CG MSE A 129 -13.18 8.88 15.10
CG MSE A 129 -15.14 9.78 14.12
SE MSE A 129 -15.92 8.15 13.99
SE MSE A 129 -14.07 7.19 14.78
SE MSE A 129 -15.84 9.89 15.90
CE MSE A 129 -15.33 7.40 12.32
CE MSE A 129 -13.76 7.00 12.89
CE MSE A 129 -15.45 8.09 16.48
N ARG A 130 -10.81 11.66 13.89
CA ARG A 130 -9.38 11.69 14.16
C ARG A 130 -8.81 13.07 14.45
N GLY A 131 -9.70 14.01 14.79
CA GLY A 131 -9.25 15.34 15.15
C GLY A 131 -9.06 16.32 14.01
N ILE A 132 -9.48 15.96 12.80
CA ILE A 132 -9.33 16.87 11.67
C ILE A 132 -10.69 17.48 11.33
N PRO A 133 -10.86 18.79 11.62
CA PRO A 133 -12.14 19.44 11.31
C PRO A 133 -12.33 19.45 9.79
N VAL A 134 -13.55 19.24 9.34
CA VAL A 134 -13.82 19.20 7.91
C VAL A 134 -14.88 20.19 7.43
N CYS A 135 -14.58 20.87 6.33
CA CYS A 135 -15.54 21.79 5.73
C CYS A 135 -15.97 21.03 4.49
N ALA A 136 -17.24 20.63 4.44
CA ALA A 136 -17.76 19.87 3.30
C ALA A 136 -18.35 20.82 2.25
N HIS A 137 -17.72 20.81 1.07
CA HIS A 137 -18.10 21.65 -0.06
C HIS A 137 -19.08 20.94 -1.00
N ILE A 138 -20.29 21.49 -1.10
CA ILE A 138 -21.32 20.92 -1.95
C ILE A 138 -21.84 21.95 -2.94
N GLY A 139 -22.65 21.49 -3.89
CA GLY A 139 -23.19 22.37 -4.90
C GLY A 139 -22.27 22.34 -6.11
N LEU A 140 -21.80 23.51 -6.53
CA LEU A 140 -20.90 23.60 -7.67
C LEU A 140 -19.47 23.32 -7.19
N THR A 141 -18.97 22.13 -7.53
CA THR A 141 -17.62 21.74 -7.13
C THR A 141 -16.68 21.82 -8.34
N PRO A 142 -15.83 22.85 -8.38
CA PRO A 142 -14.85 23.11 -9.44
C PRO A 142 -13.99 21.92 -9.87
N GLN A 143 -13.65 21.05 -8.92
CA GLN A 143 -12.83 19.89 -9.22
C GLN A 143 -13.50 18.92 -10.19
N SER A 144 -14.80 19.04 -10.36
CA SER A 144 -15.54 18.17 -11.27
C SER A 144 -16.13 18.97 -12.43
N VAL A 145 -15.48 20.08 -12.77
CA VAL A 145 -15.94 20.95 -13.86
C VAL A 145 -16.03 20.26 -15.22
N PHE A 146 -15.18 19.27 -15.46
CA PHE A 146 -15.20 18.57 -16.74
C PHE A 146 -16.30 17.51 -16.79
N ALA A 147 -16.79 17.14 -15.61
CA ALA A 147 -17.85 16.13 -15.53
C ALA A 147 -19.20 16.73 -15.91
N LYS A 159 -30.88 16.93 -8.02
CA LYS A 159 -30.23 18.27 -7.99
C LYS A 159 -30.55 19.01 -6.68
N ALA A 160 -31.78 19.49 -6.56
CA ALA A 160 -32.18 20.19 -5.34
C ALA A 160 -32.20 19.19 -4.19
N GLN A 161 -32.85 18.05 -4.40
CA GLN A 161 -32.93 17.02 -3.37
C GLN A 161 -31.54 16.47 -3.08
N ALA A 162 -30.71 16.36 -4.12
CA ALA A 162 -29.36 15.85 -3.96
C ALA A 162 -28.57 16.78 -3.05
N LEU A 163 -28.75 18.09 -3.23
CA LEU A 163 -28.03 19.06 -2.40
C LEU A 163 -28.42 18.88 -0.94
N LEU A 164 -29.71 18.70 -0.69
CA LEU A 164 -30.19 18.53 0.68
C LEU A 164 -29.62 17.24 1.25
N ASN A 165 -29.64 16.17 0.45
CA ASN A 165 -29.11 14.90 0.90
C ASN A 165 -27.62 15.00 1.20
N ASP A 166 -26.87 15.69 0.35
CA ASP A 166 -25.44 15.86 0.54
C ASP A 166 -25.17 16.60 1.85
N ALA A 167 -25.91 17.69 2.07
CA ALA A 167 -25.74 18.48 3.29
C ALA A 167 -26.03 17.66 4.54
N LYS A 168 -27.16 16.96 4.52
CA LYS A 168 -27.55 16.14 5.66
C LYS A 168 -26.51 15.06 5.95
N ALA A 169 -26.02 14.41 4.90
CA ALA A 169 -25.04 13.34 5.05
C ALA A 169 -23.75 13.82 5.72
N HIS A 170 -23.21 14.95 5.28
CA HIS A 170 -21.99 15.48 5.88
C HIS A 170 -22.25 15.98 7.30
N ASP A 171 -23.41 16.59 7.53
CA ASP A 171 -23.74 17.09 8.86
C ASP A 171 -23.82 15.90 9.82
N ASP A 172 -24.46 14.82 9.39
CA ASP A 172 -24.59 13.64 10.24
C ASP A 172 -23.24 12.97 10.46
N ALA A 173 -22.34 13.14 9.49
CA ALA A 173 -21.01 12.55 9.58
C ALA A 173 -20.10 13.39 10.48
N GLY A 174 -20.60 14.56 10.91
CA GLY A 174 -19.81 15.39 11.80
C GLY A 174 -19.03 16.54 11.19
N ALA A 175 -19.39 16.95 9.99
CA ALA A 175 -18.69 18.06 9.35
C ALA A 175 -18.76 19.29 10.25
N ALA A 176 -17.66 20.03 10.35
CA ALA A 176 -17.62 21.21 11.19
C ALA A 176 -18.33 22.38 10.51
N VAL A 177 -18.25 22.41 9.19
CA VAL A 177 -18.86 23.46 8.38
C VAL A 177 -19.28 22.89 7.04
N VAL A 178 -20.36 23.44 6.47
CA VAL A 178 -20.82 23.02 5.14
C VAL A 178 -20.78 24.26 4.27
N LEU A 179 -20.11 24.16 3.13
CA LEU A 179 -19.99 25.30 2.22
C LEU A 179 -20.74 25.03 0.92
N MSE A 180 -21.56 25.99 0.51
CA MSE A 180 -22.34 25.86 -0.72
C MSE A 180 -21.94 26.91 -1.75
O MSE A 180 -21.82 28.08 -1.42
CB MSE A 180 -23.83 26.02 -0.41
CG MSE A 180 -24.42 24.89 0.42
SE MSE A 180 -26.25 25.26 0.88
CE MSE A 180 -25.93 26.27 2.50
N GLU A 181 -21.76 26.47 -2.98
CA GLU A 181 -21.37 27.35 -4.07
C GLU A 181 -22.42 27.36 -5.18
N CYS A 182 -22.88 28.55 -5.55
CA CYS A 182 -23.87 28.73 -6.61
C CYS A 182 -25.09 27.84 -6.42
N VAL A 183 -25.86 28.15 -5.38
CA VAL A 183 -27.07 27.40 -5.05
C VAL A 183 -28.22 28.40 -4.93
N LEU A 184 -29.41 28.01 -5.39
CA LEU A 184 -30.55 28.90 -5.30
C LEU A 184 -30.75 29.30 -3.84
N ALA A 185 -30.94 30.60 -3.61
CA ALA A 185 -31.10 31.14 -2.26
C ALA A 185 -32.05 30.38 -1.34
N GLU A 186 -33.31 30.24 -1.77
CA GLU A 186 -34.31 29.54 -0.98
C GLU A 186 -33.80 28.19 -0.46
N LEU A 187 -33.11 27.46 -1.33
CA LEU A 187 -32.57 26.16 -0.96
C LEU A 187 -31.49 26.32 0.09
N ALA A 188 -30.55 27.22 -0.17
CA ALA A 188 -29.46 27.47 0.76
C ALA A 188 -30.02 27.79 2.14
N LYS A 189 -31.08 28.59 2.16
CA LYS A 189 -31.73 28.96 3.41
C LYS A 189 -32.27 27.72 4.12
N LYS A 190 -32.88 26.83 3.37
CA LYS A 190 -33.44 25.59 3.94
C LYS A 190 -32.32 24.71 4.50
N VAL A 191 -31.23 24.59 3.76
CA VAL A 191 -30.10 23.78 4.20
C VAL A 191 -29.55 24.32 5.53
N THR A 192 -29.32 25.63 5.58
CA THR A 192 -28.78 26.27 6.77
C THR A 192 -29.66 26.04 7.99
N GLU A 193 -30.98 26.07 7.79
CA GLU A 193 -31.91 25.87 8.89
C GLU A 193 -32.04 24.38 9.24
N THR A 194 -31.56 23.52 8.37
CA THR A 194 -31.66 22.08 8.58
C THR A 194 -30.44 21.44 9.25
N VAL A 195 -29.24 21.83 8.84
CA VAL A 195 -28.04 21.24 9.43
C VAL A 195 -27.63 21.92 10.73
N SER A 196 -26.96 21.15 11.59
CA SER A 196 -26.53 21.65 12.89
C SER A 196 -25.28 22.51 12.82
N CYS A 197 -24.44 22.25 11.83
CA CYS A 197 -23.19 22.99 11.66
C CYS A 197 -23.38 24.30 10.90
N PRO A 198 -22.42 25.22 11.02
CA PRO A 198 -22.50 26.52 10.33
C PRO A 198 -22.35 26.29 8.83
N THR A 199 -22.98 27.14 8.04
CA THR A 199 -22.87 27.05 6.59
C THR A 199 -22.21 28.31 6.05
N ILE A 200 -21.45 28.17 4.97
CA ILE A 200 -20.79 29.30 4.35
C ILE A 200 -21.22 29.27 2.89
N GLY A 201 -21.53 30.43 2.34
CA GLY A 201 -21.94 30.43 0.96
C GLY A 201 -21.21 31.41 0.06
N ILE A 202 -21.27 31.12 -1.24
CA ILE A 202 -20.71 31.96 -2.26
C ILE A 202 -21.70 31.75 -3.40
N GLY A 203 -22.41 32.80 -3.78
CA GLY A 203 -23.41 32.68 -4.83
C GLY A 203 -24.55 31.80 -4.32
N ALA A 204 -24.76 31.84 -3.00
CA ALA A 204 -25.81 31.02 -2.39
C ALA A 204 -26.80 31.83 -1.56
N GLY A 205 -26.70 33.16 -1.63
CA GLY A 205 -27.61 34.00 -0.87
C GLY A 205 -27.09 34.45 0.47
N ALA A 206 -27.85 35.30 1.15
CA ALA A 206 -27.44 35.83 2.45
C ALA A 206 -27.96 35.07 3.66
N ASP A 207 -28.76 34.03 3.44
CA ASP A 207 -29.29 33.27 4.57
C ASP A 207 -28.35 32.19 5.10
N CYS A 208 -27.13 32.14 4.55
CA CYS A 208 -26.13 31.19 5.03
C CYS A 208 -25.59 31.79 6.31
N ASP A 209 -24.82 31.03 7.08
CA ASP A 209 -24.27 31.55 8.33
C ASP A 209 -23.02 32.39 8.09
N GLY A 210 -22.56 32.41 6.85
CA GLY A 210 -21.38 33.18 6.52
C GLY A 210 -21.17 33.28 5.02
N GLN A 211 -20.15 34.03 4.62
CA GLN A 211 -19.86 34.23 3.20
C GLN A 211 -18.37 34.08 2.88
N VAL A 212 -18.08 33.74 1.64
CA VAL A 212 -16.71 33.64 1.17
C VAL A 212 -16.61 34.18 -0.25
N LEU A 213 -15.46 34.75 -0.57
CA LEU A 213 -15.18 35.28 -1.90
C LEU A 213 -13.70 35.09 -2.15
N VAL A 214 -13.30 34.99 -3.41
CA VAL A 214 -11.89 34.87 -3.74
C VAL A 214 -11.35 36.29 -3.59
N MSE A 215 -10.29 36.45 -2.80
CA MSE A 215 -9.72 37.77 -2.57
C MSE A 215 -9.49 38.59 -3.82
O MSE A 215 -9.90 39.77 -3.89
CB MSE A 215 -8.39 37.65 -1.81
CG MSE A 215 -7.80 39.01 -1.45
SE MSE A 215 -5.96 38.90 -0.87
CE MSE A 215 -5.10 39.00 -2.58
N HIS A 216 -8.86 38.00 -4.82
CA HIS A 216 -8.57 38.70 -6.06
C HIS A 216 -9.82 39.18 -6.78
N ASP A 217 -10.90 38.42 -6.68
CA ASP A 217 -12.16 38.80 -7.32
C ASP A 217 -12.73 40.07 -6.69
N MSE A 218 -12.81 40.09 -5.36
CA MSE A 218 -13.36 41.24 -4.67
C MSE A 218 -12.45 42.47 -4.61
O MSE A 218 -12.89 43.55 -4.23
CB MSE A 218 -13.83 40.84 -3.26
CG MSE A 218 -12.83 40.08 -2.40
SE MSE A 218 -11.62 41.24 -1.45
CE MSE A 218 -12.82 41.84 -0.05
N LEU A 219 -11.19 42.31 -5.02
CA LEU A 219 -10.26 43.44 -5.05
C LEU A 219 -10.18 44.00 -6.47
N GLY A 220 -10.92 43.40 -7.39
CA GLY A 220 -10.94 43.86 -8.77
C GLY A 220 -9.66 43.60 -9.53
N ILE A 221 -8.91 42.57 -9.15
CA ILE A 221 -7.65 42.26 -9.80
C ILE A 221 -7.81 41.78 -11.25
N PHE A 222 -8.94 41.16 -11.55
CA PHE A 222 -9.17 40.68 -12.92
C PHE A 222 -9.91 41.70 -13.75
N PRO A 223 -9.56 41.81 -15.04
CA PRO A 223 -10.20 42.77 -15.94
C PRO A 223 -11.59 42.27 -16.34
N GLY A 224 -12.43 43.20 -16.79
CA GLY A 224 -13.78 42.82 -17.19
C GLY A 224 -14.79 42.95 -16.08
N LYS A 225 -16.05 42.66 -16.39
CA LYS A 225 -17.11 42.76 -15.41
C LYS A 225 -17.03 41.71 -14.31
N THR A 226 -17.47 42.12 -13.12
CA THR A 226 -17.46 41.26 -11.94
C THR A 226 -18.43 40.09 -12.08
N ALA A 227 -18.11 38.97 -11.47
CA ALA A 227 -18.99 37.82 -11.52
C ALA A 227 -20.30 38.24 -10.86
N LYS A 228 -21.41 37.65 -11.28
CA LYS A 228 -22.72 38.00 -10.74
C LYS A 228 -22.80 38.01 -9.21
N PHE A 229 -22.28 36.97 -8.59
CA PHE A 229 -22.33 36.85 -7.12
C PHE A 229 -21.16 37.48 -6.41
N VAL A 230 -20.30 38.19 -7.15
CA VAL A 230 -19.14 38.85 -6.57
C VAL A 230 -19.30 40.36 -6.58
N LYS A 231 -18.81 41.02 -5.54
CA LYS A 231 -18.86 42.47 -5.46
C LYS A 231 -17.44 43.01 -5.35
N ASN A 232 -17.15 44.06 -6.10
CA ASN A 232 -15.83 44.69 -6.07
C ASN A 232 -15.78 45.61 -4.85
N PHE A 233 -15.06 45.20 -3.82
CA PHE A 233 -14.96 46.00 -2.61
C PHE A 233 -13.81 47.01 -2.62
N MSE A 234 -12.97 46.94 -3.63
CA MSE A 234 -11.86 47.88 -3.76
C MSE A 234 -12.43 49.24 -4.14
O MSE A 234 -12.05 50.27 -3.58
CB MSE A 234 -10.89 47.41 -4.86
CG MSE A 234 -9.77 48.39 -5.22
SE MSE A 234 -8.30 48.47 -3.96
CE MSE A 234 -8.94 49.85 -2.79
N GLN A 235 -13.35 49.22 -5.10
CA GLN A 235 -13.99 50.46 -5.58
C GLN A 235 -14.63 51.27 -4.47
N GLY A 236 -14.24 52.53 -4.37
CA GLY A 236 -14.80 53.38 -3.34
C GLY A 236 -13.98 53.46 -2.07
N HIS A 237 -12.89 52.69 -2.00
CA HIS A 237 -12.03 52.68 -0.82
C HIS A 237 -10.61 53.05 -1.22
N ASP A 238 -9.82 53.53 -0.27
CA ASP A 238 -8.45 53.95 -0.59
C ASP A 238 -7.33 52.98 -0.27
N SER A 239 -7.67 51.81 0.26
CA SER A 239 -6.64 50.84 0.59
C SER A 239 -7.20 49.43 0.53
N VAL A 240 -6.31 48.44 0.48
CA VAL A 240 -6.74 47.05 0.46
C VAL A 240 -7.33 46.76 1.83
N GLN A 241 -6.76 47.37 2.86
CA GLN A 241 -7.24 47.19 4.23
C GLN A 241 -8.69 47.66 4.35
N ALA A 242 -8.97 48.84 3.80
CA ALA A 242 -10.33 49.39 3.86
C ALA A 242 -11.31 48.54 3.06
N ALA A 243 -10.83 48.00 1.93
CA ALA A 243 -11.67 47.16 1.10
C ALA A 243 -12.07 45.91 1.88
N VAL A 244 -11.08 45.27 2.51
CA VAL A 244 -11.37 44.06 3.29
C VAL A 244 -12.28 44.35 4.48
N ARG A 245 -12.01 45.44 5.18
CA ARG A 245 -12.85 45.81 6.32
C ARG A 245 -14.30 46.04 5.86
N ALA A 246 -14.47 46.61 4.68
CA ALA A 246 -15.81 46.88 4.15
C ALA A 246 -16.55 45.59 3.87
N TYR A 247 -15.83 44.59 3.35
CA TYR A 247 -16.41 43.28 3.06
C TYR A 247 -16.93 42.65 4.35
N VAL A 248 -16.08 42.62 5.38
CA VAL A 248 -16.45 42.04 6.66
C VAL A 248 -17.66 42.76 7.23
N ALA A 249 -17.64 44.09 7.17
CA ALA A 249 -18.76 44.89 7.67
C ALA A 249 -20.09 44.57 6.99
N GLU A 250 -20.07 44.45 5.66
CA GLU A 250 -21.30 44.16 4.93
C GLU A 250 -21.81 42.75 5.16
N VAL A 251 -20.89 41.81 5.36
CA VAL A 251 -21.31 40.44 5.63
C VAL A 251 -22.07 40.41 6.95
N LYS A 252 -21.52 41.09 7.96
CA LYS A 252 -22.13 41.13 9.27
C LYS A 252 -23.40 41.97 9.29
N ALA A 253 -23.47 42.95 8.40
CA ALA A 253 -24.65 43.80 8.30
C ALA A 253 -25.71 43.13 7.45
N LYS A 254 -25.32 42.02 6.83
CA LYS A 254 -26.22 41.26 5.96
C LYS A 254 -26.58 42.04 4.71
N THR A 255 -25.73 42.99 4.32
CA THR A 255 -25.97 43.78 3.12
C THR A 255 -25.30 43.13 1.91
N PHE A 256 -24.39 42.20 2.17
CA PHE A 256 -23.75 41.44 1.10
C PHE A 256 -23.88 39.98 1.52
N PRO A 257 -24.30 39.11 0.59
CA PRO A 257 -24.67 39.45 -0.79
C PRO A 257 -26.01 40.17 -0.89
N ALA A 258 -26.13 41.05 -1.88
CA ALA A 258 -27.38 41.79 -2.08
C ALA A 258 -28.21 41.03 -3.11
N ALA A 259 -29.46 41.44 -3.29
CA ALA A 259 -30.35 40.78 -4.24
C ALA A 259 -29.68 40.60 -5.60
N GLU A 260 -28.83 41.56 -5.96
CA GLU A 260 -28.12 41.53 -7.23
C GLU A 260 -27.05 40.45 -7.30
N HIS A 261 -26.55 40.04 -6.14
CA HIS A 261 -25.51 39.00 -6.09
C HIS A 261 -26.14 37.64 -5.78
N ILE A 262 -27.46 37.58 -5.81
CA ILE A 262 -28.17 36.35 -5.54
C ILE A 262 -29.06 35.93 -6.72
N SER B 2 2.39 -17.45 -39.67
CA SER B 2 3.70 -18.00 -39.22
C SER B 2 3.87 -17.80 -37.71
N LEU B 3 3.38 -16.67 -37.21
CA LEU B 3 3.49 -16.36 -35.79
C LEU B 3 2.66 -17.34 -34.96
N ILE B 4 3.24 -17.84 -33.88
CA ILE B 4 2.57 -18.78 -33.00
C ILE B 4 1.71 -18.01 -31.99
N THR B 5 0.42 -18.30 -31.98
CA THR B 5 -0.51 -17.65 -31.05
C THR B 5 -1.20 -18.71 -30.20
N VAL B 6 -1.99 -18.27 -29.23
CA VAL B 6 -2.70 -19.20 -28.37
C VAL B 6 -3.62 -20.05 -29.25
N ASN B 7 -4.21 -19.43 -30.26
CA ASN B 7 -5.11 -20.13 -31.17
C ASN B 7 -4.35 -21.21 -31.93
N THR B 8 -3.08 -20.92 -32.24
CA THR B 8 -2.25 -21.89 -32.94
C THR B 8 -2.06 -23.12 -32.06
N LEU B 9 -1.80 -22.89 -30.79
CA LEU B 9 -1.59 -23.99 -29.83
C LEU B 9 -2.86 -24.82 -29.64
N GLN B 10 -4.01 -24.16 -29.61
CA GLN B 10 -5.27 -24.86 -29.45
C GLN B 10 -5.53 -25.76 -30.67
N LYS B 11 -5.25 -25.23 -31.86
CA LYS B 11 -5.46 -26.01 -33.08
C LYS B 11 -4.51 -27.22 -33.11
N MSE B 12 -3.31 -27.04 -32.55
CA MSE B 12 -2.34 -28.12 -32.50
C MSE B 12 -2.79 -29.21 -31.53
O MSE B 12 -2.62 -30.40 -31.78
CB MSE B 12 -0.96 -27.58 -32.10
CG MSE B 12 -0.31 -26.73 -33.19
SE MSE B 12 1.39 -25.98 -32.68
CE MSE B 12 2.47 -27.57 -32.77
N LYS B 13 -3.38 -28.79 -30.41
CA LYS B 13 -3.87 -29.73 -29.42
C LYS B 13 -4.97 -30.59 -30.03
N ALA B 14 -5.87 -29.94 -30.76
CA ALA B 14 -6.99 -30.62 -31.40
C ALA B 14 -6.52 -31.59 -32.48
N ALA B 15 -5.43 -31.24 -33.16
CA ALA B 15 -4.89 -32.07 -34.23
C ALA B 15 -3.90 -33.12 -33.73
N GLY B 16 -3.52 -33.03 -32.46
CA GLY B 16 -2.58 -33.99 -31.91
C GLY B 16 -1.14 -33.70 -32.30
N GLU B 17 -0.89 -32.49 -32.78
CA GLU B 17 0.46 -32.08 -33.18
C GLU B 17 1.20 -31.62 -31.94
N LYS B 18 2.26 -32.33 -31.56
CA LYS B 18 3.01 -31.96 -30.36
C LYS B 18 3.76 -30.63 -30.45
N ILE B 19 3.68 -29.86 -29.36
CA ILE B 19 4.30 -28.55 -29.28
C ILE B 19 5.70 -28.63 -28.68
N ALA B 20 6.65 -27.95 -29.32
CA ALA B 20 8.02 -27.95 -28.84
C ALA B 20 8.37 -26.64 -28.14
N MSE B 21 8.68 -26.74 -26.85
CA MSE B 21 9.05 -25.58 -26.03
C MSE B 21 10.47 -25.80 -25.48
O MSE B 21 10.85 -26.92 -25.16
CB MSE B 21 8.06 -25.42 -24.86
CG MSE B 21 8.47 -24.35 -23.82
SE MSE B 21 7.24 -24.22 -22.29
CE MSE B 21 6.44 -22.51 -22.71
N LEU B 22 11.25 -24.72 -25.40
CA LEU B 22 12.61 -24.79 -24.84
C LEU B 22 12.84 -23.48 -24.12
N THR B 23 13.69 -23.49 -23.08
CA THR B 23 13.95 -22.24 -22.38
C THR B 23 14.93 -21.43 -23.20
N ALA B 24 14.91 -20.11 -23.01
CA ALA B 24 15.79 -19.18 -23.72
C ALA B 24 16.01 -17.99 -22.83
N TYR B 25 17.25 -17.49 -22.78
CA TYR B 25 17.58 -16.36 -21.93
C TYR B 25 18.44 -15.31 -22.65
N GLU B 26 18.85 -15.62 -23.88
CA GLU B 26 19.68 -14.72 -24.70
C GLU B 26 19.09 -14.55 -26.10
N SER B 27 19.34 -13.40 -26.71
CA SER B 27 18.82 -13.13 -28.05
C SER B 27 19.36 -14.06 -29.12
N SER B 28 20.66 -14.31 -29.09
CA SER B 28 21.29 -15.18 -30.08
C SER B 28 20.70 -16.59 -30.08
N PHE B 29 20.59 -17.21 -28.90
CA PHE B 29 20.03 -18.55 -28.84
C PHE B 29 18.54 -18.56 -29.16
N ALA B 30 17.83 -17.49 -28.79
CA ALA B 30 16.40 -17.43 -29.07
C ALA B 30 16.17 -17.44 -30.59
N ALA B 31 16.99 -16.67 -31.31
CA ALA B 31 16.89 -16.61 -32.76
C ALA B 31 17.20 -17.97 -33.36
N LEU B 32 18.22 -18.63 -32.83
CA LEU B 32 18.62 -19.95 -33.32
C LEU B 32 17.48 -20.95 -33.12
N MSE B 33 16.91 -20.98 -31.91
CA MSE B 33 15.83 -21.91 -31.62
C MSE B 33 14.58 -21.61 -32.44
O MSE B 33 13.88 -22.54 -32.87
CB MSE B 33 15.50 -21.89 -30.13
CG MSE B 33 16.59 -22.51 -29.28
SE MSE B 33 16.22 -22.39 -27.38
CE MSE B 33 17.10 -20.72 -27.01
N ASP B 34 14.30 -20.33 -32.68
CA ASP B 34 13.15 -19.93 -33.47
C ASP B 34 13.31 -20.50 -34.87
N ASP B 35 14.48 -20.28 -35.46
CA ASP B 35 14.77 -20.76 -36.81
C ASP B 35 14.80 -22.29 -36.90
N ALA B 36 15.07 -22.95 -35.77
CA ALA B 36 15.12 -24.42 -35.75
C ALA B 36 13.75 -25.05 -35.53
N GLY B 37 12.71 -24.23 -35.37
CA GLY B 37 11.37 -24.77 -35.21
C GLY B 37 10.76 -24.80 -33.83
N VAL B 38 11.44 -24.24 -32.83
CA VAL B 38 10.87 -24.22 -31.48
C VAL B 38 9.69 -23.26 -31.54
N GLU B 39 8.55 -23.71 -31.02
CA GLU B 39 7.33 -22.91 -31.07
C GLU B 39 7.05 -22.01 -29.87
N MSE B 40 7.56 -22.41 -28.71
CA MSE B 40 7.37 -21.63 -27.49
C MSE B 40 8.73 -21.48 -26.81
O MSE B 40 9.44 -22.46 -26.59
CB MSE B 40 6.42 -22.35 -26.52
CG MSE B 40 5.00 -22.57 -27.06
SE MSE B 40 3.86 -23.44 -25.76
CE MSE B 40 3.34 -21.87 -24.75
N LEU B 41 9.10 -20.24 -26.53
CA LEU B 41 10.36 -19.94 -25.88
C LEU B 41 10.07 -19.51 -24.44
N LEU B 42 10.53 -20.32 -23.49
CA LEU B 42 10.29 -20.04 -22.08
C LEU B 42 11.44 -19.30 -21.42
N VAL B 43 11.21 -18.03 -21.11
CA VAL B 43 12.20 -17.24 -20.40
C VAL B 43 11.88 -17.61 -18.95
N GLY B 44 12.46 -18.71 -18.48
CA GLY B 44 12.16 -19.19 -17.14
C GLY B 44 13.10 -18.78 -16.02
N ASP B 45 12.62 -18.87 -14.79
CA ASP B 45 13.45 -18.49 -13.65
C ASP B 45 14.57 -19.53 -13.48
N SER B 46 14.56 -20.55 -14.33
CA SER B 46 15.60 -21.55 -14.32
C SER B 46 16.93 -20.84 -14.64
N LEU B 47 16.83 -19.62 -15.15
CA LEU B 47 18.04 -18.87 -15.47
C LEU B 47 18.79 -18.59 -14.16
N GLY B 48 18.09 -18.68 -13.04
CA GLY B 48 18.71 -18.44 -11.75
C GLY B 48 19.84 -19.44 -11.54
N MSE B 49 19.70 -20.61 -12.14
CA MSE B 49 20.72 -21.64 -12.00
C MSE B 49 21.62 -21.73 -13.25
O MSE B 49 22.84 -21.77 -13.13
CB MSE B 49 20.04 -22.99 -11.69
CG MSE B 49 19.16 -22.91 -10.45
SE MSE B 49 18.35 -24.57 -9.88
CE MSE B 49 19.91 -25.46 -9.19
N ALA B 50 21.02 -21.73 -14.43
CA ALA B 50 21.79 -21.84 -15.67
C ALA B 50 22.58 -20.60 -16.06
N VAL B 51 22.05 -19.41 -15.74
CA VAL B 51 22.72 -18.17 -16.10
C VAL B 51 23.43 -17.50 -14.93
N GLN B 52 22.73 -17.44 -13.79
CA GLN B 52 23.27 -16.80 -12.60
C GLN B 52 24.15 -17.69 -11.73
N GLY B 53 24.07 -19.00 -11.94
CA GLY B 53 24.90 -19.92 -11.18
C GLY B 53 24.52 -20.13 -9.73
N ARG B 54 23.26 -19.84 -9.39
CA ARG B 54 22.77 -20.01 -8.03
C ARG B 54 22.31 -21.44 -7.77
N LYS B 55 22.07 -21.76 -6.50
CA LYS B 55 21.63 -23.10 -6.12
C LYS B 55 20.13 -23.34 -6.27
N SER B 56 19.36 -22.26 -6.43
CA SER B 56 17.92 -22.39 -6.62
C SER B 56 17.42 -21.20 -7.43
N THR B 57 16.15 -21.22 -7.80
CA THR B 57 15.57 -20.15 -8.59
C THR B 57 14.96 -19.03 -7.75
N LEU B 58 14.85 -19.25 -6.43
CA LEU B 58 14.23 -18.25 -5.58
C LEU B 58 14.84 -16.83 -5.59
N PRO B 59 16.17 -16.71 -5.70
CA PRO B 59 16.77 -15.37 -5.71
C PRO B 59 16.51 -14.51 -6.97
N VAL B 60 15.99 -15.11 -8.03
CA VAL B 60 15.73 -14.37 -9.26
C VAL B 60 14.70 -13.27 -9.00
N SER B 61 14.96 -12.07 -9.53
CA SER B 61 14.08 -10.93 -9.33
C SER B 61 13.24 -10.60 -10.56
N LEU B 62 12.27 -9.70 -10.39
CA LEU B 62 11.43 -9.28 -11.49
C LEU B 62 12.28 -8.53 -12.51
N ARG B 63 13.24 -7.73 -12.03
CA ARG B 63 14.11 -7.00 -12.94
C ARG B 63 14.90 -7.98 -13.80
N ASP B 64 15.36 -9.07 -13.20
CA ASP B 64 16.11 -10.09 -13.93
C ASP B 64 15.22 -10.68 -15.04
N MSE B 65 13.99 -11.01 -14.68
CA MSE B 65 13.06 -11.60 -15.64
C MSE B 65 12.72 -10.65 -16.77
O MSE B 65 12.61 -11.07 -17.92
CB MSE B 65 11.77 -12.06 -14.94
CG MSE B 65 11.96 -13.19 -13.94
SE MSE B 65 12.96 -14.71 -14.66
CE MSE B 65 11.99 -14.95 -16.31
N CYS B 66 12.55 -9.37 -16.44
CA CYS B 66 12.25 -8.38 -17.48
C CYS B 66 13.44 -8.21 -18.41
N TYR B 67 14.64 -8.20 -17.84
CA TYR B 67 15.87 -8.06 -18.63
C TYR B 67 16.01 -9.18 -19.65
N HIS B 68 15.92 -10.42 -19.18
CA HIS B 68 16.07 -11.55 -20.10
C HIS B 68 14.91 -11.62 -21.10
N THR B 69 13.72 -11.19 -20.68
CA THR B 69 12.58 -11.20 -21.60
C THR B 69 12.85 -10.22 -22.74
N GLU B 70 13.40 -9.05 -22.41
CA GLU B 70 13.71 -8.04 -23.42
C GLU B 70 14.78 -8.57 -24.39
N CYS B 71 15.75 -9.30 -23.85
CA CYS B 71 16.82 -9.89 -24.66
C CYS B 71 16.26 -10.91 -25.65
N VAL B 72 15.47 -11.85 -25.13
CA VAL B 72 14.88 -12.88 -25.96
C VAL B 72 13.96 -12.26 -27.01
N ALA B 73 13.23 -11.22 -26.63
CA ALA B 73 12.32 -10.53 -27.54
C ALA B 73 13.02 -9.94 -28.76
N ARG B 74 14.28 -9.56 -28.63
CA ARG B 74 15.00 -9.00 -29.77
C ARG B 74 15.47 -10.07 -30.74
N GLY B 75 15.46 -11.32 -30.31
CA GLY B 75 15.90 -12.39 -31.18
C GLY B 75 14.81 -13.29 -31.71
N ALA B 76 13.68 -13.33 -31.01
CA ALA B 76 12.54 -14.15 -31.39
C ALA B 76 11.83 -13.61 -32.63
N LYS B 77 11.27 -14.53 -33.42
CA LYS B 77 10.56 -14.17 -34.63
C LYS B 77 9.12 -14.68 -34.63
N ASN B 78 8.94 -15.98 -34.87
CA ASN B 78 7.61 -16.58 -34.91
C ASN B 78 7.17 -17.22 -33.60
N ALA B 79 8.14 -17.65 -32.81
CA ALA B 79 7.84 -18.31 -31.54
C ALA B 79 7.15 -17.42 -30.51
N MSE B 80 6.32 -18.04 -29.68
CA MSE B 80 5.63 -17.33 -28.62
C MSE B 80 6.57 -17.25 -27.42
O MSE B 80 7.19 -18.24 -27.05
CB MSE B 80 4.37 -18.09 -28.21
CG MSE B 80 3.61 -17.44 -27.07
SE MSE B 80 2.32 -18.65 -26.36
CE MSE B 80 0.96 -18.43 -27.71
N ILE B 81 6.66 -16.07 -26.83
CA ILE B 81 7.53 -15.88 -25.67
C ILE B 81 6.72 -15.99 -24.37
N VAL B 82 7.13 -16.90 -23.50
CA VAL B 82 6.46 -17.09 -22.22
C VAL B 82 7.47 -16.73 -21.13
N SER B 83 7.08 -15.84 -20.22
CA SER B 83 7.98 -15.41 -19.16
C SER B 83 7.49 -15.77 -17.76
N ASP B 84 8.40 -16.32 -16.95
CA ASP B 84 8.08 -16.71 -15.58
C ASP B 84 7.95 -15.54 -14.63
N LEU B 85 6.92 -15.59 -13.79
CA LEU B 85 6.75 -14.59 -12.75
C LEU B 85 7.69 -15.19 -11.71
N PRO B 86 8.72 -14.42 -11.28
CA PRO B 86 9.69 -14.91 -10.29
C PRO B 86 9.20 -14.98 -8.86
N PHE B 87 9.83 -15.86 -8.09
CA PHE B 87 9.49 -16.07 -6.69
C PHE B 87 9.47 -14.76 -5.91
N GLY B 88 8.36 -14.52 -5.21
CA GLY B 88 8.22 -13.34 -4.40
C GLY B 88 7.56 -12.16 -5.09
N ALA B 89 7.48 -12.20 -6.41
CA ALA B 89 6.90 -11.08 -7.16
C ALA B 89 5.42 -11.20 -7.50
N TYR B 90 4.81 -12.35 -7.21
CA TYR B 90 3.40 -12.52 -7.56
C TYR B 90 2.50 -13.24 -6.56
N GLN B 91 3.07 -13.89 -5.56
CA GLN B 91 2.25 -14.65 -4.62
C GLN B 91 1.61 -13.88 -3.48
N GLN B 92 1.96 -12.61 -3.33
CA GLN B 92 1.39 -11.81 -2.25
C GLN B 92 -0.12 -11.60 -2.44
N SER B 93 -0.52 -11.36 -3.69
CA SER B 93 -1.94 -11.14 -4.02
C SER B 93 -2.12 -11.13 -5.53
N LYS B 94 -3.36 -11.27 -6.00
CA LYS B 94 -3.63 -11.25 -7.43
C LYS B 94 -3.28 -9.88 -8.02
N GLU B 95 -3.41 -8.84 -7.21
CA GLU B 95 -3.08 -7.49 -7.65
C GLU B 95 -1.58 -7.38 -7.88
N GLN B 96 -0.78 -7.94 -6.99
CA GLN B 96 0.66 -7.88 -7.15
C GLN B 96 1.05 -8.69 -8.39
N ALA B 97 0.40 -9.83 -8.56
CA ALA B 97 0.68 -10.70 -9.70
C ALA B 97 0.41 -9.96 -11.00
N PHE B 98 -0.69 -9.22 -11.04
CA PHE B 98 -1.02 -8.46 -12.24
C PHE B 98 0.06 -7.43 -12.53
N ALA B 99 0.49 -6.71 -11.50
CA ALA B 99 1.52 -5.69 -11.65
C ALA B 99 2.80 -6.29 -12.22
N ALA B 100 3.22 -7.42 -11.69
CA ALA B 100 4.43 -8.09 -12.15
C ALA B 100 4.26 -8.60 -13.57
N ALA B 101 3.11 -9.22 -13.85
CA ALA B 101 2.85 -9.77 -15.17
C ALA B 101 2.81 -8.67 -16.21
N ALA B 102 2.24 -7.51 -15.85
CA ALA B 102 2.16 -6.38 -16.78
C ALA B 102 3.56 -5.92 -17.15
N GLU B 103 4.51 -5.96 -16.20
CA GLU B 103 5.87 -5.55 -16.51
C GLU B 103 6.49 -6.53 -17.51
N LEU B 104 6.22 -7.83 -17.33
CA LEU B 104 6.76 -8.83 -18.24
C LEU B 104 6.17 -8.70 -19.65
N MSE B 105 4.88 -8.41 -19.74
CA MSE B 105 4.24 -8.24 -21.03
C MSE B 105 4.84 -7.02 -21.73
O MSE B 105 5.10 -7.05 -22.93
CB MSE B 105 2.72 -8.07 -20.88
CG MSE B 105 2.00 -9.26 -20.25
SE MSE B 105 2.03 -10.88 -21.33
CE MSE B 105 0.90 -10.30 -22.80
N ALA B 106 5.06 -5.95 -20.97
CA ALA B 106 5.65 -4.74 -21.53
C ALA B 106 7.08 -5.01 -21.99
N ALA B 107 7.75 -5.95 -21.34
CA ALA B 107 9.13 -6.31 -21.68
C ALA B 107 9.21 -7.17 -22.94
N GLY B 108 8.07 -7.67 -23.40
CA GLY B 108 8.07 -8.48 -24.61
C GLY B 108 7.41 -9.84 -24.51
N ALA B 109 6.95 -10.23 -23.32
CA ALA B 109 6.31 -11.53 -23.17
C ALA B 109 4.95 -11.57 -23.86
N HIS B 110 4.53 -12.76 -24.27
CA HIS B 110 3.23 -12.95 -24.91
C HIS B 110 2.34 -13.74 -23.95
N MSE B 111 2.95 -14.27 -22.90
CA MSE B 111 2.26 -15.08 -21.90
C MSE B 111 3.18 -15.14 -20.68
O MSE B 111 4.40 -15.03 -20.81
CB MSE B 111 2.04 -16.49 -22.45
CG MSE B 111 1.36 -17.48 -21.50
SE MSE B 111 1.16 -19.25 -22.32
CE MSE B 111 -0.09 -18.77 -23.71
N VAL B 112 2.60 -15.27 -19.48
CA VAL B 112 3.40 -15.38 -18.28
C VAL B 112 3.11 -16.72 -17.63
N LYS B 113 4.09 -17.24 -16.88
CA LYS B 113 3.90 -18.51 -16.21
C LYS B 113 3.96 -18.31 -14.70
N LEU B 114 3.06 -18.96 -13.99
CA LEU B 114 3.04 -18.89 -12.53
C LEU B 114 2.95 -20.30 -11.98
N GLU B 115 3.47 -20.51 -10.78
CA GLU B 115 3.47 -21.82 -10.16
C GLU B 115 2.49 -21.91 -8.99
N GLY B 116 1.79 -23.03 -8.88
CA GLY B 116 0.86 -23.19 -7.79
C GLY B 116 -0.40 -23.92 -8.16
N GLY B 117 -1.06 -24.49 -7.16
CA GLY B 117 -2.29 -25.23 -7.40
C GLY B 117 -3.55 -24.40 -7.30
N VAL B 118 -4.62 -25.02 -6.81
CA VAL B 118 -5.91 -24.36 -6.69
C VAL B 118 -5.85 -22.98 -6.03
N TRP B 119 -4.93 -22.79 -5.10
CA TRP B 119 -4.82 -21.51 -4.39
C TRP B 119 -4.35 -20.37 -5.30
N MSE B 120 -3.87 -20.71 -6.49
CA MSE B 120 -3.41 -19.71 -7.46
C MSE B 120 -4.41 -19.50 -8.59
O MSE B 120 -4.21 -18.63 -9.44
CB MSE B 120 -2.05 -20.11 -8.04
CG MSE B 120 -0.86 -19.75 -7.15
SE MSE B 120 -0.67 -17.83 -6.94
CE MSE B 120 -0.32 -17.37 -8.77
N ALA B 121 -5.47 -20.29 -8.62
CA ALA B 121 -6.47 -20.20 -9.67
C ALA B 121 -7.13 -18.83 -9.77
N GLU B 122 -7.38 -18.21 -8.61
CA GLU B 122 -8.00 -16.89 -8.60
C GLU B 122 -7.08 -15.89 -9.28
N THR B 123 -5.77 -16.07 -9.12
CA THR B 123 -4.81 -15.17 -9.75
C THR B 123 -4.83 -15.39 -11.26
N THR B 124 -4.89 -16.64 -11.68
CA THR B 124 -4.95 -16.97 -13.11
C THR B 124 -6.13 -16.23 -13.74
N GLU B 125 -7.30 -16.35 -13.12
CA GLU B 125 -8.50 -15.70 -13.64
C GLU B 125 -8.35 -14.18 -13.70
N PHE B 126 -7.79 -13.60 -12.64
CA PHE B 126 -7.60 -12.15 -12.58
C PHE B 126 -6.74 -11.65 -13.74
N LEU B 127 -5.67 -12.38 -14.04
CA LEU B 127 -4.78 -11.99 -15.12
C LEU B 127 -5.37 -12.15 -16.51
N GLN B 128 -5.89 -13.33 -16.80
CA GLN B 128 -6.46 -13.62 -18.12
C GLN B 128 -7.59 -12.66 -18.50
N MSE B 129 -8.43 -12.30 -17.53
CA MSE B 129 -9.54 -11.39 -17.79
C MSE B 129 -9.04 -10.00 -18.16
O MSE B 129 -9.77 -9.23 -18.80
CB MSE B 129 -10.45 -11.30 -16.56
CG MSE B 129 -11.35 -12.50 -16.36
CG MSE B 129 -11.18 -12.61 -16.26
SE MSE B 129 -12.61 -12.69 -17.81
SE MSE B 129 -12.62 -12.48 -14.99
CE MSE B 129 -13.85 -11.28 -17.32
CE MSE B 129 -14.04 -11.96 -16.19
N ARG B 130 -7.80 -9.69 -17.78
CA ARG B 130 -7.22 -8.38 -18.09
C ARG B 130 -6.26 -8.38 -19.27
N GLY B 131 -6.34 -9.43 -20.09
CA GLY B 131 -5.51 -9.50 -21.28
C GLY B 131 -4.15 -10.17 -21.17
N ILE B 132 -3.85 -10.77 -20.02
CA ILE B 132 -2.56 -11.43 -19.85
C ILE B 132 -2.72 -12.95 -19.87
N PRO B 133 -2.30 -13.60 -20.96
CA PRO B 133 -2.40 -15.06 -21.05
C PRO B 133 -1.55 -15.70 -19.96
N VAL B 134 -2.06 -16.77 -19.36
CA VAL B 134 -1.36 -17.44 -18.28
C VAL B 134 -1.04 -18.91 -18.51
N CYS B 135 0.17 -19.30 -18.17
CA CYS B 135 0.58 -20.69 -18.26
C CYS B 135 0.64 -21.12 -16.79
N ALA B 136 -0.22 -22.05 -16.41
CA ALA B 136 -0.25 -22.53 -15.03
C ALA B 136 0.65 -23.74 -14.86
N HIS B 137 1.67 -23.60 -14.02
CA HIS B 137 2.66 -24.64 -13.74
C HIS B 137 2.31 -25.43 -12.48
N ILE B 138 1.95 -26.69 -12.65
CA ILE B 138 1.58 -27.54 -11.52
C ILE B 138 2.48 -28.78 -11.43
N GLY B 139 2.31 -29.54 -10.35
CA GLY B 139 3.13 -30.72 -10.13
C GLY B 139 4.30 -30.32 -9.26
N LEU B 140 5.50 -30.71 -9.65
CA LEU B 140 6.68 -30.36 -8.87
C LEU B 140 7.11 -28.97 -9.31
N THR B 141 6.88 -27.99 -8.44
CA THR B 141 7.23 -26.61 -8.75
C THR B 141 8.53 -26.20 -8.07
N PRO B 142 9.58 -25.93 -8.86
CA PRO B 142 10.90 -25.53 -8.37
C PRO B 142 10.91 -24.43 -7.31
N GLN B 143 9.96 -23.51 -7.39
CA GLN B 143 9.90 -22.41 -6.41
C GLN B 143 9.58 -22.87 -4.99
N SER B 144 9.04 -24.07 -4.84
CA SER B 144 8.72 -24.60 -3.52
C SER B 144 9.64 -25.77 -3.19
N VAL B 145 10.80 -25.80 -3.84
CA VAL B 145 11.78 -26.87 -3.65
C VAL B 145 12.18 -27.06 -2.18
N PHE B 146 12.22 -25.98 -1.42
CA PHE B 146 12.62 -26.09 -0.01
C PHE B 146 11.48 -26.62 0.87
N ALA B 147 10.26 -26.55 0.36
CA ALA B 147 9.09 -27.02 1.12
C ALA B 147 8.81 -28.50 0.88
N GLY B 157 -3.15 -41.77 -4.93
CA GLY B 157 -4.51 -41.66 -4.33
C GLY B 157 -4.95 -40.23 -4.15
N GLY B 158 -4.53 -39.61 -3.05
CA GLY B 158 -4.89 -38.23 -2.78
C GLY B 158 -4.13 -37.26 -3.65
N LYS B 159 -2.85 -37.55 -3.89
CA LYS B 159 -2.02 -36.68 -4.71
C LYS B 159 -2.55 -36.61 -6.13
N ALA B 160 -2.99 -37.75 -6.67
CA ALA B 160 -3.53 -37.80 -8.02
C ALA B 160 -4.71 -36.84 -8.16
N GLN B 161 -5.68 -36.97 -7.26
CA GLN B 161 -6.86 -36.12 -7.29
C GLN B 161 -6.47 -34.66 -7.08
N ALA B 162 -5.49 -34.43 -6.21
CA ALA B 162 -5.02 -33.08 -5.91
C ALA B 162 -4.49 -32.40 -7.17
N LEU B 163 -3.69 -33.13 -7.93
CA LEU B 163 -3.12 -32.60 -9.16
C LEU B 163 -4.22 -32.35 -10.19
N LEU B 164 -5.16 -33.29 -10.27
CA LEU B 164 -6.26 -33.16 -11.21
C LEU B 164 -7.08 -31.92 -10.86
N ASN B 165 -7.29 -31.69 -9.57
CA ASN B 165 -8.05 -30.53 -9.13
C ASN B 165 -7.30 -29.24 -9.43
N ASP B 166 -5.97 -29.28 -9.31
CA ASP B 166 -5.18 -28.09 -9.61
C ASP B 166 -5.33 -27.75 -11.09
N ALA B 167 -5.22 -28.77 -11.93
CA ALA B 167 -5.35 -28.59 -13.37
C ALA B 167 -6.71 -28.04 -13.78
N LYS B 168 -7.77 -28.65 -13.26
CA LYS B 168 -9.13 -28.21 -13.58
C LYS B 168 -9.39 -26.78 -13.10
N ALA B 169 -8.90 -26.45 -11.91
CA ALA B 169 -9.09 -25.11 -11.37
C ALA B 169 -8.52 -24.06 -12.31
N HIS B 170 -7.27 -24.25 -12.74
CA HIS B 170 -6.65 -23.30 -13.65
C HIS B 170 -7.35 -23.27 -15.01
N ASP B 171 -7.75 -24.44 -15.50
CA ASP B 171 -8.44 -24.52 -16.78
C ASP B 171 -9.74 -23.72 -16.68
N ASP B 172 -10.50 -23.96 -15.61
CA ASP B 172 -11.77 -23.27 -15.42
C ASP B 172 -11.55 -21.76 -15.25
N ALA B 173 -10.40 -21.39 -14.67
CA ALA B 173 -10.09 -19.99 -14.46
C ALA B 173 -9.66 -19.30 -15.75
N GLY B 174 -9.47 -20.08 -16.81
CA GLY B 174 -9.09 -19.49 -18.09
C GLY B 174 -7.62 -19.60 -18.47
N ALA B 175 -6.87 -20.47 -17.83
CA ALA B 175 -5.45 -20.64 -18.15
C ALA B 175 -5.31 -20.97 -19.64
N ALA B 176 -4.33 -20.37 -20.29
CA ALA B 176 -4.11 -20.62 -21.72
C ALA B 176 -3.39 -21.94 -21.92
N VAL B 177 -2.54 -22.29 -20.97
CA VAL B 177 -1.75 -23.53 -21.03
C VAL B 177 -1.52 -24.04 -19.61
N VAL B 178 -1.40 -25.35 -19.47
CA VAL B 178 -1.10 -25.95 -18.18
C VAL B 178 0.19 -26.73 -18.35
N LEU B 179 1.16 -26.46 -17.50
CA LEU B 179 2.46 -27.12 -17.58
C LEU B 179 2.63 -28.03 -16.37
N MSE B 180 2.94 -29.31 -16.63
CA MSE B 180 3.14 -30.28 -15.57
C MSE B 180 4.59 -30.72 -15.50
O MSE B 180 5.22 -30.97 -16.52
CB MSE B 180 2.25 -31.51 -15.80
CG MSE B 180 0.77 -31.25 -15.60
SE MSE B 180 -0.29 -32.83 -15.97
CE MSE B 180 -0.45 -32.61 -17.88
N GLU B 181 5.12 -30.80 -14.29
CA GLU B 181 6.50 -31.21 -14.09
C GLU B 181 6.58 -32.37 -13.12
N CYS B 182 7.26 -33.43 -13.54
CA CYS B 182 7.44 -34.63 -12.72
C CYS B 182 6.10 -35.21 -12.28
N VAL B 183 5.31 -35.62 -13.26
CA VAL B 183 3.98 -36.20 -13.03
C VAL B 183 3.89 -37.57 -13.70
N LEU B 184 3.32 -38.54 -12.99
CA LEU B 184 3.15 -39.88 -13.53
C LEU B 184 2.56 -39.79 -14.94
N ALA B 185 3.19 -40.46 -15.89
CA ALA B 185 2.74 -40.43 -17.28
C ALA B 185 1.24 -40.65 -17.43
N GLU B 186 0.74 -41.68 -16.77
CA GLU B 186 -0.69 -42.01 -16.83
C GLU B 186 -1.56 -40.87 -16.33
N LEU B 187 -1.12 -40.23 -15.26
CA LEU B 187 -1.86 -39.11 -14.68
C LEU B 187 -1.87 -37.93 -15.64
N ALA B 188 -0.69 -37.59 -16.15
CA ALA B 188 -0.57 -36.48 -17.09
C ALA B 188 -1.46 -36.69 -18.31
N LYS B 189 -1.57 -37.93 -18.76
CA LYS B 189 -2.41 -38.23 -19.92
C LYS B 189 -3.88 -37.91 -19.60
N LYS B 190 -4.30 -38.29 -18.41
CA LYS B 190 -5.67 -38.06 -17.97
C LYS B 190 -5.96 -36.57 -17.90
N VAL B 191 -5.01 -35.81 -17.35
CA VAL B 191 -5.16 -34.36 -17.24
C VAL B 191 -5.32 -33.73 -18.62
N THR B 192 -4.42 -34.12 -19.53
CA THR B 192 -4.43 -33.58 -20.89
C THR B 192 -5.77 -33.86 -21.59
N GLU B 193 -6.36 -35.01 -21.30
CA GLU B 193 -7.63 -35.38 -21.91
C GLU B 193 -8.81 -34.75 -21.18
N THR B 194 -8.55 -34.17 -20.02
CA THR B 194 -9.61 -33.55 -19.23
C THR B 194 -9.71 -32.04 -19.43
N VAL B 195 -8.58 -31.33 -19.35
CA VAL B 195 -8.59 -29.89 -19.52
C VAL B 195 -8.74 -29.48 -20.98
N SER B 196 -9.35 -28.33 -21.22
CA SER B 196 -9.58 -27.84 -22.56
C SER B 196 -8.32 -27.23 -23.18
N CYS B 197 -7.50 -26.61 -22.34
CA CYS B 197 -6.29 -25.96 -22.82
C CYS B 197 -5.14 -26.93 -23.10
N PRO B 198 -4.19 -26.50 -23.94
CA PRO B 198 -3.05 -27.36 -24.26
C PRO B 198 -2.22 -27.59 -22.99
N THR B 199 -1.56 -28.73 -22.90
CA THR B 199 -0.71 -29.03 -21.76
C THR B 199 0.72 -29.22 -22.29
N ILE B 200 1.69 -28.88 -21.45
CA ILE B 200 3.11 -29.00 -21.79
C ILE B 200 3.71 -29.74 -20.61
N GLY B 201 4.61 -30.68 -20.89
CA GLY B 201 5.20 -31.40 -19.77
C GLY B 201 6.70 -31.56 -19.82
N ILE B 202 7.26 -31.88 -18.66
CA ILE B 202 8.68 -32.15 -18.50
C ILE B 202 8.67 -33.20 -17.39
N GLY B 203 9.16 -34.39 -17.71
CA GLY B 203 9.16 -35.47 -16.74
C GLY B 203 7.71 -35.89 -16.51
N ALA B 204 6.87 -35.71 -17.52
CA ALA B 204 5.46 -36.05 -17.41
C ALA B 204 4.92 -36.93 -18.54
N GLY B 205 5.81 -37.64 -19.23
CA GLY B 205 5.37 -38.51 -20.31
C GLY B 205 5.14 -37.80 -21.63
N ALA B 206 4.95 -38.57 -22.69
CA ALA B 206 4.74 -38.00 -24.02
C ALA B 206 3.29 -37.77 -24.41
N ASP B 207 2.37 -38.03 -23.49
CA ASP B 207 0.95 -37.83 -23.80
C ASP B 207 0.44 -36.41 -23.53
N CYS B 208 1.34 -35.53 -23.11
CA CYS B 208 0.97 -34.14 -22.89
C CYS B 208 0.88 -33.57 -24.31
N ASP B 209 0.35 -32.36 -24.47
CA ASP B 209 0.23 -31.78 -25.79
C ASP B 209 1.55 -31.21 -26.32
N GLY B 210 2.55 -31.17 -25.46
CA GLY B 210 3.85 -30.64 -25.83
C GLY B 210 4.91 -30.95 -24.80
N GLN B 211 6.15 -30.54 -25.08
CA GLN B 211 7.27 -30.81 -24.18
C GLN B 211 8.14 -29.58 -23.99
N VAL B 212 8.85 -29.55 -22.85
CA VAL B 212 9.78 -28.45 -22.56
C VAL B 212 11.01 -29.01 -21.87
N LEU B 213 12.14 -28.37 -22.10
CA LEU B 213 13.42 -28.74 -21.48
C LEU B 213 14.23 -27.47 -21.32
N VAL B 214 15.14 -27.45 -20.35
CA VAL B 214 16.01 -26.31 -20.14
C VAL B 214 17.10 -26.46 -21.22
N MSE B 215 17.29 -25.41 -22.01
CA MSE B 215 18.27 -25.43 -23.09
C MSE B 215 19.64 -25.99 -22.68
O MSE B 215 20.16 -26.90 -23.34
CB MSE B 215 18.48 -24.03 -23.67
CG MSE B 215 19.43 -24.02 -24.84
SE MSE B 215 19.98 -22.25 -25.34
CE MSE B 215 21.61 -22.13 -24.33
N HIS B 216 20.21 -25.44 -21.62
CA HIS B 216 21.53 -25.88 -21.17
C HIS B 216 21.57 -27.35 -20.80
N ASP B 217 20.46 -27.90 -20.33
CA ASP B 217 20.42 -29.32 -19.98
C ASP B 217 20.49 -30.19 -21.23
N MSE B 218 19.66 -29.87 -22.22
CA MSE B 218 19.64 -30.66 -23.45
C MSE B 218 20.82 -30.43 -24.37
O MSE B 218 21.02 -31.18 -25.33
CB MSE B 218 18.30 -30.47 -24.18
CG MSE B 218 17.88 -29.03 -24.46
SE MSE B 218 18.67 -28.30 -26.06
CE MSE B 218 17.60 -29.27 -27.37
N LEU B 219 21.63 -29.40 -24.09
CA LEU B 219 22.83 -29.15 -24.88
C LEU B 219 24.05 -29.71 -24.17
N GLY B 220 23.82 -30.32 -23.00
CA GLY B 220 24.89 -30.91 -22.22
C GLY B 220 25.92 -29.93 -21.68
N ILE B 221 25.48 -28.72 -21.37
CA ILE B 221 26.38 -27.69 -20.86
C ILE B 221 26.91 -28.00 -19.47
N PHE B 222 26.13 -28.72 -18.67
CA PHE B 222 26.56 -29.05 -17.33
C PHE B 222 27.33 -30.36 -17.31
N PRO B 223 28.28 -30.50 -16.39
CA PRO B 223 29.08 -31.72 -16.28
C PRO B 223 28.30 -32.86 -15.63
N GLY B 224 28.75 -34.09 -15.85
CA GLY B 224 28.07 -35.24 -15.26
C GLY B 224 26.95 -35.79 -16.12
N LYS B 225 26.08 -36.57 -15.50
CA LYS B 225 24.96 -37.19 -16.20
C LYS B 225 23.72 -36.30 -16.19
N THR B 226 22.95 -36.35 -17.27
CA THR B 226 21.72 -35.56 -17.36
C THR B 226 20.62 -36.20 -16.53
N ALA B 227 19.64 -35.41 -16.15
CA ALA B 227 18.52 -35.91 -15.34
C ALA B 227 17.82 -37.05 -16.08
N LYS B 228 17.04 -37.83 -15.35
CA LYS B 228 16.33 -38.96 -15.94
C LYS B 228 15.34 -38.55 -17.03
N PHE B 229 14.64 -37.44 -16.82
CA PHE B 229 13.66 -36.97 -17.80
C PHE B 229 14.25 -36.02 -18.84
N VAL B 230 15.56 -35.93 -18.88
CA VAL B 230 16.24 -35.05 -19.83
C VAL B 230 17.13 -35.84 -20.78
N LYS B 231 17.14 -35.45 -22.05
CA LYS B 231 17.98 -36.09 -23.04
C LYS B 231 18.97 -35.08 -23.60
N ASN B 232 20.22 -35.49 -23.71
CA ASN B 232 21.26 -34.62 -24.25
C ASN B 232 21.16 -34.70 -25.77
N PHE B 233 20.69 -33.63 -26.41
CA PHE B 233 20.55 -33.62 -27.86
C PHE B 233 21.79 -33.13 -28.59
N MSE B 234 22.73 -32.54 -27.86
CA MSE B 234 23.97 -32.06 -28.46
C MSE B 234 24.77 -33.32 -28.83
O MSE B 234 25.33 -33.42 -29.92
CB MSE B 234 24.76 -31.20 -27.48
CG MSE B 234 26.14 -30.76 -27.98
SE MSE B 234 26.12 -29.37 -29.33
CE MSE B 234 26.19 -30.49 -30.92
N GLN B 235 24.81 -34.26 -27.90
CA GLN B 235 25.52 -35.52 -28.09
C GLN B 235 24.91 -36.21 -29.32
N GLY B 236 25.75 -36.63 -30.24
CA GLY B 236 25.26 -37.32 -31.42
C GLY B 236 24.79 -36.43 -32.56
N HIS B 237 24.99 -35.12 -32.43
CA HIS B 237 24.59 -34.18 -33.48
C HIS B 237 25.75 -33.24 -33.80
N ASP B 238 25.75 -32.69 -35.02
CA ASP B 238 26.87 -31.87 -35.48
C ASP B 238 26.92 -30.38 -35.21
N SER B 239 25.88 -29.82 -34.62
CA SER B 239 25.86 -28.39 -34.34
C SER B 239 24.74 -28.10 -33.36
N VAL B 240 24.77 -26.93 -32.74
CA VAL B 240 23.73 -26.57 -31.80
C VAL B 240 22.41 -26.51 -32.57
N GLN B 241 22.46 -26.03 -33.81
CA GLN B 241 21.27 -25.95 -34.64
C GLN B 241 20.66 -27.34 -34.83
N ALA B 242 21.52 -28.32 -35.14
CA ALA B 242 21.05 -29.69 -35.35
C ALA B 242 20.49 -30.31 -34.08
N ALA B 243 21.10 -29.99 -32.93
CA ALA B 243 20.64 -30.49 -31.65
C ALA B 243 19.21 -30.06 -31.41
N VAL B 244 18.94 -28.78 -31.66
CA VAL B 244 17.60 -28.25 -31.46
C VAL B 244 16.61 -28.84 -32.46
N ARG B 245 17.02 -28.96 -33.73
CA ARG B 245 16.12 -29.53 -34.73
C ARG B 245 15.76 -30.96 -34.36
N ALA B 246 16.73 -31.69 -33.81
CA ALA B 246 16.51 -33.07 -33.42
C ALA B 246 15.49 -33.14 -32.30
N TYR B 247 15.57 -32.18 -31.38
CA TYR B 247 14.62 -32.14 -30.27
C TYR B 247 13.20 -31.91 -30.78
N VAL B 248 13.04 -30.90 -31.63
CA VAL B 248 11.73 -30.59 -32.18
C VAL B 248 11.17 -31.80 -32.93
N ALA B 249 12.02 -32.46 -33.71
CA ALA B 249 11.60 -33.63 -34.48
C ALA B 249 11.16 -34.81 -33.61
N GLU B 250 11.91 -35.11 -32.56
CA GLU B 250 11.55 -36.21 -31.68
C GLU B 250 10.29 -35.90 -30.87
N VAL B 251 10.11 -34.63 -30.52
CA VAL B 251 8.91 -34.23 -29.78
C VAL B 251 7.70 -34.48 -30.66
N LYS B 252 7.77 -34.04 -31.92
CA LYS B 252 6.65 -34.22 -32.84
C LYS B 252 6.45 -35.67 -33.26
N ALA B 253 7.50 -36.47 -33.20
CA ALA B 253 7.41 -37.88 -33.57
C ALA B 253 6.99 -38.71 -32.35
N LYS B 254 6.89 -38.04 -31.21
CA LYS B 254 6.51 -38.68 -29.95
C LYS B 254 7.52 -39.73 -29.51
N THR B 255 8.79 -39.55 -29.87
CA THR B 255 9.82 -40.48 -29.47
C THR B 255 10.53 -39.93 -28.23
N PHE B 256 10.26 -38.66 -27.93
CA PHE B 256 10.80 -38.01 -26.74
C PHE B 256 9.63 -37.31 -26.05
N PRO B 257 9.47 -37.55 -24.73
CA PRO B 257 10.33 -38.42 -23.92
C PRO B 257 10.11 -39.91 -24.23
N ALA B 258 11.13 -40.71 -23.94
CA ALA B 258 11.07 -42.15 -24.17
C ALA B 258 10.63 -42.84 -22.88
N SER C 2 15.63 -1.72 40.52
CA SER C 2 16.21 -2.15 39.22
C SER C 2 15.46 -1.51 38.05
N LEU C 3 15.38 -2.25 36.94
CA LEU C 3 14.70 -1.76 35.75
C LEU C 3 13.18 -1.71 35.96
N ILE C 4 12.55 -0.66 35.45
CA ILE C 4 11.11 -0.51 35.58
C ILE C 4 10.42 -1.20 34.41
N THR C 5 9.66 -2.24 34.69
CA THR C 5 8.95 -2.98 33.65
C THR C 5 7.45 -2.85 33.86
N VAL C 6 6.66 -3.38 32.92
CA VAL C 6 5.21 -3.31 33.04
C VAL C 6 4.79 -4.02 34.33
N ASN C 7 5.51 -5.10 34.68
CA ASN C 7 5.22 -5.85 35.89
C ASN C 7 5.43 -4.95 37.10
N THR C 8 6.50 -4.16 37.07
CA THR C 8 6.79 -3.24 38.17
C THR C 8 5.61 -2.30 38.38
N LEU C 9 5.09 -1.76 37.28
CA LEU C 9 3.97 -0.83 37.36
C LEU C 9 2.71 -1.49 37.93
N GLN C 10 2.46 -2.73 37.53
CA GLN C 10 1.29 -3.44 38.01
C GLN C 10 1.42 -3.71 39.51
N LYS C 11 2.63 -4.02 39.96
CA LYS C 11 2.85 -4.28 41.38
C LYS C 11 2.64 -3.00 42.17
N MSE C 12 3.06 -1.88 41.60
CA MSE C 12 2.92 -0.60 42.26
C MSE C 12 1.44 -0.23 42.41
O MSE C 12 1.04 0.27 43.47
CB MSE C 12 3.68 0.49 41.50
CG MSE C 12 5.19 0.31 41.61
SE MSE C 12 6.22 1.60 40.59
CE MSE C 12 5.95 3.14 41.70
N LYS C 13 0.65 -0.47 41.38
CA LYS C 13 -0.78 -0.17 41.44
C LYS C 13 -1.40 -1.03 42.54
N ALA C 14 -1.01 -2.30 42.56
CA ALA C 14 -1.53 -3.26 43.54
C ALA C 14 -1.22 -2.82 44.97
N ALA C 15 -0.01 -2.32 45.18
CA ALA C 15 0.43 -1.88 46.51
C ALA C 15 0.04 -0.44 46.82
N GLY C 16 -0.48 0.27 45.83
CA GLY C 16 -0.87 1.65 46.05
C GLY C 16 0.29 2.64 46.06
N GLU C 17 1.43 2.24 45.51
CA GLU C 17 2.59 3.12 45.44
C GLU C 17 2.48 3.94 44.17
N LYS C 18 2.30 5.24 44.32
CA LYS C 18 2.13 6.14 43.18
C LYS C 18 3.34 6.19 42.24
N ILE C 19 3.04 6.16 40.95
CA ILE C 19 4.05 6.18 39.89
C ILE C 19 4.35 7.59 39.44
N ALA C 20 5.64 7.92 39.34
CA ALA C 20 6.06 9.25 38.92
C ALA C 20 6.52 9.25 37.47
N MSE C 21 5.84 10.04 36.64
CA MSE C 21 6.18 10.16 35.22
C MSE C 21 6.42 11.63 34.89
O MSE C 21 5.78 12.52 35.44
CB MSE C 21 5.02 9.63 34.35
CG MSE C 21 5.23 9.75 32.83
SE MSE C 21 3.65 9.32 31.76
CE MSE C 21 4.22 7.61 31.04
N LEU C 22 7.39 11.87 34.00
CA LEU C 22 7.72 13.23 33.54
C LEU C 22 8.12 13.11 32.08
N THR C 23 7.95 14.18 31.32
CA THR C 23 8.35 14.15 29.92
C THR C 23 9.86 14.33 29.82
N ALA C 24 10.45 13.78 28.78
CA ALA C 24 11.89 13.86 28.57
C ALA C 24 12.15 13.88 27.07
N TYR C 25 13.00 14.79 26.60
CA TYR C 25 13.28 14.90 25.18
C TYR C 25 14.78 14.93 24.87
N GLU C 26 15.60 14.96 25.92
CA GLU C 26 17.06 15.02 25.78
C GLU C 26 17.75 13.99 26.68
N SER C 27 18.94 13.58 26.28
CA SER C 27 19.70 12.59 27.05
C SER C 27 20.11 13.06 28.44
N SER C 28 20.61 14.29 28.53
CA SER C 28 21.07 14.83 29.81
C SER C 28 19.95 14.88 30.83
N PHE C 29 18.82 15.47 30.46
CA PHE C 29 17.70 15.56 31.39
C PHE C 29 17.13 14.18 31.70
N ALA C 30 17.16 13.28 30.73
CA ALA C 30 16.63 11.93 30.95
C ALA C 30 17.46 11.24 32.03
N ALA C 31 18.77 11.36 31.94
CA ALA C 31 19.66 10.74 32.92
C ALA C 31 19.39 11.35 34.30
N LEU C 32 19.27 12.67 34.36
CA LEU C 32 19.00 13.36 35.62
C LEU C 32 17.69 12.87 36.26
N MSE C 33 16.62 12.79 35.46
CA MSE C 33 15.35 12.35 36.00
C MSE C 33 15.40 10.88 36.42
O MSE C 33 14.82 10.51 37.44
CB MSE C 33 14.23 12.58 34.97
CG MSE C 33 13.96 14.05 34.72
SE MSE C 33 12.61 14.38 33.37
CE MSE C 33 13.72 14.22 31.82
N ASP C 34 16.09 10.05 35.65
CA ASP C 34 16.21 8.63 35.96
C ASP C 34 16.87 8.48 37.33
N ASP C 35 17.96 9.21 37.52
CA ASP C 35 18.69 9.17 38.78
C ASP C 35 17.88 9.76 39.93
N ALA C 36 16.98 10.68 39.61
CA ALA C 36 16.16 11.31 40.65
C ALA C 36 14.94 10.47 41.07
N GLY C 37 14.76 9.32 40.45
CA GLY C 37 13.64 8.47 40.82
C GLY C 37 12.40 8.50 39.94
N VAL C 38 12.46 9.19 38.80
CA VAL C 38 11.32 9.21 37.91
C VAL C 38 11.27 7.81 37.30
N GLU C 39 10.11 7.16 37.42
CA GLU C 39 9.94 5.80 36.94
C GLU C 39 9.52 5.63 35.48
N MSE C 40 8.86 6.63 34.93
CA MSE C 40 8.43 6.59 33.53
C MSE C 40 8.83 7.90 32.86
O MSE C 40 8.55 8.98 33.37
CB MSE C 40 6.92 6.42 33.43
CG MSE C 40 6.37 5.12 34.02
SE MSE C 40 4.43 4.98 33.85
CE MSE C 40 4.35 4.32 32.03
N LEU C 41 9.51 7.79 31.72
CA LEU C 41 9.94 8.97 30.96
C LEU C 41 9.09 9.02 29.70
N LEU C 42 8.31 10.09 29.56
CA LEU C 42 7.46 10.24 28.41
C LEU C 42 8.07 11.11 27.33
N VAL C 43 8.50 10.47 26.24
CA VAL C 43 9.03 11.22 25.11
C VAL C 43 7.72 11.56 24.39
N GLY C 44 7.11 12.68 24.78
CA GLY C 44 5.83 13.06 24.20
C GLY C 44 5.84 14.02 23.03
N ASP C 45 4.75 14.03 22.27
CA ASP C 45 4.68 14.95 21.14
C ASP C 45 4.56 16.38 21.62
N SER C 46 4.54 16.55 22.94
CA SER C 46 4.51 17.87 23.56
C SER C 46 5.83 18.58 23.19
N LEU C 47 6.79 17.82 22.67
CA LEU C 47 8.05 18.42 22.26
C LEU C 47 7.80 19.37 21.09
N GLY C 48 6.67 19.20 20.41
CA GLY C 48 6.36 20.09 19.29
C GLY C 48 6.25 21.52 19.78
N MSE C 49 5.84 21.69 21.03
CA MSE C 49 5.70 23.02 21.60
C MSE C 49 6.91 23.38 22.46
O MSE C 49 7.48 24.46 22.29
CB MSE C 49 4.38 23.07 22.39
CG MSE C 49 3.17 22.59 21.54
SE MSE C 49 1.40 22.79 22.30
CE MSE C 49 1.31 24.71 22.33
N ALA C 50 7.33 22.49 23.34
CA ALA C 50 8.46 22.75 24.24
C ALA C 50 9.84 22.79 23.57
N VAL C 51 10.06 21.90 22.61
CA VAL C 51 11.34 21.84 21.92
C VAL C 51 11.34 22.59 20.59
N GLN C 52 10.32 22.33 19.78
CA GLN C 52 10.23 22.94 18.45
C GLN C 52 9.64 24.34 18.42
N GLY C 53 8.93 24.72 19.48
CA GLY C 53 8.35 26.05 19.53
C GLY C 53 7.10 26.27 18.68
N ARG C 54 6.43 25.20 18.29
CA ARG C 54 5.21 25.31 17.49
C ARG C 54 3.99 25.62 18.36
N LYS C 55 2.87 25.94 17.70
CA LYS C 55 1.64 26.27 18.40
C LYS C 55 0.80 25.05 18.77
N SER C 56 1.11 23.90 18.17
CA SER C 56 0.41 22.66 18.49
C SER C 56 1.35 21.48 18.26
N THR C 57 0.90 20.28 18.60
CA THR C 57 1.73 19.08 18.44
C THR C 57 1.48 18.37 17.10
N LEU C 58 0.50 18.82 16.33
CA LEU C 58 0.21 18.16 15.07
C LEU C 58 1.35 18.09 14.05
N PRO C 59 2.20 19.12 13.94
CA PRO C 59 3.28 19.06 12.96
C PRO C 59 4.44 18.10 13.29
N VAL C 60 4.47 17.56 14.51
CA VAL C 60 5.54 16.63 14.89
C VAL C 60 5.49 15.38 14.01
N SER C 61 6.65 14.95 13.53
CA SER C 61 6.73 13.79 12.65
C SER C 61 7.24 12.54 13.36
N LEU C 62 7.09 11.40 12.70
CA LEU C 62 7.57 10.14 13.24
C LEU C 62 9.10 10.22 13.33
N ARG C 63 9.73 10.89 12.36
CA ARG C 63 11.18 11.03 12.40
C ARG C 63 11.60 11.81 13.65
N ASP C 64 10.85 12.86 13.97
CA ASP C 64 11.15 13.67 15.15
C ASP C 64 11.04 12.80 16.41
N MSE C 65 9.98 12.00 16.49
CA MSE C 65 9.77 11.15 17.65
C MSE C 65 10.86 10.09 17.81
O MSE C 65 11.32 9.83 18.92
CB MSE C 65 8.39 10.48 17.58
CG MSE C 65 7.21 11.46 17.60
SE MSE C 65 7.28 12.66 19.14
CE MSE C 65 7.52 11.33 20.52
N CYS C 66 11.26 9.49 16.70
CA CYS C 66 12.32 8.48 16.77
C CYS C 66 13.64 9.12 17.20
N TYR C 67 13.90 10.33 16.72
CA TYR C 67 15.12 11.04 17.07
C TYR C 67 15.19 11.32 18.58
N HIS C 68 14.14 11.92 19.13
CA HIS C 68 14.16 12.23 20.55
C HIS C 68 14.13 10.96 21.40
N THR C 69 13.49 9.90 20.91
CA THR C 69 13.45 8.63 21.64
C THR C 69 14.88 8.08 21.72
N GLU C 70 15.61 8.13 20.60
CA GLU C 70 17.00 7.65 20.60
C GLU C 70 17.83 8.46 21.59
N CYS C 71 17.63 9.77 21.61
CA CYS C 71 18.34 10.64 22.53
C CYS C 71 18.09 10.26 23.97
N VAL C 72 16.81 10.13 24.33
CA VAL C 72 16.44 9.76 25.70
C VAL C 72 16.98 8.39 26.10
N ALA C 73 16.93 7.44 25.16
CA ALA C 73 17.42 6.09 25.43
C ALA C 73 18.92 6.06 25.76
N ARG C 74 19.68 7.02 25.25
CA ARG C 74 21.11 7.04 25.55
C ARG C 74 21.37 7.56 26.95
N GLY C 75 20.39 8.27 27.52
CA GLY C 75 20.55 8.80 28.85
C GLY C 75 19.89 8.00 29.96
N ALA C 76 18.75 7.39 29.65
CA ALA C 76 18.02 6.59 30.63
C ALA C 76 18.72 5.29 30.97
N LYS C 77 18.47 4.78 32.18
CA LYS C 77 19.07 3.53 32.64
C LYS C 77 18.02 2.54 33.12
N ASN C 78 17.30 2.92 34.18
CA ASN C 78 16.29 2.06 34.77
C ASN C 78 14.85 2.43 34.41
N ALA C 79 14.59 3.72 34.22
CA ALA C 79 13.25 4.19 33.89
C ALA C 79 12.70 3.61 32.60
N MSE C 80 11.38 3.51 32.52
CA MSE C 80 10.74 2.98 31.32
C MSE C 80 10.50 4.14 30.36
O MSE C 80 10.00 5.19 30.75
CB MSE C 80 9.41 2.33 31.66
CG MSE C 80 8.69 1.80 30.44
SE MSE C 80 6.89 1.44 30.87
CE MSE C 80 7.15 -0.30 31.68
N ILE C 81 10.85 3.94 29.10
CA ILE C 81 10.68 4.97 28.09
C ILE C 81 9.38 4.76 27.32
N VAL C 82 8.52 5.77 27.35
CA VAL C 82 7.24 5.71 26.65
C VAL C 82 7.29 6.77 25.56
N SER C 83 7.05 6.36 24.31
CA SER C 83 7.10 7.30 23.19
C SER C 83 5.75 7.50 22.50
N ASP C 84 5.40 8.75 22.27
CA ASP C 84 4.15 9.07 21.59
C ASP C 84 4.16 8.77 20.10
N LEU C 85 3.06 8.23 19.60
CA LEU C 85 2.91 8.00 18.17
C LEU C 85 2.42 9.40 17.76
N PRO C 86 3.14 10.07 16.85
CA PRO C 86 2.74 11.42 16.43
C PRO C 86 1.54 11.50 15.50
N PHE C 87 0.87 12.65 15.53
CA PHE C 87 -0.31 12.88 14.70
C PHE C 87 -0.03 12.57 13.23
N GLY C 88 -0.93 11.79 12.63
CA GLY C 88 -0.79 11.43 11.22
C GLY C 88 -0.03 10.14 10.96
N ALA C 89 0.74 9.71 11.95
CA ALA C 89 1.55 8.51 11.79
C ALA C 89 0.89 7.18 12.19
N TYR C 90 -0.28 7.24 12.83
CA TYR C 90 -0.91 6.00 13.27
C TYR C 90 -2.42 5.86 13.12
N GLN C 91 -3.12 6.93 12.81
CA GLN C 91 -4.58 6.84 12.72
C GLN C 91 -5.18 6.34 11.42
N GLN C 92 -4.34 6.11 10.41
CA GLN C 92 -4.85 5.65 9.13
C GLN C 92 -5.42 4.24 9.23
N SER C 93 -4.75 3.39 10.00
CA SER C 93 -5.18 2.01 10.17
C SER C 93 -4.36 1.38 11.31
N LYS C 94 -4.80 0.24 11.81
CA LYS C 94 -4.06 -0.43 12.86
C LYS C 94 -2.73 -0.90 12.31
N GLU C 95 -2.68 -1.20 11.01
CA GLU C 95 -1.44 -1.63 10.39
C GLU C 95 -0.43 -0.49 10.36
N GLN C 96 -0.89 0.72 10.04
CA GLN C 96 0.01 1.85 10.01
C GLN C 96 0.53 2.11 11.43
N ALA C 97 -0.37 2.02 12.41
CA ALA C 97 0.02 2.25 13.80
C ALA C 97 1.11 1.27 14.21
N PHE C 98 0.98 0.03 13.79
CA PHE C 98 1.97 -0.96 14.14
C PHE C 98 3.34 -0.61 13.56
N ALA C 99 3.36 -0.21 12.30
CA ALA C 99 4.62 0.16 11.64
C ALA C 99 5.28 1.33 12.37
N ALA C 100 4.49 2.33 12.72
CA ALA C 100 5.01 3.50 13.42
C ALA C 100 5.52 3.11 14.82
N ALA C 101 4.74 2.30 15.52
CA ALA C 101 5.12 1.86 16.85
C ALA C 101 6.39 1.01 16.78
N ALA C 102 6.51 0.20 15.75
CA ALA C 102 7.68 -0.65 15.61
C ALA C 102 8.93 0.21 15.45
N GLU C 103 8.81 1.33 14.74
CA GLU C 103 9.97 2.21 14.55
C GLU C 103 10.36 2.82 15.90
N LEU C 104 9.38 3.20 16.70
CA LEU C 104 9.66 3.78 18.01
C LEU C 104 10.31 2.76 18.93
N MSE C 105 9.85 1.51 18.89
CA MSE C 105 10.45 0.48 19.74
C MSE C 105 11.91 0.28 19.30
O MSE C 105 12.81 0.12 20.12
CB MSE C 105 9.68 -0.84 19.62
CG MSE C 105 8.22 -0.80 20.09
SE MSE C 105 7.93 -0.29 21.96
CE MSE C 105 8.70 -1.87 22.82
N ALA C 106 12.14 0.30 17.98
CA ALA C 106 13.49 0.11 17.45
C ALA C 106 14.38 1.28 17.88
N ALA C 107 13.77 2.44 18.07
CA ALA C 107 14.51 3.64 18.48
C ALA C 107 14.83 3.65 19.97
N GLY C 108 14.25 2.72 20.71
CA GLY C 108 14.52 2.66 22.13
C GLY C 108 13.34 2.71 23.08
N ALA C 109 12.13 2.88 22.56
CA ALA C 109 10.96 2.94 23.45
C ALA C 109 10.65 1.56 24.04
N HIS C 110 10.01 1.55 25.21
CA HIS C 110 9.63 0.32 25.89
C HIS C 110 8.10 0.21 25.86
N MSE C 111 7.45 1.29 25.41
CA MSE C 111 6.00 1.37 25.34
C MSE C 111 5.68 2.56 24.44
O MSE C 111 6.48 3.47 24.31
CB MSE C 111 5.43 1.62 26.75
CG MSE C 111 3.93 1.79 26.86
SE MSE C 111 3.35 2.14 28.72
CE MSE C 111 3.77 0.42 29.47
N VAL C 112 4.51 2.53 23.79
CA VAL C 112 4.11 3.66 22.93
C VAL C 112 2.79 4.21 23.43
N LYS C 113 2.57 5.50 23.24
CA LYS C 113 1.34 6.13 23.66
C LYS C 113 0.53 6.56 22.44
N LEU C 114 -0.78 6.37 22.50
CA LEU C 114 -1.65 6.79 21.40
C LEU C 114 -2.84 7.53 22.00
N GLU C 115 -3.43 8.43 21.22
CA GLU C 115 -4.56 9.21 21.69
C GLU C 115 -5.85 8.82 21.00
N GLY C 116 -6.92 8.68 21.78
CA GLY C 116 -8.19 8.33 21.19
C GLY C 116 -9.05 7.44 22.07
N GLY C 117 -10.35 7.53 21.88
CA GLY C 117 -11.28 6.74 22.67
C GLY C 117 -11.53 5.35 22.11
N VAL C 118 -12.79 4.91 22.22
CA VAL C 118 -13.19 3.59 21.76
C VAL C 118 -12.75 3.25 20.34
N TRP C 119 -12.76 4.25 19.45
CA TRP C 119 -12.38 4.00 18.05
C TRP C 119 -10.93 3.55 17.89
N MSE C 120 -10.11 3.76 18.91
CA MSE C 120 -8.70 3.36 18.84
C MSE C 120 -8.40 2.06 19.58
O MSE C 120 -7.27 1.58 19.54
CB MSE C 120 -7.81 4.48 19.42
CG MSE C 120 -7.49 5.60 18.44
SE MSE C 120 -6.33 5.00 16.99
CE MSE C 120 -7.66 4.75 15.63
N ALA C 121 -9.39 1.48 20.25
CA ALA C 121 -9.17 0.25 21.00
C ALA C 121 -8.74 -0.94 20.12
N GLU C 122 -9.23 -0.97 18.89
CA GLU C 122 -8.86 -2.06 17.99
C GLU C 122 -7.36 -1.97 17.72
N THR C 123 -6.85 -0.75 17.66
CA THR C 123 -5.43 -0.53 17.43
C THR C 123 -4.63 -0.94 18.66
N THR C 124 -5.14 -0.61 19.84
CA THR C 124 -4.48 -0.99 21.09
C THR C 124 -4.31 -2.51 21.11
N GLU C 125 -5.39 -3.23 20.80
CA GLU C 125 -5.34 -4.69 20.81
C GLU C 125 -4.31 -5.23 19.81
N PHE C 126 -4.33 -4.66 18.60
CA PHE C 126 -3.42 -5.10 17.54
C PHE C 126 -1.95 -4.97 17.95
N LEU C 127 -1.59 -3.85 18.56
CA LEU C 127 -0.21 -3.63 18.98
C LEU C 127 0.19 -4.50 20.18
N GLN C 128 -0.67 -4.54 21.19
CA GLN C 128 -0.41 -5.32 22.39
C GLN C 128 -0.17 -6.80 22.07
N MSE C 129 -0.98 -7.34 21.17
CA MSE C 129 -0.85 -8.73 20.77
C MSE C 129 0.48 -9.03 20.09
O MSE C 129 0.96 -10.16 20.11
CB MSE C 129 -2.01 -9.12 19.85
CG MSE C 129 -1.89 -10.47 19.16
CG MSE C 129 -3.34 -9.14 20.58
CG MSE C 129 -3.34 -9.24 20.57
SE MSE C 129 -3.51 -10.91 18.18
SE MSE C 129 -4.76 -9.99 19.60
SE MSE C 129 -3.35 -10.66 21.89
CE MSE C 129 -4.10 -9.13 17.71
CE MSE C 129 -4.29 -11.83 19.94
CE MSE C 129 -3.85 -12.12 20.73
N ARG C 130 1.08 -8.01 19.51
CA ARG C 130 2.34 -8.16 18.80
C ARG C 130 3.56 -7.74 19.62
N GLY C 131 3.38 -7.66 20.94
CA GLY C 131 4.48 -7.32 21.82
C GLY C 131 4.80 -5.86 22.04
N ILE C 132 3.91 -4.96 21.64
CA ILE C 132 4.15 -3.53 21.84
C ILE C 132 3.22 -3.02 22.92
N PRO C 133 3.75 -2.73 24.12
CA PRO C 133 2.93 -2.22 25.22
C PRO C 133 2.33 -0.89 24.80
N VAL C 134 1.08 -0.65 25.17
CA VAL C 134 0.40 0.57 24.80
C VAL C 134 -0.15 1.38 25.97
N CYS C 135 0.10 2.68 25.94
CA CYS C 135 -0.43 3.60 26.93
C CYS C 135 -1.55 4.31 26.17
N ALA C 136 -2.80 4.09 26.59
CA ALA C 136 -3.94 4.71 25.94
C ALA C 136 -4.26 6.04 26.61
N HIS C 137 -4.15 7.11 25.83
CA HIS C 137 -4.37 8.47 26.30
C HIS C 137 -5.81 8.89 26.01
N ILE C 138 -6.60 9.08 27.08
CA ILE C 138 -7.98 9.48 26.94
C ILE C 138 -8.27 10.78 27.67
N GLY C 139 -9.48 11.31 27.49
CA GLY C 139 -9.85 12.57 28.11
C GLY C 139 -9.56 13.69 27.12
N LEU C 140 -8.92 14.76 27.60
CA LEU C 140 -8.56 15.88 26.73
C LEU C 140 -7.29 15.50 25.97
N THR C 141 -7.44 15.20 24.68
CA THR C 141 -6.29 14.82 23.86
C THR C 141 -5.85 15.97 22.97
N PRO C 142 -4.61 16.46 23.18
CA PRO C 142 -4.04 17.58 22.41
C PRO C 142 -4.04 17.41 20.89
N GLN C 143 -3.96 16.18 20.42
CA GLN C 143 -3.95 15.95 18.97
C GLN C 143 -5.28 16.29 18.31
N SER C 144 -6.33 16.47 19.12
CA SER C 144 -7.65 16.81 18.58
C SER C 144 -8.04 18.22 18.98
N VAL C 145 -7.05 19.02 19.37
CA VAL C 145 -7.28 20.39 19.80
C VAL C 145 -8.06 21.26 18.81
N PHE C 146 -7.85 21.06 17.52
CA PHE C 146 -8.56 21.86 16.53
C PHE C 146 -10.02 21.47 16.37
N ALA C 147 -10.38 20.28 16.80
CA ALA C 147 -11.75 19.81 16.71
C ALA C 147 -12.49 20.10 18.01
N LYS C 159 -20.67 12.53 28.64
CA LYS C 159 -19.20 12.74 28.77
C LYS C 159 -18.59 11.80 29.81
N ALA C 160 -19.25 11.67 30.96
CA ALA C 160 -18.76 10.80 32.02
C ALA C 160 -18.76 9.34 31.55
N GLN C 161 -19.87 8.93 30.95
CA GLN C 161 -19.99 7.56 30.47
C GLN C 161 -19.12 7.35 29.24
N ALA C 162 -18.85 8.41 28.51
CA ALA C 162 -18.00 8.33 27.32
C ALA C 162 -16.57 8.00 27.76
N LEU C 163 -16.10 8.70 28.79
CA LEU C 163 -14.76 8.48 29.31
C LEU C 163 -14.63 7.06 29.87
N LEU C 164 -15.65 6.63 30.60
CA LEU C 164 -15.65 5.29 31.18
C LEU C 164 -15.62 4.24 30.08
N ASN C 165 -16.35 4.51 28.99
CA ASN C 165 -16.39 3.56 27.88
C ASN C 165 -15.03 3.51 27.18
N ASP C 166 -14.38 4.67 27.07
CA ASP C 166 -13.06 4.73 26.44
C ASP C 166 -12.06 3.95 27.28
N ALA C 167 -12.04 4.19 28.60
CA ALA C 167 -11.13 3.52 29.49
C ALA C 167 -11.34 2.01 29.48
N LYS C 168 -12.59 1.59 29.57
CA LYS C 168 -12.93 0.17 29.56
C LYS C 168 -12.53 -0.50 28.25
N ALA C 169 -12.78 0.17 27.13
CA ALA C 169 -12.45 -0.38 25.82
C ALA C 169 -10.95 -0.66 25.70
N HIS C 170 -10.12 0.29 26.12
CA HIS C 170 -8.68 0.10 26.04
C HIS C 170 -8.18 -0.95 27.01
N ASP C 171 -8.74 -0.96 28.23
CA ASP C 171 -8.33 -1.95 29.22
C ASP C 171 -8.65 -3.34 28.67
N ASP C 172 -9.86 -3.51 28.13
CA ASP C 172 -10.28 -4.80 27.57
C ASP C 172 -9.40 -5.20 26.39
N ALA C 173 -8.86 -4.20 25.69
CA ALA C 173 -8.00 -4.46 24.54
C ALA C 173 -6.58 -4.81 24.99
N GLY C 174 -6.31 -4.68 26.29
CA GLY C 174 -5.00 -5.01 26.80
C GLY C 174 -4.01 -3.87 26.99
N ALA C 175 -4.50 -2.65 27.07
CA ALA C 175 -3.62 -1.51 27.26
C ALA C 175 -2.80 -1.76 28.53
N ALA C 176 -1.52 -1.41 28.49
CA ALA C 176 -0.65 -1.61 29.64
C ALA C 176 -0.91 -0.51 30.67
N VAL C 177 -1.22 0.68 30.17
CA VAL C 177 -1.49 1.84 31.02
C VAL C 177 -2.55 2.72 30.35
N VAL C 178 -3.35 3.39 31.17
CA VAL C 178 -4.36 4.31 30.66
C VAL C 178 -4.01 5.67 31.25
N LEU C 179 -3.83 6.66 30.39
CA LEU C 179 -3.48 8.01 30.82
C LEU C 179 -4.67 8.94 30.60
N MSE C 180 -5.06 9.66 31.65
CA MSE C 180 -6.18 10.59 31.58
C MSE C 180 -5.71 12.03 31.73
O MSE C 180 -4.95 12.34 32.62
CB MSE C 180 -7.20 10.27 32.69
CG MSE C 180 -7.97 8.99 32.47
SE MSE C 180 -9.17 8.63 33.93
CE MSE C 180 -7.89 7.86 35.14
N GLU C 181 -6.21 12.89 30.86
CA GLU C 181 -5.84 14.30 30.91
C GLU C 181 -7.05 15.20 31.07
N CYS C 182 -6.99 16.07 32.08
CA CYS C 182 -8.06 17.03 32.36
C CYS C 182 -9.43 16.37 32.47
N VAL C 183 -9.60 15.62 33.56
CA VAL C 183 -10.82 14.89 33.86
C VAL C 183 -11.23 15.19 35.30
N LEU C 184 -12.53 15.25 35.57
CA LEU C 184 -12.99 15.49 36.94
C LEU C 184 -12.39 14.41 37.83
N ALA C 185 -11.79 14.83 38.93
CA ALA C 185 -11.15 13.90 39.86
C ALA C 185 -12.03 12.73 40.26
N GLU C 186 -13.32 12.98 40.49
CA GLU C 186 -14.24 11.92 40.89
C GLU C 186 -14.38 10.86 39.80
N LEU C 187 -14.36 11.30 38.55
CA LEU C 187 -14.48 10.39 37.42
C LEU C 187 -13.20 9.58 37.26
N ALA C 188 -12.06 10.24 37.40
CA ALA C 188 -10.77 9.58 37.27
C ALA C 188 -10.63 8.49 38.33
N LYS C 189 -11.17 8.75 39.51
CA LYS C 189 -11.10 7.78 40.60
C LYS C 189 -11.87 6.53 40.23
N LYS C 190 -13.06 6.70 39.67
CA LYS C 190 -13.87 5.56 39.27
C LYS C 190 -13.15 4.72 38.22
N VAL C 191 -12.55 5.39 37.23
CA VAL C 191 -11.82 4.68 36.18
C VAL C 191 -10.67 3.85 36.77
N THR C 192 -9.88 4.49 37.63
CA THR C 192 -8.74 3.81 38.24
C THR C 192 -9.18 2.58 39.03
N GLU C 193 -10.33 2.68 39.68
CA GLU C 193 -10.86 1.57 40.47
C GLU C 193 -11.48 0.47 39.64
N THR C 194 -11.83 0.77 38.40
CA THR C 194 -12.46 -0.22 37.54
C THR C 194 -11.57 -0.91 36.50
N VAL C 195 -10.52 -0.24 36.03
CA VAL C 195 -9.65 -0.88 35.04
C VAL C 195 -8.57 -1.72 35.72
N SER C 196 -8.12 -2.76 35.03
CA SER C 196 -7.09 -3.64 35.59
C SER C 196 -5.67 -3.06 35.53
N CYS C 197 -5.43 -2.22 34.53
CA CYS C 197 -4.13 -1.60 34.33
C CYS C 197 -3.92 -0.31 35.13
N PRO C 198 -2.65 0.06 35.36
CA PRO C 198 -2.36 1.28 36.12
C PRO C 198 -2.84 2.51 35.34
N THR C 199 -3.21 3.57 36.05
CA THR C 199 -3.63 4.79 35.39
C THR C 199 -2.65 5.90 35.77
N ILE C 200 -2.45 6.84 34.85
CA ILE C 200 -1.56 7.97 35.09
C ILE C 200 -2.42 9.19 34.76
N GLY C 201 -2.30 10.24 35.56
CA GLY C 201 -3.11 11.41 35.26
C GLY C 201 -2.37 12.74 35.24
N ILE C 202 -2.98 13.70 34.56
CA ILE C 202 -2.48 15.06 34.50
C ILE C 202 -3.77 15.87 34.46
N GLY C 203 -4.00 16.65 35.51
CA GLY C 203 -5.23 17.42 35.59
C GLY C 203 -6.38 16.45 35.79
N ALA C 204 -6.10 15.33 36.46
CA ALA C 204 -7.14 14.33 36.69
C ALA C 204 -7.29 13.92 38.15
N GLY C 205 -6.74 14.71 39.06
CA GLY C 205 -6.86 14.38 40.48
C GLY C 205 -5.73 13.49 40.96
N ALA C 206 -5.69 13.21 42.26
CA ALA C 206 -4.64 12.38 42.83
C ALA C 206 -5.02 10.91 43.02
N ASP C 207 -6.25 10.55 42.67
CA ASP C 207 -6.69 9.17 42.83
C ASP C 207 -6.24 8.24 41.71
N CYS C 208 -5.40 8.75 40.81
CA CYS C 208 -4.87 7.93 39.73
C CYS C 208 -3.72 7.12 40.31
N ASP C 209 -3.22 6.14 39.57
CA ASP C 209 -2.11 5.35 40.09
C ASP C 209 -0.78 6.06 39.94
N GLY C 210 -0.79 7.19 39.24
CA GLY C 210 0.44 7.93 39.03
C GLY C 210 0.16 9.28 38.42
N GLN C 211 1.20 10.08 38.27
CA GLN C 211 1.06 11.42 37.73
C GLN C 211 2.10 11.73 36.67
N VAL C 212 1.77 12.66 35.77
CA VAL C 212 2.72 13.09 34.77
C VAL C 212 2.59 14.60 34.57
N LEU C 213 3.71 15.24 34.23
CA LEU C 213 3.76 16.67 33.96
C LEU C 213 4.82 16.89 32.88
N VAL C 214 4.70 17.98 32.13
CA VAL C 214 5.70 18.30 31.12
C VAL C 214 6.86 18.90 31.91
N MSE C 215 8.06 18.37 31.69
CA MSE C 215 9.24 18.86 32.42
C MSE C 215 9.36 20.38 32.43
O MSE C 215 9.56 21.00 33.47
CB MSE C 215 10.52 18.26 31.82
CG MSE C 215 11.77 18.67 32.57
SE MSE C 215 13.38 18.20 31.61
CE MSE C 215 13.72 19.89 30.76
N HIS C 216 9.23 20.98 31.26
CA HIS C 216 9.36 22.44 31.16
C HIS C 216 8.34 23.20 31.99
N ASP C 217 7.14 22.64 32.13
CA ASP C 217 6.10 23.29 32.94
C ASP C 217 6.47 23.28 34.41
N MSE C 218 6.83 22.10 34.92
CA MSE C 218 7.16 21.98 36.33
C MSE C 218 8.51 22.59 36.74
O MSE C 218 8.78 22.76 37.93
CB MSE C 218 7.06 20.51 36.79
CG MSE C 218 7.82 19.50 35.96
SE MSE C 218 9.65 19.31 36.55
CE MSE C 218 9.35 18.32 38.20
N LEU C 219 9.34 22.94 35.76
CA LEU C 219 10.61 23.59 36.06
C LEU C 219 10.46 25.11 35.88
N GLY C 220 9.26 25.53 35.50
CA GLY C 220 8.98 26.94 35.31
C GLY C 220 9.75 27.60 34.18
N ILE C 221 9.98 26.87 33.10
CA ILE C 221 10.73 27.39 31.95
C ILE C 221 9.95 28.39 31.10
N PHE C 222 8.64 28.21 31.02
CA PHE C 222 7.81 29.11 30.22
C PHE C 222 7.42 30.35 30.99
N PRO C 223 7.33 31.50 30.29
CA PRO C 223 6.94 32.74 30.96
C PRO C 223 5.43 32.71 31.15
N GLY C 224 4.91 33.57 32.02
CA GLY C 224 3.48 33.59 32.24
C GLY C 224 3.04 32.85 33.48
N LYS C 225 1.75 32.89 33.76
CA LYS C 225 1.18 32.23 34.93
C LYS C 225 1.20 30.72 34.83
N THR C 226 1.52 30.07 35.95
CA THR C 226 1.58 28.61 36.02
C THR C 226 0.22 28.01 35.70
N ALA C 227 0.20 26.95 34.89
CA ALA C 227 -1.05 26.28 34.53
C ALA C 227 -1.73 25.75 35.79
N LYS C 228 -3.06 25.80 35.80
CA LYS C 228 -3.87 25.36 36.93
C LYS C 228 -3.46 24.06 37.60
N PHE C 229 -3.40 22.98 36.83
CA PHE C 229 -3.04 21.67 37.38
C PHE C 229 -1.54 21.39 37.38
N VAL C 230 -0.74 22.43 37.27
CA VAL C 230 0.71 22.29 37.26
C VAL C 230 1.30 23.02 38.47
N LYS C 231 2.37 22.46 39.03
CA LYS C 231 3.05 23.08 40.15
C LYS C 231 4.50 23.30 39.75
N ASN C 232 5.05 24.44 40.13
CA ASN C 232 6.44 24.77 39.84
C ASN C 232 7.32 24.16 40.93
N PHE C 233 7.99 23.07 40.61
CA PHE C 233 8.86 22.40 41.58
C PHE C 233 10.28 22.96 41.61
N MSE C 234 10.58 23.88 40.70
CA MSE C 234 11.90 24.49 40.67
C MSE C 234 12.02 25.43 41.88
O MSE C 234 13.04 25.46 42.55
CB MSE C 234 12.09 25.27 39.35
CG MSE C 234 13.45 25.93 39.16
SE MSE C 234 14.93 24.72 38.82
CE MSE C 234 15.65 24.60 40.60
N GLN C 235 10.96 26.18 42.14
CA GLN C 235 10.94 27.12 43.25
C GLN C 235 11.27 26.45 44.57
N GLY C 236 12.16 27.08 45.35
CA GLY C 236 12.53 26.51 46.64
C GLY C 236 13.73 25.60 46.62
N HIS C 237 14.28 25.34 45.42
CA HIS C 237 15.46 24.48 45.31
C HIS C 237 16.46 25.15 44.37
N ASP C 238 17.75 24.79 44.50
CA ASP C 238 18.75 25.39 43.63
C ASP C 238 19.50 24.41 42.73
N SER C 239 18.80 23.36 42.33
CA SER C 239 19.34 22.36 41.41
C SER C 239 18.14 21.68 40.78
N VAL C 240 18.25 21.34 39.49
CA VAL C 240 17.15 20.69 38.80
C VAL C 240 16.95 19.32 39.45
N GLN C 241 18.05 18.74 39.93
CA GLN C 241 18.02 17.45 40.60
C GLN C 241 17.06 17.47 41.79
N ALA C 242 17.19 18.49 42.64
CA ALA C 242 16.34 18.61 43.81
C ALA C 242 14.88 18.87 43.41
N ALA C 243 14.70 19.65 42.36
CA ALA C 243 13.36 19.96 41.88
C ALA C 243 12.63 18.68 41.46
N VAL C 244 13.32 17.81 40.73
CA VAL C 244 12.70 16.56 40.31
C VAL C 244 12.46 15.62 41.48
N ARG C 245 13.41 15.53 42.40
CA ARG C 245 13.24 14.66 43.56
C ARG C 245 12.03 15.10 44.36
N ALA C 246 11.79 16.42 44.40
CA ALA C 246 10.66 16.96 45.13
C ALA C 246 9.35 16.52 44.49
N TYR C 247 9.31 16.55 43.15
CA TYR C 247 8.13 16.12 42.42
C TYR C 247 7.81 14.66 42.72
N VAL C 248 8.84 13.81 42.62
CA VAL C 248 8.67 12.40 42.87
C VAL C 248 8.16 12.17 44.29
N ALA C 249 8.76 12.89 45.24
CA ALA C 249 8.36 12.77 46.64
C ALA C 249 6.91 13.18 46.87
N GLU C 250 6.48 14.29 46.27
CA GLU C 250 5.09 14.72 46.46
C GLU C 250 4.12 13.76 45.83
N VAL C 251 4.47 13.19 44.67
CA VAL C 251 3.59 12.24 44.02
C VAL C 251 3.45 11.02 44.92
N LYS C 252 4.57 10.55 45.48
CA LYS C 252 4.59 9.40 46.38
C LYS C 252 3.75 9.65 47.64
N ALA C 253 3.89 10.85 48.20
CA ALA C 253 3.18 11.22 49.42
C ALA C 253 1.73 11.59 49.15
N LYS C 254 1.34 11.58 47.88
CA LYS C 254 -0.01 11.91 47.47
C LYS C 254 -0.36 13.37 47.80
N THR C 255 0.65 14.22 47.92
CA THR C 255 0.41 15.63 48.20
C THR C 255 0.29 16.42 46.90
N PHE C 256 0.64 15.76 45.79
CA PHE C 256 0.52 16.36 44.46
C PHE C 256 -0.12 15.33 43.52
N PRO C 257 -1.17 15.73 42.78
CA PRO C 257 -1.75 17.08 42.80
C PRO C 257 -2.52 17.34 44.08
N ALA C 258 -2.63 18.61 44.47
CA ALA C 258 -3.35 18.99 45.68
C ALA C 258 -4.79 19.32 45.34
N LEU D 3 23.17 -33.33 2.99
CA LEU D 3 22.29 -32.17 2.65
C LEU D 3 20.96 -32.27 3.40
N ILE D 4 20.79 -31.41 4.39
CA ILE D 4 19.60 -31.41 5.24
C ILE D 4 18.38 -30.72 4.64
N THR D 5 17.28 -31.45 4.52
CA THR D 5 16.04 -30.90 3.99
C THR D 5 14.93 -31.14 5.01
N VAL D 6 13.74 -30.60 4.75
CA VAL D 6 12.62 -30.80 5.66
C VAL D 6 12.36 -32.31 5.77
N ASN D 7 12.53 -33.02 4.66
CA ASN D 7 12.31 -34.47 4.66
C ASN D 7 13.27 -35.13 5.65
N THR D 8 14.53 -34.68 5.65
CA THR D 8 15.54 -35.20 6.56
C THR D 8 15.08 -35.05 8.01
N LEU D 9 14.58 -33.87 8.34
CA LEU D 9 14.13 -33.59 9.71
C LEU D 9 12.96 -34.48 10.11
N GLN D 10 12.02 -34.68 9.19
CA GLN D 10 10.86 -35.52 9.49
C GLN D 10 11.30 -36.97 9.72
N LYS D 11 12.23 -37.46 8.91
CA LYS D 11 12.72 -38.82 9.08
C LYS D 11 13.44 -38.95 10.41
N MSE D 12 14.16 -37.90 10.81
CA MSE D 12 14.87 -37.92 12.07
C MSE D 12 13.90 -37.95 13.25
O MSE D 12 14.12 -38.67 14.23
CB MSE D 12 15.80 -36.69 12.17
CG MSE D 12 16.99 -36.77 11.22
SE MSE D 12 18.16 -35.23 11.26
CE MSE D 12 18.89 -35.48 13.02
N LYS D 13 12.80 -37.20 13.15
CA LYS D 13 11.81 -37.18 14.22
C LYS D 13 11.25 -38.59 14.39
N ALA D 14 10.90 -39.21 13.27
CA ALA D 14 10.32 -40.55 13.26
C ALA D 14 11.28 -41.60 13.83
N ALA D 15 12.58 -41.41 13.59
CA ALA D 15 13.61 -42.34 14.06
C ALA D 15 14.13 -41.99 15.46
N GLY D 16 13.68 -40.86 15.99
CA GLY D 16 14.13 -40.46 17.31
C GLY D 16 15.54 -39.91 17.35
N GLU D 17 16.10 -39.57 16.18
CA GLU D 17 17.45 -39.03 16.11
C GLU D 17 17.39 -37.53 16.39
N LYS D 18 17.96 -37.10 17.51
CA LYS D 18 17.92 -35.68 17.88
C LYS D 18 18.63 -34.76 16.90
N ILE D 19 17.99 -33.64 16.61
CA ILE D 19 18.51 -32.64 15.68
C ILE D 19 19.32 -31.57 16.40
N ALA D 20 20.50 -31.25 15.87
CA ALA D 20 21.35 -30.24 16.48
C ALA D 20 21.28 -28.92 15.72
N MSE D 21 20.87 -27.86 16.42
CA MSE D 21 20.77 -26.53 15.83
C MSE D 21 21.59 -25.56 16.67
O MSE D 21 21.66 -25.68 17.89
CB MSE D 21 19.30 -26.08 15.81
CG MSE D 21 19.08 -24.63 15.35
SE MSE D 21 17.23 -24.03 15.52
CE MSE D 21 16.74 -24.07 13.66
N LEU D 22 22.24 -24.61 16.01
CA LEU D 22 23.03 -23.57 16.68
C LEU D 22 22.86 -22.32 15.86
N THR D 23 22.99 -21.16 16.50
CA THR D 23 22.89 -19.93 15.75
C THR D 23 24.21 -19.67 15.04
N ALA D 24 24.13 -18.93 13.94
CA ALA D 24 25.29 -18.60 13.12
C ALA D 24 25.03 -17.25 12.50
N TYR D 25 26.04 -16.39 12.46
CA TYR D 25 25.88 -15.05 11.90
C TYR D 25 27.01 -14.68 10.94
N GLU D 26 28.03 -15.53 10.84
CA GLU D 26 29.19 -15.27 9.98
C GLU D 26 29.51 -16.51 9.14
N SER D 27 30.16 -16.31 8.01
CA SER D 27 30.51 -17.42 7.12
C SER D 27 31.49 -18.42 7.74
N SER D 28 32.54 -17.91 8.36
CA SER D 28 33.58 -18.76 8.97
C SER D 28 33.02 -19.72 10.01
N PHE D 29 32.25 -19.20 10.95
CA PHE D 29 31.68 -20.06 11.98
C PHE D 29 30.64 -21.00 11.40
N ALA D 30 29.90 -20.53 10.39
CA ALA D 30 28.88 -21.39 9.76
C ALA D 30 29.54 -22.60 9.12
N ALA D 31 30.65 -22.37 8.43
CA ALA D 31 31.38 -23.46 7.77
C ALA D 31 31.91 -24.44 8.82
N LEU D 32 32.40 -23.90 9.93
CA LEU D 32 32.94 -24.73 11.01
C LEU D 32 31.84 -25.60 11.62
N MSE D 33 30.68 -25.01 11.87
CA MSE D 33 29.58 -25.75 12.46
C MSE D 33 29.02 -26.80 11.50
O MSE D 33 28.65 -27.91 11.92
CB MSE D 33 28.47 -24.79 12.91
CG MSE D 33 28.87 -23.93 14.09
SE MSE D 33 27.52 -22.65 14.58
CE MSE D 33 28.09 -21.17 13.47
N ASP D 34 28.96 -26.46 10.23
CA ASP D 34 28.47 -27.37 9.20
C ASP D 34 29.37 -28.60 9.18
N ASP D 35 30.68 -28.37 9.19
CA ASP D 35 31.67 -29.45 9.17
C ASP D 35 31.63 -30.26 10.47
N ALA D 36 31.24 -29.62 11.57
CA ALA D 36 31.17 -30.29 12.86
C ALA D 36 29.91 -31.12 13.07
N GLY D 37 28.99 -31.09 12.11
CA GLY D 37 27.78 -31.88 12.25
C GLY D 37 26.49 -31.17 12.61
N VAL D 38 26.52 -29.84 12.72
CA VAL D 38 25.31 -29.10 13.03
C VAL D 38 24.41 -29.19 11.81
N GLU D 39 23.16 -29.60 12.03
CA GLU D 39 22.22 -29.80 10.94
C GLU D 39 21.36 -28.60 10.58
N MSE D 40 21.16 -27.70 11.53
CA MSE D 40 20.37 -26.50 11.29
C MSE D 40 21.13 -25.29 11.80
O MSE D 40 21.56 -25.25 12.96
CB MSE D 40 19.02 -26.57 12.00
CG MSE D 40 18.10 -27.71 11.52
SE MSE D 40 16.44 -27.79 12.52
CE MSE D 40 15.38 -26.64 11.38
N LEU D 41 21.32 -24.30 10.93
CA LEU D 41 22.02 -23.08 11.30
C LEU D 41 20.99 -21.97 11.43
N LEU D 42 20.82 -21.45 12.65
CA LEU D 42 19.83 -20.40 12.86
C LEU D 42 20.43 -19.00 12.80
N VAL D 43 20.11 -18.27 11.75
CA VAL D 43 20.57 -16.89 11.62
C VAL D 43 19.45 -16.18 12.38
N GLY D 44 19.62 -16.08 13.70
CA GLY D 44 18.58 -15.49 14.53
C GLY D 44 18.73 -14.02 14.88
N ASP D 45 17.62 -13.38 15.24
CA ASP D 45 17.69 -11.98 15.59
C ASP D 45 18.44 -11.80 16.91
N SER D 46 18.91 -12.92 17.47
CA SER D 46 19.70 -12.86 18.69
C SER D 46 21.00 -12.12 18.35
N LEU D 47 21.26 -11.95 17.06
CA LEU D 47 22.45 -11.23 16.64
C LEU D 47 22.34 -9.77 17.09
N GLY D 48 21.12 -9.34 17.38
CA GLY D 48 20.92 -7.97 17.84
C GLY D 48 21.69 -7.74 19.12
N MSE D 49 21.87 -8.81 19.89
CA MSE D 49 22.58 -8.71 21.15
C MSE D 49 24.01 -9.25 21.03
O MSE D 49 24.97 -8.59 21.43
CB MSE D 49 21.79 -9.44 22.23
CG MSE D 49 20.33 -8.95 22.32
SE MSE D 49 19.23 -9.73 23.71
CE MSE D 49 20.04 -8.89 25.25
N ALA D 50 24.16 -10.44 20.45
CA ALA D 50 25.49 -11.06 20.31
C ALA D 50 26.43 -10.39 19.30
N VAL D 51 25.87 -9.82 18.24
CA VAL D 51 26.68 -9.17 17.22
C VAL D 51 26.65 -7.65 17.29
N GLN D 52 25.44 -7.11 17.43
CA GLN D 52 25.27 -5.66 17.47
C GLN D 52 25.45 -5.04 18.85
N GLY D 53 25.44 -5.86 19.89
CA GLY D 53 25.63 -5.36 21.24
C GLY D 53 24.48 -4.56 21.84
N ARG D 54 23.28 -4.74 21.30
CA ARG D 54 22.10 -4.02 21.81
C ARG D 54 21.52 -4.74 23.04
N LYS D 55 20.57 -4.08 23.70
CA LYS D 55 19.93 -4.63 24.88
C LYS D 55 18.74 -5.55 24.58
N SER D 56 18.26 -5.51 23.33
CA SER D 56 17.15 -6.36 22.92
C SER D 56 17.27 -6.66 21.43
N THR D 57 16.38 -7.52 20.91
CA THR D 57 16.40 -7.88 19.50
C THR D 57 15.49 -7.02 18.65
N LEU D 58 14.68 -6.17 19.29
CA LEU D 58 13.74 -5.35 18.53
C LEU D 58 14.34 -4.41 17.48
N PRO D 59 15.52 -3.82 17.73
CA PRO D 59 16.07 -2.92 16.71
C PRO D 59 16.62 -3.59 15.44
N VAL D 60 16.73 -4.91 15.43
CA VAL D 60 17.26 -5.61 14.25
C VAL D 60 16.34 -5.39 13.05
N SER D 61 16.93 -5.07 11.90
CA SER D 61 16.15 -4.82 10.69
C SER D 61 16.17 -5.99 9.71
N LEU D 62 15.29 -5.93 8.72
CA LEU D 62 15.23 -6.98 7.71
C LEU D 62 16.53 -6.93 6.92
N ARG D 63 17.07 -5.74 6.71
CA ARG D 63 18.33 -5.61 5.99
C ARG D 63 19.44 -6.33 6.77
N ASP D 64 19.44 -6.20 8.09
CA ASP D 64 20.45 -6.87 8.90
C ASP D 64 20.32 -8.39 8.75
N MSE D 65 19.08 -8.89 8.80
CA MSE D 65 18.85 -10.33 8.67
C MSE D 65 19.27 -10.87 7.31
O MSE D 65 19.84 -11.97 7.21
CB MSE D 65 17.38 -10.66 8.93
CG MSE D 65 16.90 -10.30 10.34
SE MSE D 65 18.02 -11.05 11.74
CE MSE D 65 17.98 -12.90 11.20
N CYS D 66 18.99 -10.12 6.24
CA CYS D 66 19.37 -10.56 4.90
C CYS D 66 20.89 -10.56 4.76
N TYR D 67 21.54 -9.56 5.35
CA TYR D 67 22.99 -9.47 5.29
C TYR D 67 23.64 -10.69 5.95
N HIS D 68 23.25 -10.96 7.20
CA HIS D 68 23.83 -12.10 7.90
C HIS D 68 23.42 -13.42 7.26
N THR D 69 22.24 -13.47 6.65
CA THR D 69 21.81 -14.69 5.98
C THR D 69 22.73 -14.93 4.78
N GLU D 70 23.04 -13.87 4.04
CA GLU D 70 23.93 -13.99 2.89
C GLU D 70 25.32 -14.44 3.32
N CYS D 71 25.80 -13.92 4.44
CA CYS D 71 27.11 -14.29 4.97
C CYS D 71 27.15 -15.78 5.31
N VAL D 72 26.17 -16.24 6.08
CA VAL D 72 26.11 -17.65 6.49
C VAL D 72 25.97 -18.58 5.28
N ALA D 73 25.23 -18.12 4.27
CA ALA D 73 25.01 -18.92 3.06
C ALA D 73 26.31 -19.16 2.29
N ARG D 74 27.30 -18.29 2.44
CA ARG D 74 28.56 -18.50 1.73
C ARG D 74 29.44 -19.50 2.46
N GLY D 75 29.09 -19.81 3.71
CA GLY D 75 29.88 -20.75 4.48
C GLY D 75 29.26 -22.12 4.66
N ALA D 76 27.93 -22.17 4.68
CA ALA D 76 27.22 -23.42 4.86
C ALA D 76 27.29 -24.33 3.64
N LYS D 77 27.30 -25.63 3.89
CA LYS D 77 27.35 -26.62 2.82
C LYS D 77 26.12 -27.52 2.85
N ASN D 78 26.04 -28.39 3.85
CA ASN D 78 24.92 -29.33 3.97
C ASN D 78 23.81 -28.86 4.90
N ALA D 79 24.17 -28.09 5.92
CA ALA D 79 23.21 -27.63 6.91
C ALA D 79 22.08 -26.78 6.32
N MSE D 80 20.92 -26.84 6.96
CA MSE D 80 19.78 -26.06 6.53
C MSE D 80 19.87 -24.72 7.22
O MSE D 80 20.08 -24.65 8.44
CB MSE D 80 18.48 -26.74 6.93
CG MSE D 80 17.25 -25.93 6.56
SE MSE D 80 15.74 -26.56 7.52
CE MSE D 80 15.32 -28.07 6.40
N ILE D 81 19.71 -23.64 6.45
CA ILE D 81 19.77 -22.30 6.99
C ILE D 81 18.37 -21.81 7.33
N VAL D 82 18.15 -21.45 8.59
CA VAL D 82 16.86 -20.93 9.04
C VAL D 82 17.10 -19.47 9.41
N SER D 83 16.27 -18.56 8.89
CA SER D 83 16.44 -17.14 9.18
C SER D 83 15.23 -16.54 9.89
N ASP D 84 15.50 -15.76 10.94
CA ASP D 84 14.43 -15.12 11.70
C ASP D 84 13.83 -13.93 10.97
N LEU D 85 12.51 -13.82 11.01
CA LEU D 85 11.84 -12.64 10.45
C LEU D 85 12.00 -11.70 11.65
N PRO D 86 12.63 -10.53 11.46
CA PRO D 86 12.84 -9.57 12.55
C PRO D 86 11.61 -8.78 12.97
N PHE D 87 11.63 -8.31 14.22
CA PHE D 87 10.52 -7.54 14.78
C PHE D 87 10.13 -6.38 13.87
N GLY D 88 8.84 -6.27 13.60
CA GLY D 88 8.34 -5.18 12.77
C GLY D 88 8.27 -5.49 11.29
N ALA D 89 9.00 -6.49 10.84
CA ALA D 89 9.02 -6.82 9.42
C ALA D 89 7.96 -7.82 8.95
N TYR D 90 7.22 -8.44 9.87
CA TYR D 90 6.25 -9.44 9.45
C TYR D 90 4.90 -9.46 10.17
N GLN D 91 4.77 -8.71 11.26
CA GLN D 91 3.52 -8.75 12.02
C GLN D 91 2.37 -7.88 11.52
N GLN D 92 2.63 -7.04 10.52
CA GLN D 92 1.59 -6.17 10.00
C GLN D 92 0.47 -6.95 9.30
N SER D 93 0.84 -7.99 8.57
CA SER D 93 -0.13 -8.81 7.84
C SER D 93 0.60 -10.01 7.26
N LYS D 94 -0.17 -11.02 6.83
CA LYS D 94 0.43 -12.21 6.25
C LYS D 94 1.12 -11.84 4.93
N GLU D 95 0.61 -10.80 4.27
CA GLU D 95 1.19 -10.34 3.01
C GLU D 95 2.58 -9.73 3.27
N GLN D 96 2.68 -8.94 4.34
CA GLN D 96 3.97 -8.33 4.67
C GLN D 96 4.94 -9.44 5.07
N ALA D 97 4.44 -10.42 5.83
CA ALA D 97 5.27 -11.53 6.28
C ALA D 97 5.84 -12.26 5.07
N PHE D 98 5.00 -12.48 4.06
CA PHE D 98 5.47 -13.16 2.86
C PHE D 98 6.56 -12.36 2.15
N ALA D 99 6.36 -11.06 2.01
CA ALA D 99 7.35 -10.21 1.35
C ALA D 99 8.70 -10.27 2.07
N ALA D 100 8.65 -10.21 3.41
CA ALA D 100 9.86 -10.26 4.22
C ALA D 100 10.52 -11.62 4.11
N ALA D 101 9.72 -12.68 4.23
CA ALA D 101 10.22 -14.04 4.14
C ALA D 101 10.85 -14.30 2.77
N ALA D 102 10.24 -13.73 1.72
CA ALA D 102 10.75 -13.91 0.37
C ALA D 102 12.13 -13.27 0.22
N GLU D 103 12.37 -12.16 0.92
CA GLU D 103 13.67 -11.52 0.84
C GLU D 103 14.71 -12.42 1.51
N LEU D 104 14.33 -13.03 2.62
CA LEU D 104 15.22 -13.92 3.36
C LEU D 104 15.55 -15.16 2.53
N MSE D 105 14.54 -15.71 1.85
CA MSE D 105 14.79 -16.87 0.99
C MSE D 105 15.73 -16.47 -0.15
O MSE D 105 16.64 -17.20 -0.50
CB MSE D 105 13.46 -17.41 0.41
CG MSE D 105 12.45 -17.91 1.45
SE MSE D 105 13.05 -19.35 2.62
CE MSE D 105 13.13 -20.76 1.29
N ALA D 106 15.53 -15.28 -0.71
CA ALA D 106 16.40 -14.80 -1.79
C ALA D 106 17.83 -14.62 -1.29
N ALA D 107 17.97 -14.29 0.00
CA ALA D 107 19.29 -14.09 0.61
C ALA D 107 20.00 -15.41 0.92
N GLY D 108 19.30 -16.52 0.78
CA GLY D 108 19.94 -17.81 1.05
C GLY D 108 19.29 -18.70 2.09
N ALA D 109 18.22 -18.25 2.73
CA ALA D 109 17.56 -19.07 3.73
C ALA D 109 16.81 -20.23 3.09
N HIS D 110 16.64 -21.31 3.85
CA HIS D 110 15.91 -22.49 3.38
C HIS D 110 14.61 -22.60 4.17
N MSE D 111 14.50 -21.78 5.20
CA MSE D 111 13.33 -21.77 6.08
C MSE D 111 13.36 -20.46 6.86
O MSE D 111 14.43 -19.87 7.02
CB MSE D 111 13.42 -22.95 7.06
CG MSE D 111 12.29 -23.08 8.07
SE MSE D 111 12.59 -24.58 9.33
CE MSE D 111 12.34 -26.05 8.09
N VAL D 112 12.21 -19.99 7.32
CA VAL D 112 12.16 -18.76 8.11
C VAL D 112 11.51 -19.06 9.46
N LYS D 113 11.85 -18.26 10.47
CA LYS D 113 11.27 -18.45 11.79
C LYS D 113 10.48 -17.21 12.20
N LEU D 114 9.30 -17.43 12.77
CA LEU D 114 8.47 -16.32 13.22
C LEU D 114 8.03 -16.61 14.65
N GLU D 115 7.76 -15.56 15.43
CA GLU D 115 7.36 -15.72 16.81
C GLU D 115 5.88 -15.35 17.00
N GLY D 116 5.16 -16.17 17.74
CA GLY D 116 3.75 -15.88 17.97
C GLY D 116 2.88 -17.11 18.17
N GLY D 117 1.75 -16.92 18.83
CA GLY D 117 0.85 -18.02 19.10
C GLY D 117 -0.19 -18.23 18.01
N VAL D 118 -1.38 -18.67 18.41
CA VAL D 118 -2.45 -18.93 17.46
C VAL D 118 -2.72 -17.78 16.49
N TRP D 119 -2.55 -16.55 16.95
CA TRP D 119 -2.80 -15.38 16.10
C TRP D 119 -1.86 -15.29 14.90
N MSE D 120 -0.78 -16.07 14.92
CA MSE D 120 0.17 -16.06 13.81
C MSE D 120 0.04 -17.28 12.90
O MSE D 120 0.72 -17.36 11.88
CB MSE D 120 1.60 -15.99 14.36
CG MSE D 120 2.07 -14.60 14.71
SE MSE D 120 2.27 -13.50 13.11
CE MSE D 120 0.53 -12.69 13.07
N ALA D 121 -0.84 -18.20 13.26
CA ALA D 121 -1.03 -19.41 12.46
C ALA D 121 -1.49 -19.14 11.02
N GLU D 122 -2.29 -18.10 10.82
CA GLU D 122 -2.76 -17.78 9.48
C GLU D 122 -1.57 -17.38 8.61
N THR D 123 -0.60 -16.71 9.22
CA THR D 123 0.60 -16.30 8.51
C THR D 123 1.43 -17.53 8.16
N THR D 124 1.54 -18.46 9.10
CA THR D 124 2.28 -19.70 8.85
C THR D 124 1.70 -20.40 7.63
N GLU D 125 0.37 -20.53 7.60
CA GLU D 125 -0.26 -21.21 6.47
C GLU D 125 0.00 -20.47 5.15
N PHE D 126 -0.13 -19.15 5.18
CA PHE D 126 0.09 -18.33 4.00
C PHE D 126 1.47 -18.55 3.39
N LEU D 127 2.50 -18.56 4.23
CA LEU D 127 3.87 -18.75 3.77
C LEU D 127 4.13 -20.17 3.27
N GLN D 128 3.72 -21.16 4.05
CA GLN D 128 3.95 -22.56 3.70
C GLN D 128 3.31 -22.93 2.38
N MSE D 129 2.09 -22.44 2.14
CA MSE D 129 1.38 -22.75 0.90
C MSE D 129 2.12 -22.18 -0.30
O MSE D 129 1.99 -22.66 -1.43
CB MSE D 129 -0.04 -22.18 0.95
CG MSE D 129 -0.91 -22.90 1.96
CG MSE D 129 -0.93 -22.59 -0.20
SE MSE D 129 -2.78 -22.45 1.85
SE MSE D 129 -1.57 -24.39 0.01
CE MSE D 129 -3.24 -23.46 0.28
CE MSE D 129 -3.11 -24.03 1.12
N ARG D 130 2.93 -21.14 -0.05
CA ARG D 130 3.67 -20.49 -1.11
C ARG D 130 5.13 -20.93 -1.24
N GLY D 131 5.48 -22.05 -0.62
CA GLY D 131 6.83 -22.57 -0.75
C GLY D 131 7.86 -22.14 0.27
N ILE D 132 7.43 -21.41 1.30
CA ILE D 132 8.36 -20.95 2.32
C ILE D 132 8.16 -21.76 3.60
N PRO D 133 9.12 -22.64 3.92
CA PRO D 133 9.01 -23.46 5.12
C PRO D 133 9.06 -22.55 6.34
N VAL D 134 8.23 -22.83 7.33
CA VAL D 134 8.17 -22.00 8.52
C VAL D 134 8.50 -22.73 9.82
N CYS D 135 9.31 -22.08 10.66
CA CYS D 135 9.64 -22.61 11.97
C CYS D 135 8.85 -21.69 12.90
N ALA D 136 7.85 -22.23 13.59
CA ALA D 136 7.02 -21.43 14.49
C ALA D 136 7.59 -21.46 15.90
N HIS D 137 7.96 -20.27 16.39
CA HIS D 137 8.56 -20.09 17.70
C HIS D 137 7.51 -19.73 18.75
N ILE D 138 7.28 -20.64 19.69
CA ILE D 138 6.30 -20.43 20.75
C ILE D 138 6.97 -20.51 22.13
N GLY D 139 6.22 -20.14 23.15
CA GLY D 139 6.77 -20.15 24.51
C GLY D 139 7.27 -18.75 24.83
N LEU D 140 8.51 -18.64 25.28
CA LEU D 140 9.09 -17.35 25.58
C LEU D 140 9.61 -16.77 24.27
N THR D 141 9.02 -15.66 23.85
CA THR D 141 9.42 -15.01 22.61
C THR D 141 10.06 -13.65 22.89
N PRO D 142 11.39 -13.56 22.74
CA PRO D 142 12.19 -12.36 22.97
C PRO D 142 11.66 -11.07 22.35
N GLN D 143 10.99 -11.18 21.21
CA GLN D 143 10.45 -9.99 20.54
C GLN D 143 9.32 -9.31 21.34
N SER D 144 8.77 -10.03 22.31
CA SER D 144 7.69 -9.48 23.13
C SER D 144 8.17 -9.23 24.56
N VAL D 145 9.48 -9.23 24.75
CA VAL D 145 10.09 -9.03 26.05
C VAL D 145 9.58 -7.80 26.82
N PHE D 146 9.22 -6.74 26.11
CA PHE D 146 8.73 -5.53 26.77
C PHE D 146 7.28 -5.63 27.21
N ALA D 147 6.52 -6.52 26.59
CA ALA D 147 5.11 -6.70 26.93
C ALA D 147 4.94 -7.57 28.18
N GLY D 158 -3.44 -23.85 33.16
CA GLY D 158 -4.13 -23.00 32.14
C GLY D 158 -3.19 -22.52 31.06
N LYS D 159 -2.15 -21.79 31.47
CA LYS D 159 -1.17 -21.27 30.53
C LYS D 159 -0.50 -22.41 29.77
N ALA D 160 -0.70 -23.63 30.25
CA ALA D 160 -0.13 -24.81 29.60
C ALA D 160 -0.99 -25.21 28.42
N GLN D 161 -2.31 -25.01 28.56
CA GLN D 161 -3.24 -25.35 27.49
C GLN D 161 -3.06 -24.38 26.32
N ALA D 162 -2.67 -23.15 26.63
CA ALA D 162 -2.46 -22.13 25.61
C ALA D 162 -1.27 -22.52 24.73
N LEU D 163 -0.22 -23.02 25.36
CA LEU D 163 0.98 -23.44 24.64
C LEU D 163 0.63 -24.59 23.70
N LEU D 164 -0.12 -25.55 24.23
CA LEU D 164 -0.55 -26.69 23.43
C LEU D 164 -1.36 -26.19 22.23
N ASN D 165 -2.25 -25.23 22.47
CA ASN D 165 -3.06 -24.69 21.39
C ASN D 165 -2.20 -23.98 20.35
N ASP D 166 -1.20 -23.23 20.82
CA ASP D 166 -0.30 -22.53 19.92
C ASP D 166 0.41 -23.52 19.01
N ALA D 167 0.93 -24.59 19.60
CA ALA D 167 1.64 -25.61 18.85
C ALA D 167 0.73 -26.30 17.83
N LYS D 168 -0.46 -26.68 18.27
CA LYS D 168 -1.39 -27.36 17.36
C LYS D 168 -1.87 -26.42 16.26
N ALA D 169 -2.03 -25.14 16.59
CA ALA D 169 -2.47 -24.16 15.59
C ALA D 169 -1.44 -24.10 14.46
N HIS D 170 -0.17 -23.99 14.81
CA HIS D 170 0.88 -23.92 13.79
C HIS D 170 1.07 -25.23 13.06
N ASP D 171 0.95 -26.34 13.78
CA ASP D 171 1.09 -27.65 13.17
C ASP D 171 0.01 -27.82 12.10
N ASP D 172 -1.24 -27.50 12.47
CA ASP D 172 -2.35 -27.62 11.54
C ASP D 172 -2.19 -26.69 10.35
N ALA D 173 -1.48 -25.58 10.55
CA ALA D 173 -1.26 -24.61 9.49
C ALA D 173 -0.15 -25.05 8.53
N GLY D 174 0.56 -26.12 8.89
CA GLY D 174 1.62 -26.62 8.03
C GLY D 174 3.04 -26.21 8.38
N ALA D 175 3.26 -25.80 9.63
CA ALA D 175 4.59 -25.41 10.05
C ALA D 175 5.54 -26.59 9.85
N ALA D 176 6.74 -26.33 9.35
CA ALA D 176 7.72 -27.39 9.13
C ALA D 176 8.33 -27.80 10.46
N VAL D 177 8.53 -26.82 11.35
CA VAL D 177 9.11 -27.06 12.67
C VAL D 177 8.46 -26.16 13.71
N VAL D 178 8.40 -26.63 14.95
CA VAL D 178 7.89 -25.84 16.05
C VAL D 178 9.02 -25.73 17.06
N LEU D 179 9.37 -24.50 17.43
CA LEU D 179 10.45 -24.27 18.38
C LEU D 179 9.90 -23.74 19.70
N MSE D 180 10.27 -24.39 20.81
CA MSE D 180 9.80 -23.98 22.13
C MSE D 180 10.94 -23.45 22.98
O MSE D 180 12.00 -24.07 23.07
CB MSE D 180 9.14 -25.16 22.85
CG MSE D 180 7.85 -25.62 22.22
SE MSE D 180 7.13 -27.15 23.16
CE MSE D 180 8.06 -28.52 22.16
N GLU D 181 10.72 -22.30 23.62
CA GLU D 181 11.74 -21.69 24.46
C GLU D 181 11.26 -21.55 25.90
N CYS D 182 12.03 -22.09 26.84
CA CYS D 182 11.71 -22.03 28.26
C CYS D 182 10.29 -22.51 28.55
N VAL D 183 10.10 -23.82 28.43
CA VAL D 183 8.81 -24.47 28.66
C VAL D 183 9.05 -25.67 29.58
N LEU D 184 8.09 -25.96 30.45
CA LEU D 184 8.21 -27.09 31.35
C LEU D 184 8.48 -28.32 30.50
N ALA D 185 9.52 -29.08 30.85
CA ALA D 185 9.89 -30.28 30.11
C ALA D 185 8.72 -31.21 29.83
N GLU D 186 7.96 -31.55 30.87
CA GLU D 186 6.81 -32.43 30.72
C GLU D 186 5.86 -31.89 29.66
N LEU D 187 5.69 -30.58 29.65
CA LEU D 187 4.82 -29.92 28.69
C LEU D 187 5.42 -30.05 27.28
N ALA D 188 6.70 -29.74 27.17
CA ALA D 188 7.38 -29.83 25.88
C ALA D 188 7.27 -31.24 25.31
N LYS D 189 7.35 -32.24 26.18
CA LYS D 189 7.25 -33.62 25.75
C LYS D 189 5.88 -33.93 25.15
N LYS D 190 4.83 -33.48 25.83
CA LYS D 190 3.48 -33.72 25.35
C LYS D 190 3.29 -33.06 23.98
N VAL D 191 3.76 -31.83 23.83
CA VAL D 191 3.64 -31.13 22.56
C VAL D 191 4.36 -31.91 21.46
N THR D 192 5.59 -32.32 21.74
CA THR D 192 6.38 -33.07 20.78
C THR D 192 5.69 -34.36 20.34
N GLU D 193 5.01 -35.00 21.27
CA GLU D 193 4.29 -36.24 20.98
C GLU D 193 2.96 -35.99 20.29
N THR D 194 2.51 -34.73 20.31
CA THR D 194 1.24 -34.37 19.70
C THR D 194 1.32 -33.84 18.29
N VAL D 195 2.18 -32.85 18.05
CA VAL D 195 2.31 -32.29 16.72
C VAL D 195 3.00 -33.26 15.76
N SER D 196 2.70 -33.14 14.48
CA SER D 196 3.27 -34.02 13.48
C SER D 196 4.67 -33.59 13.06
N CYS D 197 4.96 -32.30 13.17
CA CYS D 197 6.26 -31.78 12.78
C CYS D 197 7.32 -31.91 13.86
N PRO D 198 8.60 -31.82 13.49
CA PRO D 198 9.68 -31.93 14.47
C PRO D 198 9.64 -30.70 15.38
N THR D 199 10.10 -30.86 16.62
CA THR D 199 10.16 -29.75 17.58
C THR D 199 11.61 -29.54 17.96
N ILE D 200 11.98 -28.28 18.21
CA ILE D 200 13.33 -27.94 18.62
C ILE D 200 13.14 -27.17 19.93
N GLY D 201 14.00 -27.44 20.91
CA GLY D 201 13.83 -26.73 22.15
C GLY D 201 15.09 -26.07 22.71
N ILE D 202 14.85 -25.07 23.56
CA ILE D 202 15.92 -24.38 24.26
C ILE D 202 15.28 -24.10 25.61
N GLY D 203 15.81 -24.74 26.66
CA GLY D 203 15.23 -24.57 27.98
C GLY D 203 13.88 -25.28 28.03
N ALA D 204 13.71 -26.28 27.17
CA ALA D 204 12.47 -27.04 27.11
C ALA D 204 12.62 -28.54 27.33
N GLY D 205 13.75 -28.96 27.91
CA GLY D 205 13.95 -30.38 28.16
C GLY D 205 14.55 -31.14 26.99
N ALA D 206 14.88 -32.40 27.22
CA ALA D 206 15.50 -33.23 26.18
C ALA D 206 14.52 -34.05 25.35
N ASP D 207 13.24 -33.99 25.66
CA ASP D 207 12.28 -34.76 24.89
C ASP D 207 11.81 -34.11 23.59
N CYS D 208 12.35 -32.93 23.28
CA CYS D 208 12.00 -32.27 22.02
C CYS D 208 12.75 -33.08 20.97
N ASP D 209 12.42 -32.88 19.70
CA ASP D 209 13.11 -33.62 18.64
C ASP D 209 14.49 -33.08 18.32
N GLY D 210 14.84 -31.98 18.97
CA GLY D 210 16.14 -31.37 18.75
C GLY D 210 16.39 -30.24 19.73
N GLN D 211 17.59 -29.66 19.66
CA GLN D 211 17.98 -28.59 20.55
C GLN D 211 18.64 -27.43 19.82
N VAL D 212 18.60 -26.25 20.43
CA VAL D 212 19.25 -25.07 19.86
C VAL D 212 19.84 -24.25 21.01
N LEU D 213 20.97 -23.61 20.72
CA LEU D 213 21.63 -22.73 21.68
C LEU D 213 22.26 -21.62 20.86
N VAL D 214 22.48 -20.46 21.48
CA VAL D 214 23.12 -19.34 20.80
C VAL D 214 24.61 -19.64 20.86
N MSE D 215 25.27 -19.62 19.70
CA MSE D 215 26.70 -19.92 19.63
C MSE D 215 27.55 -19.22 20.68
O MSE D 215 28.32 -19.87 21.40
CB MSE D 215 27.25 -19.57 18.25
CG MSE D 215 28.71 -19.98 18.07
SE MSE D 215 29.53 -19.28 16.48
CE MSE D 215 30.35 -17.71 17.25
N HIS D 216 27.42 -17.90 20.78
CA HIS D 216 28.20 -17.15 21.74
C HIS D 216 27.99 -17.57 23.18
N ASP D 217 26.78 -18.02 23.50
CA ASP D 217 26.48 -18.47 24.85
C ASP D 217 27.21 -19.77 25.15
N MSE D 218 27.09 -20.75 24.25
CA MSE D 218 27.73 -22.03 24.48
C MSE D 218 29.24 -22.04 24.27
O MSE D 218 29.89 -23.04 24.58
CB MSE D 218 27.05 -23.12 23.64
CG MSE D 218 26.92 -22.85 22.15
SE MSE D 218 28.48 -23.33 21.15
CE MSE D 218 28.29 -25.26 21.13
N LEU D 219 29.80 -20.95 23.77
CA LEU D 219 31.25 -20.86 23.60
C LEU D 219 31.82 -20.01 24.73
N GLY D 220 30.95 -19.60 25.65
CA GLY D 220 31.37 -18.81 26.79
C GLY D 220 31.97 -17.45 26.45
N ILE D 221 31.48 -16.84 25.38
CA ILE D 221 31.99 -15.53 24.97
C ILE D 221 31.60 -14.40 25.92
N PHE D 222 30.48 -14.57 26.62
CA PHE D 222 30.04 -13.54 27.56
C PHE D 222 30.56 -13.80 28.97
N PRO D 223 30.86 -12.73 29.72
CA PRO D 223 31.37 -12.88 31.10
C PRO D 223 30.27 -13.37 32.05
N GLY D 224 30.68 -13.89 33.20
CA GLY D 224 29.72 -14.37 34.16
C GLY D 224 29.26 -15.79 33.86
N LYS D 225 28.28 -16.27 34.63
CA LYS D 225 27.75 -17.61 34.45
C LYS D 225 26.65 -17.61 33.39
N THR D 226 26.63 -18.65 32.55
CA THR D 226 25.63 -18.77 31.51
C THR D 226 24.26 -19.05 32.13
N ALA D 227 23.22 -18.89 31.34
CA ALA D 227 21.86 -19.14 31.81
C ALA D 227 21.76 -20.58 32.29
N LYS D 228 20.74 -20.86 33.10
CA LYS D 228 20.55 -22.20 33.65
C LYS D 228 20.39 -23.29 32.59
N PHE D 229 19.70 -22.96 31.49
CA PHE D 229 19.47 -23.94 30.42
C PHE D 229 20.58 -23.94 29.38
N VAL D 230 21.64 -23.19 29.63
CA VAL D 230 22.76 -23.14 28.69
C VAL D 230 24.00 -23.80 29.28
N LYS D 231 24.73 -24.54 28.46
CA LYS D 231 25.96 -25.16 28.90
C LYS D 231 27.12 -24.58 28.11
N ASN D 232 28.24 -24.34 28.79
CA ASN D 232 29.43 -23.81 28.15
C ASN D 232 30.18 -25.01 27.57
N PHE D 233 30.16 -25.15 26.26
CA PHE D 233 30.85 -26.27 25.61
C PHE D 233 32.31 -25.99 25.27
N MSE D 234 32.73 -24.74 25.43
CA MSE D 234 34.12 -24.37 25.15
C MSE D 234 35.00 -25.00 26.24
O MSE D 234 36.06 -25.57 25.97
CB MSE D 234 34.29 -22.86 25.14
CG MSE D 234 35.68 -22.34 24.78
SE MSE D 234 36.17 -22.55 22.90
CE MSE D 234 37.29 -24.12 23.07
N GLN D 235 34.54 -24.88 27.48
CA GLN D 235 35.27 -25.43 28.62
C GLN D 235 35.57 -26.91 28.39
N GLY D 236 36.81 -27.31 28.67
CA GLY D 236 37.19 -28.70 28.48
C GLY D 236 37.67 -29.04 27.09
N HIS D 237 37.70 -28.05 26.20
CA HIS D 237 38.17 -28.26 24.84
C HIS D 237 39.12 -27.14 24.45
N ASP D 238 39.99 -27.38 23.47
CA ASP D 238 40.92 -26.32 23.06
C ASP D 238 40.82 -25.95 21.58
N SER D 239 39.63 -26.13 21.01
CA SER D 239 39.35 -25.76 19.63
C SER D 239 37.84 -25.57 19.52
N VAL D 240 37.41 -24.57 18.75
CA VAL D 240 35.97 -24.34 18.60
C VAL D 240 35.37 -25.56 17.89
N GLN D 241 36.17 -26.15 17.01
CA GLN D 241 35.74 -27.33 16.28
C GLN D 241 35.33 -28.44 17.25
N ALA D 242 36.18 -28.67 18.27
CA ALA D 242 35.90 -29.72 19.25
C ALA D 242 34.72 -29.35 20.15
N ALA D 243 34.60 -28.07 20.47
CA ALA D 243 33.50 -27.61 21.31
C ALA D 243 32.17 -27.87 20.62
N VAL D 244 32.09 -27.54 19.33
CA VAL D 244 30.85 -27.75 18.60
C VAL D 244 30.55 -29.23 18.42
N ARG D 245 31.58 -30.02 18.17
CA ARG D 245 31.37 -31.46 18.02
C ARG D 245 30.85 -32.07 19.32
N ALA D 246 31.27 -31.51 20.45
CA ALA D 246 30.82 -32.00 21.75
C ALA D 246 29.33 -31.71 21.92
N TYR D 247 28.90 -30.54 21.45
CA TYR D 247 27.50 -30.16 21.53
C TYR D 247 26.66 -31.14 20.71
N VAL D 248 27.08 -31.38 19.47
CA VAL D 248 26.35 -32.29 18.59
C VAL D 248 26.27 -33.68 19.23
N ALA D 249 27.39 -34.15 19.77
CA ALA D 249 27.42 -35.47 20.39
C ALA D 249 26.51 -35.58 21.60
N GLU D 250 26.54 -34.59 22.48
CA GLU D 250 25.69 -34.62 23.66
C GLU D 250 24.21 -34.50 23.30
N VAL D 251 23.90 -33.74 22.26
CA VAL D 251 22.50 -33.60 21.84
C VAL D 251 21.99 -34.95 21.34
N LYS D 252 22.77 -35.59 20.48
CA LYS D 252 22.35 -36.87 19.92
C LYS D 252 22.35 -38.00 20.95
N ALA D 253 23.23 -37.90 21.95
CA ALA D 253 23.30 -38.92 22.99
C ALA D 253 22.28 -38.61 24.09
N LYS D 254 21.60 -37.48 23.95
CA LYS D 254 20.61 -37.04 24.93
C LYS D 254 21.20 -36.76 26.31
N THR D 255 22.47 -36.37 26.36
CA THR D 255 23.11 -36.04 27.63
C THR D 255 22.98 -34.53 27.86
N PHE D 256 22.54 -33.83 26.82
CA PHE D 256 22.28 -32.40 26.92
C PHE D 256 20.96 -32.15 26.19
N PRO D 257 20.04 -31.42 26.83
CA PRO D 257 20.20 -30.84 28.17
C PRO D 257 20.19 -31.88 29.29
N ALA D 258 20.88 -31.56 30.39
CA ALA D 258 20.95 -32.44 31.54
C ALA D 258 19.92 -31.96 32.55
N ALA D 259 19.78 -32.68 33.65
CA ALA D 259 18.81 -32.33 34.68
C ALA D 259 19.04 -30.92 35.21
N GLU D 260 20.28 -30.46 35.17
CA GLU D 260 20.64 -29.13 35.65
C GLU D 260 20.20 -28.00 34.72
N HIS D 261 19.93 -28.31 33.46
CA HIS D 261 19.50 -27.28 32.51
C HIS D 261 17.99 -27.26 32.34
N SER E 2 -17.98 27.74 -27.46
CA SER E 2 -17.08 27.13 -28.48
C SER E 2 -16.44 25.86 -27.95
N LEU E 3 -16.07 25.89 -26.67
CA LEU E 3 -15.45 24.74 -26.03
C LEU E 3 -16.41 23.56 -26.02
N ILE E 4 -15.96 22.42 -26.54
CA ILE E 4 -16.80 21.23 -26.58
C ILE E 4 -16.77 20.50 -25.23
N THR E 5 -17.95 20.34 -24.65
CA THR E 5 -18.09 19.66 -23.36
C THR E 5 -18.91 18.39 -23.52
N VAL E 6 -19.12 17.68 -22.42
CA VAL E 6 -19.91 16.45 -22.47
C VAL E 6 -21.33 16.81 -22.87
N ASN E 7 -21.81 17.95 -22.38
CA ASN E 7 -23.16 18.39 -22.72
C ASN E 7 -23.25 18.59 -24.22
N THR E 8 -22.19 19.12 -24.80
CA THR E 8 -22.13 19.37 -26.24
C THR E 8 -22.36 18.05 -26.99
N LEU E 9 -21.67 17.00 -26.56
CA LEU E 9 -21.79 15.69 -27.20
C LEU E 9 -23.19 15.12 -27.03
N GLN E 10 -23.82 15.39 -25.89
CA GLN E 10 -25.16 14.90 -25.64
C GLN E 10 -26.15 15.57 -26.59
N LYS E 11 -26.02 16.88 -26.73
CA LYS E 11 -26.90 17.64 -27.62
C LYS E 11 -26.74 17.13 -29.04
N MSE E 12 -25.50 16.88 -29.45
CA MSE E 12 -25.21 16.39 -30.78
C MSE E 12 -25.84 15.02 -31.03
O MSE E 12 -26.34 14.75 -32.11
CB MSE E 12 -23.70 16.33 -31.01
CG MSE E 12 -23.04 17.70 -31.09
SE MSE E 12 -21.13 17.66 -31.36
CE MSE E 12 -21.11 17.06 -33.20
N LYS E 13 -25.82 14.17 -30.01
CA LYS E 13 -26.41 12.84 -30.13
C LYS E 13 -27.91 12.98 -30.34
N ALA E 14 -28.52 13.85 -29.55
CA ALA E 14 -29.97 14.10 -29.62
C ALA E 14 -30.36 14.69 -30.97
N ALA E 15 -29.53 15.59 -31.48
CA ALA E 15 -29.79 16.25 -32.75
C ALA E 15 -29.42 15.37 -33.95
N GLY E 16 -28.61 14.34 -33.70
CA GLY E 16 -28.22 13.45 -34.78
C GLY E 16 -26.99 13.95 -35.53
N GLU E 17 -26.33 14.97 -34.98
CA GLU E 17 -25.13 15.52 -35.60
C GLU E 17 -23.95 14.64 -35.23
N LYS E 18 -23.37 13.98 -36.23
CA LYS E 18 -22.24 13.09 -36.01
C LYS E 18 -21.00 13.80 -35.46
N ILE E 19 -20.37 13.15 -34.48
CA ILE E 19 -19.18 13.67 -33.83
C ILE E 19 -17.91 13.18 -34.54
N ALA E 20 -16.97 14.09 -34.77
CA ALA E 20 -15.73 13.73 -35.44
C ALA E 20 -14.57 13.59 -34.45
N MSE E 21 -13.97 12.41 -34.40
CA MSE E 21 -12.85 12.16 -33.50
C MSE E 21 -11.63 11.63 -34.26
O MSE E 21 -11.77 10.82 -35.18
CB MSE E 21 -13.24 11.15 -32.42
CG MSE E 21 -12.08 10.78 -31.49
SE MSE E 21 -12.48 9.41 -30.18
CE MSE E 21 -12.79 10.54 -28.65
N LEU E 22 -10.46 12.10 -33.87
CA LEU E 22 -9.19 11.67 -34.47
C LEU E 22 -8.16 11.61 -33.36
N THR E 23 -7.15 10.76 -33.52
CA THR E 23 -6.11 10.67 -32.52
C THR E 23 -5.16 11.85 -32.72
N ALA E 24 -4.45 12.21 -31.66
CA ALA E 24 -3.50 13.33 -31.71
C ALA E 24 -2.44 13.06 -30.65
N TYR E 25 -1.18 13.31 -31.00
CA TYR E 25 -0.09 13.07 -30.07
C TYR E 25 0.90 14.24 -29.98
N GLU E 26 0.72 15.23 -30.84
CA GLU E 26 1.59 16.40 -30.87
C GLU E 26 0.79 17.70 -30.84
N SER E 27 1.42 18.78 -30.40
CA SER E 27 0.77 20.08 -30.30
C SER E 27 0.37 20.65 -31.66
N SER E 28 1.31 20.64 -32.60
CA SER E 28 1.07 21.18 -33.94
C SER E 28 -0.12 20.53 -34.64
N PHE E 29 -0.15 19.20 -34.67
CA PHE E 29 -1.27 18.52 -35.32
C PHE E 29 -2.57 18.68 -34.55
N ALA E 30 -2.49 18.79 -33.23
CA ALA E 30 -3.69 18.96 -32.43
C ALA E 30 -4.32 20.30 -32.78
N ALA E 31 -3.47 21.34 -32.88
CA ALA E 31 -3.95 22.67 -33.23
C ALA E 31 -4.58 22.65 -34.61
N LEU E 32 -3.91 21.98 -35.56
CA LEU E 32 -4.41 21.88 -36.93
C LEU E 32 -5.78 21.20 -36.97
N MSE E 33 -5.92 20.10 -36.25
CA MSE E 33 -7.18 19.36 -36.23
C MSE E 33 -8.28 20.15 -35.52
O MSE E 33 -9.44 20.15 -35.96
CB MSE E 33 -7.00 18.01 -35.57
CG MSE E 33 -6.15 17.05 -36.37
SE MSE E 33 -5.84 15.35 -35.49
CE MSE E 33 -4.31 15.85 -34.44
N ASP E 34 -7.93 20.82 -34.43
CA ASP E 34 -8.90 21.60 -33.69
C ASP E 34 -9.55 22.62 -34.63
N ASP E 35 -8.70 23.43 -35.27
CA ASP E 35 -9.16 24.45 -36.20
C ASP E 35 -9.85 23.86 -37.42
N ALA E 36 -9.57 22.59 -37.71
CA ALA E 36 -10.16 21.92 -38.86
C ALA E 36 -11.55 21.35 -38.56
N GLY E 37 -12.01 21.50 -37.33
CA GLY E 37 -13.33 21.01 -36.98
C GLY E 37 -13.43 19.77 -36.13
N VAL E 38 -12.32 19.09 -35.87
CA VAL E 38 -12.35 17.88 -35.06
C VAL E 38 -12.85 18.24 -33.66
N GLU E 39 -13.92 17.56 -33.23
CA GLU E 39 -14.52 17.81 -31.92
C GLU E 39 -13.82 17.13 -30.74
N MSE E 40 -13.35 15.90 -30.94
CA MSE E 40 -12.68 15.15 -29.89
C MSE E 40 -11.30 14.69 -30.35
O MSE E 40 -11.17 14.08 -31.40
CB MSE E 40 -13.51 13.93 -29.49
CG MSE E 40 -14.93 14.22 -29.04
SE MSE E 40 -15.94 12.61 -28.70
CE MSE E 40 -15.34 12.27 -26.89
N LEU E 41 -10.28 14.99 -29.55
CA LEU E 41 -8.92 14.58 -29.86
C LEU E 41 -8.55 13.44 -28.93
N LEU E 42 -8.23 12.28 -29.51
CA LEU E 42 -7.88 11.12 -28.71
C LEU E 42 -6.38 10.89 -28.62
N VAL E 43 -5.83 11.14 -27.43
CA VAL E 43 -4.42 10.91 -27.18
C VAL E 43 -4.46 9.45 -26.76
N GLY E 44 -4.40 8.54 -27.74
CA GLY E 44 -4.47 7.13 -27.44
C GLY E 44 -3.16 6.38 -27.35
N ASP E 45 -3.19 5.20 -26.74
CA ASP E 45 -1.96 4.42 -26.60
C ASP E 45 -1.53 3.88 -27.95
N SER E 46 -2.27 4.22 -28.99
CA SER E 46 -1.93 3.81 -30.34
C SER E 46 -0.61 4.51 -30.70
N LEU E 47 -0.23 5.48 -29.87
CA LEU E 47 1.02 6.20 -30.08
C LEU E 47 2.19 5.25 -29.88
N GLY E 48 1.94 4.14 -29.20
CA GLY E 48 3.00 3.18 -28.97
C GLY E 48 3.53 2.64 -30.28
N MSE E 49 2.64 2.61 -31.27
CA MSE E 49 3.03 2.11 -32.59
C MSE E 49 3.28 3.26 -33.57
O MSE E 49 4.31 3.28 -34.24
CB MSE E 49 1.92 1.18 -33.11
CG MSE E 49 1.66 0.03 -32.15
SE MSE E 49 0.24 -1.16 -32.67
CE MSE E 49 1.17 -2.16 -34.03
N ALA E 50 2.37 4.23 -33.62
CA ALA E 50 2.50 5.36 -34.52
C ALA E 50 3.65 6.32 -34.19
N VAL E 51 3.94 6.50 -32.91
CA VAL E 51 5.00 7.41 -32.50
C VAL E 51 6.25 6.69 -31.99
N GLN E 52 6.07 5.70 -31.13
CA GLN E 52 7.19 4.96 -30.57
C GLN E 52 7.72 3.89 -31.52
N GLY E 53 6.90 3.52 -32.50
CA GLY E 53 7.32 2.51 -33.46
C GLY E 53 7.40 1.09 -32.93
N ARG E 54 6.63 0.79 -31.89
CA ARG E 54 6.62 -0.54 -31.30
C ARG E 54 5.63 -1.43 -32.06
N LYS E 55 5.60 -2.71 -31.72
CA LYS E 55 4.71 -3.66 -32.38
C LYS E 55 3.36 -3.77 -31.67
N SER E 56 3.26 -3.24 -30.46
CA SER E 56 2.00 -3.29 -29.72
C SER E 56 1.93 -2.07 -28.79
N THR E 57 0.78 -1.90 -28.15
CA THR E 57 0.57 -0.76 -27.26
C THR E 57 0.85 -1.06 -25.79
N LEU E 58 1.08 -2.33 -25.47
CA LEU E 58 1.32 -2.71 -24.07
C LEU E 58 2.48 -2.02 -23.34
N PRO E 59 3.60 -1.77 -24.03
CA PRO E 59 4.70 -1.10 -23.32
C PRO E 59 4.55 0.41 -23.07
N VAL E 60 3.49 1.02 -23.58
CA VAL E 60 3.27 2.45 -23.35
C VAL E 60 3.04 2.68 -21.85
N SER E 61 3.72 3.67 -21.28
CA SER E 61 3.59 3.93 -19.85
C SER E 61 2.67 5.10 -19.54
N LEU E 62 2.34 5.26 -18.26
CA LEU E 62 1.49 6.36 -17.82
C LEU E 62 2.27 7.65 -18.04
N ARG E 63 3.58 7.60 -17.85
CA ARG E 63 4.39 8.79 -18.07
C ARG E 63 4.30 9.21 -19.53
N ASP E 64 4.32 8.23 -20.45
CA ASP E 64 4.22 8.54 -21.88
C ASP E 64 2.87 9.21 -22.17
N MSE E 65 1.80 8.65 -21.63
CA MSE E 65 0.47 9.19 -21.85
C MSE E 65 0.34 10.61 -21.30
O MSE E 65 -0.28 11.47 -21.93
CB MSE E 65 -0.59 8.29 -21.22
CG MSE E 65 -0.65 6.89 -21.81
SE MSE E 65 -0.80 6.88 -23.75
CE MSE E 65 -2.32 8.07 -23.90
N CYS E 66 0.93 10.86 -20.13
CA CYS E 66 0.87 12.19 -19.54
C CYS E 66 1.68 13.20 -20.37
N TYR E 67 2.82 12.76 -20.91
CA TYR E 67 3.66 13.63 -21.72
C TYR E 67 2.89 14.08 -22.97
N HIS E 68 2.35 13.11 -23.71
CA HIS E 68 1.62 13.43 -24.93
C HIS E 68 0.33 14.19 -24.67
N THR E 69 -0.28 13.98 -23.52
CA THR E 69 -1.49 14.69 -23.15
C THR E 69 -1.13 16.17 -22.96
N GLU E 70 -0.01 16.43 -22.28
CA GLU E 70 0.43 17.80 -22.06
C GLU E 70 0.76 18.48 -23.39
N CYS E 71 1.37 17.73 -24.30
CA CYS E 71 1.72 18.27 -25.61
C CYS E 71 0.47 18.69 -26.37
N VAL E 72 -0.49 17.77 -26.44
CA VAL E 72 -1.75 18.02 -27.14
C VAL E 72 -2.53 19.17 -26.51
N ALA E 73 -2.48 19.27 -25.18
CA ALA E 73 -3.19 20.33 -24.46
C ALA E 73 -2.68 21.72 -24.80
N ARG E 74 -1.40 21.84 -25.13
CA ARG E 74 -0.83 23.14 -25.48
C ARG E 74 -1.24 23.55 -26.89
N GLY E 75 -1.63 22.58 -27.70
CA GLY E 75 -2.03 22.88 -29.07
C GLY E 75 -3.51 23.15 -29.23
N ALA E 76 -4.33 22.37 -28.54
CA ALA E 76 -5.78 22.54 -28.62
C ALA E 76 -6.31 23.09 -27.29
N ASN E 78 -10.30 24.27 -27.90
CA ASN E 78 -11.76 24.08 -28.08
C ASN E 78 -12.17 22.61 -28.06
N ALA E 79 -11.45 21.77 -28.80
CA ALA E 79 -11.76 20.35 -28.85
C ALA E 79 -11.55 19.68 -27.51
N MSE E 80 -12.30 18.62 -27.26
CA MSE E 80 -12.18 17.88 -26.02
C MSE E 80 -11.06 16.88 -26.14
O MSE E 80 -10.97 16.14 -27.13
CB MSE E 80 -13.47 17.14 -25.68
CG MSE E 80 -13.39 16.42 -24.35
SE MSE E 80 -14.84 15.22 -24.09
CE MSE E 80 -16.20 16.51 -23.62
N ILE E 81 -10.19 16.85 -25.13
CA ILE E 81 -9.06 15.94 -25.12
C ILE E 81 -9.37 14.68 -24.32
N VAL E 82 -9.30 13.53 -24.97
CA VAL E 82 -9.56 12.26 -24.32
C VAL E 82 -8.23 11.51 -24.26
N SER E 83 -7.84 11.04 -23.07
CA SER E 83 -6.58 10.32 -22.92
C SER E 83 -6.76 8.87 -22.48
N ASP E 84 -6.05 7.96 -23.15
CA ASP E 84 -6.13 6.54 -22.81
C ASP E 84 -5.36 6.21 -21.54
N LEU E 85 -5.96 5.37 -20.69
CA LEU E 85 -5.26 4.91 -19.50
C LEU E 85 -4.48 3.75 -20.13
N PRO E 86 -3.15 3.76 -19.99
CA PRO E 86 -2.31 2.71 -20.57
C PRO E 86 -2.34 1.34 -19.89
N PHE E 87 -1.98 0.31 -20.65
CA PHE E 87 -1.97 -1.05 -20.15
C PHE E 87 -1.23 -1.20 -18.83
N GLY E 88 -1.87 -1.84 -17.86
CA GLY E 88 -1.25 -2.08 -16.57
C GLY E 88 -1.37 -0.96 -15.56
N ALA E 89 -1.78 0.22 -16.02
CA ALA E 89 -1.88 1.38 -15.16
C ALA E 89 -3.24 1.57 -14.49
N TYR E 90 -4.22 0.75 -14.84
CA TYR E 90 -5.56 0.94 -14.25
C TYR E 90 -6.37 -0.32 -13.94
N GLN E 91 -5.94 -1.48 -14.42
CA GLN E 91 -6.70 -2.70 -14.19
C GLN E 91 -6.52 -3.40 -12.84
N GLN E 92 -5.57 -2.93 -12.04
CA GLN E 92 -5.31 -3.56 -10.75
C GLN E 92 -6.48 -3.37 -9.79
N SER E 93 -7.07 -2.18 -9.80
CA SER E 93 -8.20 -1.87 -8.93
C SER E 93 -8.79 -0.52 -9.35
N LYS E 94 -9.99 -0.22 -8.88
CA LYS E 94 -10.63 1.04 -9.22
C LYS E 94 -9.83 2.20 -8.60
N GLU E 95 -9.18 1.94 -7.47
CA GLU E 95 -8.38 2.97 -6.82
C GLU E 95 -7.14 3.28 -7.67
N GLN E 96 -6.53 2.24 -8.25
CA GLN E 96 -5.37 2.48 -9.09
C GLN E 96 -5.83 3.26 -10.32
N ALA E 97 -6.97 2.86 -10.88
CA ALA E 97 -7.52 3.53 -12.05
C ALA E 97 -7.73 5.01 -11.77
N PHE E 98 -8.28 5.32 -10.60
CA PHE E 98 -8.51 6.71 -10.24
C PHE E 98 -7.21 7.49 -10.19
N ALA E 99 -6.19 6.91 -9.55
CA ALA E 99 -4.90 7.56 -9.44
C ALA E 99 -4.30 7.88 -10.80
N ALA E 100 -4.35 6.92 -11.71
CA ALA E 100 -3.81 7.10 -13.05
C ALA E 100 -4.61 8.14 -13.82
N ALA E 101 -5.93 8.01 -13.77
CA ALA E 101 -6.82 8.95 -14.47
C ALA E 101 -6.61 10.37 -13.97
N ALA E 102 -6.39 10.50 -12.66
CA ALA E 102 -6.16 11.81 -12.06
C ALA E 102 -4.91 12.45 -12.64
N GLU E 103 -3.86 11.65 -12.87
CA GLU E 103 -2.64 12.19 -13.45
C GLU E 103 -2.90 12.69 -14.86
N LEU E 104 -3.71 11.95 -15.62
CA LEU E 104 -4.03 12.35 -16.99
C LEU E 104 -4.83 13.64 -17.01
N MSE E 105 -5.80 13.77 -16.10
CA MSE E 105 -6.62 14.97 -16.03
C MSE E 105 -5.73 16.16 -15.67
O MSE E 105 -5.85 17.23 -16.25
CB MSE E 105 -7.73 14.82 -14.97
CG MSE E 105 -8.74 13.71 -15.24
SE MSE E 105 -9.81 13.95 -16.84
CE MSE E 105 -10.80 15.53 -16.32
N ALA E 106 -4.83 15.95 -14.71
CA ALA E 106 -3.92 17.01 -14.28
C ALA E 106 -3.00 17.40 -15.44
N ALA E 107 -2.77 16.47 -16.36
CA ALA E 107 -1.91 16.73 -17.51
C ALA E 107 -2.62 17.46 -18.64
N GLY E 108 -3.93 17.61 -18.54
CA GLY E 108 -4.67 18.32 -19.58
C GLY E 108 -5.87 17.61 -20.18
N ALA E 109 -6.08 16.35 -19.83
CA ALA E 109 -7.22 15.61 -20.36
C ALA E 109 -8.56 16.10 -19.80
N HIS E 110 -9.61 15.95 -20.59
CA HIS E 110 -10.96 16.35 -20.18
C HIS E 110 -11.80 15.09 -19.96
N MSE E 111 -11.25 13.95 -20.34
CA MSE E 111 -11.92 12.66 -20.23
C MSE E 111 -10.86 11.57 -20.40
O MSE E 111 -9.86 11.79 -21.05
CB MSE E 111 -12.97 12.54 -21.34
CG MSE E 111 -13.79 11.26 -21.36
SE MSE E 111 -14.98 11.18 -22.93
CE MSE E 111 -16.25 12.54 -22.39
N VAL E 112 -11.07 10.41 -19.79
CA VAL E 112 -10.12 9.30 -19.94
C VAL E 112 -10.82 8.10 -20.56
N LYS E 113 -10.07 7.30 -21.30
CA LYS E 113 -10.63 6.12 -21.95
C LYS E 113 -10.06 4.86 -21.33
N LEU E 114 -10.93 3.90 -21.04
CA LEU E 114 -10.50 2.64 -20.45
C LEU E 114 -11.10 1.49 -21.25
N GLU E 115 -10.47 0.32 -21.19
CA GLU E 115 -10.94 -0.85 -21.93
C GLU E 115 -11.48 -1.90 -20.98
N GLY E 116 -12.43 -2.69 -21.46
CA GLY E 116 -13.00 -3.74 -20.63
C GLY E 116 -14.51 -3.78 -20.66
N GLY E 117 -15.06 -4.91 -20.25
CA GLY E 117 -16.51 -5.06 -20.25
C GLY E 117 -17.15 -4.82 -18.89
N VAL E 118 -18.16 -5.63 -18.59
CA VAL E 118 -18.90 -5.50 -17.34
C VAL E 118 -18.03 -5.46 -16.08
N TRP E 119 -16.94 -6.23 -16.07
CA TRP E 119 -16.06 -6.26 -14.90
C TRP E 119 -15.35 -4.92 -14.66
N MSE E 120 -15.42 -4.02 -15.64
CA MSE E 120 -14.79 -2.71 -15.50
C MSE E 120 -15.81 -1.61 -15.17
O MSE E 120 -15.43 -0.47 -14.91
CB MSE E 120 -14.03 -2.34 -16.78
CG MSE E 120 -12.65 -2.96 -16.90
SE MSE E 120 -11.42 -2.29 -15.54
CE MSE E 120 -11.23 -0.49 -16.21
N ALA E 121 -17.10 -1.97 -15.19
CA ALA E 121 -18.16 -1.02 -14.90
C ALA E 121 -17.99 -0.34 -13.53
N GLU E 122 -17.56 -1.09 -12.53
CA GLU E 122 -17.37 -0.54 -11.21
C GLU E 122 -16.31 0.57 -11.25
N THR E 123 -15.31 0.39 -12.10
CA THR E 123 -14.25 1.39 -12.22
C THR E 123 -14.79 2.65 -12.91
N THR E 124 -15.61 2.46 -13.94
CA THR E 124 -16.20 3.59 -14.63
C THR E 124 -16.98 4.45 -13.63
N GLU E 125 -17.81 3.81 -12.82
CA GLU E 125 -18.61 4.52 -11.83
C GLU E 125 -17.74 5.25 -10.80
N PHE E 126 -16.72 4.56 -10.31
CA PHE E 126 -15.81 5.13 -9.31
C PHE E 126 -15.21 6.45 -9.81
N LEU E 127 -14.77 6.46 -11.07
CA LEU E 127 -14.17 7.66 -11.65
C LEU E 127 -15.18 8.76 -11.94
N GLN E 128 -16.25 8.41 -12.65
CA GLN E 128 -17.27 9.39 -13.01
C GLN E 128 -17.83 10.12 -11.79
N MSE E 129 -18.04 9.39 -10.70
CA MSE E 129 -18.58 10.00 -9.48
C MSE E 129 -17.60 10.98 -8.86
O MSE E 129 -17.99 11.87 -8.10
CB MSE E 129 -18.95 8.92 -8.46
CG MSE E 129 -20.14 8.06 -8.84
CG MSE E 129 -20.21 8.15 -8.84
SE MSE E 129 -21.79 9.07 -8.80
SE MSE E 129 -20.86 6.99 -7.44
CE MSE E 129 -21.98 9.21 -6.88
CE MSE E 129 -21.47 8.34 -6.20
N ARG E 130 -16.32 10.81 -9.17
CA ARG E 130 -15.28 11.68 -8.63
C ARG E 130 -14.84 12.80 -9.59
N GLY E 131 -15.68 13.10 -10.57
CA GLY E 131 -15.38 14.17 -11.50
C GLY E 131 -14.55 13.84 -12.73
N ILE E 132 -14.30 12.56 -12.96
CA ILE E 132 -13.50 12.16 -14.12
C ILE E 132 -14.38 11.51 -15.18
N PRO E 133 -14.66 12.22 -16.29
CA PRO E 133 -15.49 11.67 -17.36
C PRO E 133 -14.81 10.44 -17.95
N VAL E 134 -15.59 9.43 -18.30
CA VAL E 134 -15.06 8.19 -18.84
C VAL E 134 -15.58 7.75 -20.18
N CYS E 135 -14.66 7.38 -21.07
CA CYS E 135 -15.02 6.86 -22.38
C CYS E 135 -14.74 5.37 -22.26
N ALA E 136 -15.80 4.56 -22.25
CA ALA E 136 -15.65 3.11 -22.13
C ALA E 136 -15.47 2.46 -23.50
N HIS E 137 -14.35 1.79 -23.66
CA HIS E 137 -14.01 1.10 -24.91
C HIS E 137 -14.43 -0.37 -24.84
N ILE E 138 -15.37 -0.75 -25.69
CA ILE E 138 -15.86 -2.13 -25.72
C ILE E 138 -15.70 -2.76 -27.11
N GLY E 139 -15.82 -4.08 -27.17
CA GLY E 139 -15.68 -4.77 -28.44
C GLY E 139 -14.44 -5.63 -28.55
N ALA E 160 -22.36 -10.98 -29.10
CA ALA E 160 -23.51 -10.11 -29.48
C ALA E 160 -24.21 -9.62 -28.22
N GLN E 161 -24.75 -10.55 -27.44
CA GLN E 161 -25.45 -10.21 -26.21
C GLN E 161 -24.44 -9.70 -25.20
N ALA E 162 -23.21 -10.17 -25.32
CA ALA E 162 -22.13 -9.76 -24.41
C ALA E 162 -21.80 -8.30 -24.63
N LEU E 163 -21.82 -7.87 -25.89
CA LEU E 163 -21.52 -6.48 -26.23
C LEU E 163 -22.57 -5.55 -25.64
N LEU E 164 -23.84 -5.93 -25.77
CA LEU E 164 -24.93 -5.12 -25.24
C LEU E 164 -24.84 -5.02 -23.73
N ASN E 165 -24.54 -6.14 -23.07
CA ASN E 165 -24.42 -6.15 -21.62
C ASN E 165 -23.29 -5.20 -21.21
N ASP E 166 -22.17 -5.25 -21.93
CA ASP E 166 -21.04 -4.38 -21.62
C ASP E 166 -21.48 -2.92 -21.79
N ALA E 167 -22.15 -2.64 -22.91
CA ALA E 167 -22.61 -1.28 -23.21
C ALA E 167 -23.53 -0.74 -22.12
N LYS E 168 -24.50 -1.56 -21.71
CA LYS E 168 -25.45 -1.16 -20.67
C LYS E 168 -24.76 -0.97 -19.33
N ALA E 169 -23.88 -1.91 -18.98
CA ALA E 169 -23.15 -1.83 -17.72
C ALA E 169 -22.46 -0.49 -17.57
N HIS E 170 -21.72 -0.09 -18.60
CA HIS E 170 -21.01 1.19 -18.55
C HIS E 170 -21.96 2.38 -18.58
N ASP E 171 -23.09 2.24 -19.28
CA ASP E 171 -24.07 3.32 -19.35
C ASP E 171 -24.66 3.53 -17.95
N ASP E 172 -25.06 2.41 -17.33
CA ASP E 172 -25.63 2.42 -15.99
C ASP E 172 -24.63 3.03 -15.01
N ALA E 173 -23.35 2.77 -15.25
CA ALA E 173 -22.27 3.27 -14.40
C ALA E 173 -22.00 4.75 -14.62
N GLY E 174 -22.57 5.31 -15.68
CA GLY E 174 -22.38 6.72 -15.96
C GLY E 174 -21.28 7.09 -16.93
N ALA E 175 -20.90 6.17 -17.81
CA ALA E 175 -19.86 6.48 -18.78
C ALA E 175 -20.35 7.68 -19.59
N ALA E 176 -19.44 8.61 -19.91
CA ALA E 176 -19.81 9.79 -20.68
C ALA E 176 -19.95 9.44 -22.15
N VAL E 177 -19.14 8.48 -22.60
CA VAL E 177 -19.14 8.02 -23.98
C VAL E 177 -18.77 6.54 -24.06
N VAL E 178 -19.35 5.84 -25.03
CA VAL E 178 -19.05 4.43 -25.24
C VAL E 178 -18.42 4.32 -26.61
N LEU E 179 -17.25 3.69 -26.67
CA LEU E 179 -16.54 3.55 -27.93
C LEU E 179 -16.49 2.09 -28.36
N MSE E 180 -16.86 1.84 -29.61
CA MSE E 180 -16.89 0.48 -30.16
C MSE E 180 -15.90 0.33 -31.31
O MSE E 180 -15.79 1.21 -32.17
CB MSE E 180 -18.29 0.13 -30.66
CG MSE E 180 -19.33 -0.05 -29.59
SE MSE E 180 -21.04 -0.49 -30.35
CE MSE E 180 -21.66 1.29 -30.74
N GLU E 181 -15.20 -0.79 -31.33
CA GLU E 181 -14.23 -1.08 -32.37
C GLU E 181 -14.51 -2.43 -33.01
N CYS E 182 -14.55 -2.44 -34.35
CA CYS E 182 -14.82 -3.67 -35.09
C CYS E 182 -16.08 -4.38 -34.60
N VAL E 183 -17.22 -3.77 -34.88
CA VAL E 183 -18.51 -4.32 -34.49
C VAL E 183 -19.49 -4.29 -35.66
N LEU E 184 -20.34 -5.31 -35.75
CA LEU E 184 -21.33 -5.40 -36.81
C LEU E 184 -22.18 -4.13 -36.82
N ALA E 185 -22.23 -3.47 -37.99
CA ALA E 185 -23.00 -2.24 -38.14
C ALA E 185 -24.36 -2.28 -37.48
N GLU E 186 -25.12 -3.34 -37.76
CA GLU E 186 -26.46 -3.50 -37.19
C GLU E 186 -26.42 -3.50 -35.66
N LEU E 187 -25.45 -4.23 -35.11
CA LEU E 187 -25.31 -4.34 -33.66
C LEU E 187 -24.96 -2.99 -33.05
N ALA E 188 -24.02 -2.29 -33.67
CA ALA E 188 -23.62 -0.97 -33.18
C ALA E 188 -24.82 -0.04 -33.15
N LYS E 189 -25.65 -0.12 -34.19
CA LYS E 189 -26.83 0.71 -34.28
C LYS E 189 -27.74 0.45 -33.08
N LYS E 190 -27.95 -0.83 -32.77
CA LYS E 190 -28.79 -1.21 -31.65
C LYS E 190 -28.22 -0.65 -30.34
N VAL E 191 -26.91 -0.80 -30.15
CA VAL E 191 -26.27 -0.30 -28.94
C VAL E 191 -26.46 1.21 -28.83
N THR E 192 -26.15 1.92 -29.91
CA THR E 192 -26.27 3.37 -29.95
C THR E 192 -27.67 3.84 -29.56
N GLU E 193 -28.68 3.05 -29.91
CA GLU E 193 -30.07 3.39 -29.60
C GLU E 193 -30.46 2.92 -28.20
N THR E 194 -29.73 1.95 -27.67
CA THR E 194 -30.02 1.41 -26.35
C THR E 194 -29.47 2.26 -25.19
N VAL E 195 -28.23 2.71 -25.32
CA VAL E 195 -27.61 3.52 -24.26
C VAL E 195 -27.93 5.01 -24.36
N SER E 196 -27.92 5.67 -23.21
CA SER E 196 -28.22 7.11 -23.15
C SER E 196 -27.05 7.98 -23.59
N CYS E 197 -25.84 7.51 -23.34
CA CYS E 197 -24.64 8.26 -23.69
C CYS E 197 -24.29 8.14 -25.17
N PRO E 198 -23.55 9.12 -25.71
CA PRO E 198 -23.14 9.11 -27.10
C PRO E 198 -22.19 7.94 -27.38
N THR E 199 -22.26 7.40 -28.59
CA THR E 199 -21.37 6.30 -28.97
C THR E 199 -20.44 6.77 -30.07
N ILE E 200 -19.22 6.24 -30.07
CA ILE E 200 -18.22 6.58 -31.06
C ILE E 200 -17.76 5.26 -31.64
N GLY E 201 -17.54 5.21 -32.94
CA GLY E 201 -17.09 3.96 -33.54
C GLY E 201 -15.99 4.03 -34.56
N ILE E 202 -15.37 2.88 -34.78
CA ILE E 202 -14.31 2.69 -35.75
C ILE E 202 -14.54 1.27 -36.26
N GLY E 203 -14.89 1.16 -37.54
CA GLY E 203 -15.17 -0.16 -38.09
C GLY E 203 -16.42 -0.71 -37.45
N ALA E 204 -17.35 0.18 -37.12
CA ALA E 204 -18.61 -0.21 -36.49
C ALA E 204 -19.82 0.39 -37.19
N GLY E 205 -19.60 0.98 -38.37
CA GLY E 205 -20.70 1.57 -39.12
C GLY E 205 -20.91 3.06 -38.88
N ALA E 206 -21.86 3.63 -39.61
CA ALA E 206 -22.16 5.05 -39.49
C ALA E 206 -23.34 5.31 -38.55
N ASP E 207 -23.92 4.25 -38.00
CA ASP E 207 -25.05 4.39 -37.09
C ASP E 207 -24.62 4.88 -35.71
N CYS E 208 -23.31 4.89 -35.47
CA CYS E 208 -22.78 5.36 -34.20
C CYS E 208 -22.95 6.87 -34.16
N ASP E 209 -22.90 7.45 -32.96
CA ASP E 209 -23.06 8.89 -32.82
C ASP E 209 -21.85 9.66 -33.32
N GLY E 210 -20.79 8.95 -33.68
CA GLY E 210 -19.59 9.60 -34.16
C GLY E 210 -18.56 8.62 -34.68
N GLN E 211 -17.45 9.14 -35.18
CA GLN E 211 -16.40 8.29 -35.73
C GLN E 211 -15.01 8.68 -35.22
N VAL E 212 -14.10 7.73 -35.27
CA VAL E 212 -12.73 7.95 -34.87
C VAL E 212 -11.79 7.17 -35.77
N LEU E 213 -10.63 7.75 -36.03
CA LEU E 213 -9.60 7.13 -36.86
C LEU E 213 -8.25 7.61 -36.35
N VAL E 214 -7.23 6.79 -36.55
CA VAL E 214 -5.88 7.17 -36.14
C VAL E 214 -5.38 8.14 -37.22
N MSE E 215 -4.96 9.32 -36.79
CA MSE E 215 -4.48 10.34 -37.71
C MSE E 215 -3.56 9.79 -38.80
O MSE E 215 -3.83 9.95 -39.99
CB MSE E 215 -3.76 11.46 -36.96
CG MSE E 215 -3.31 12.60 -37.85
SE MSE E 215 -2.14 13.85 -36.97
CE MSE E 215 -0.45 13.09 -37.52
N HIS E 216 -2.46 9.17 -38.37
CA HIS E 216 -1.48 8.62 -39.30
C HIS E 216 -2.08 7.69 -40.33
N ASP E 217 -3.15 6.96 -39.98
CA ASP E 217 -3.78 6.05 -40.92
C ASP E 217 -4.56 6.81 -41.99
N MSE E 218 -5.40 7.74 -41.57
CA MSE E 218 -6.21 8.51 -42.51
C MSE E 218 -5.41 9.58 -43.27
O MSE E 218 -5.96 10.33 -44.06
CB MSE E 218 -7.42 9.15 -41.80
CG MSE E 218 -7.10 9.97 -40.57
SE MSE E 218 -6.50 11.75 -40.97
CE MSE E 218 -8.21 12.56 -41.39
N LEU E 219 -4.10 9.62 -43.02
CA LEU E 219 -3.22 10.57 -43.70
C LEU E 219 -2.26 9.80 -44.59
N GLY E 220 -2.39 8.48 -44.60
CA GLY E 220 -1.52 7.65 -45.43
C GLY E 220 -0.05 7.74 -45.08
N ILE E 221 0.25 7.75 -43.79
CA ILE E 221 1.64 7.83 -43.35
C ILE E 221 2.32 6.48 -43.49
N PHE E 222 1.55 5.41 -43.32
CA PHE E 222 2.11 4.06 -43.45
C PHE E 222 2.00 3.57 -44.88
N PRO E 223 3.04 2.87 -45.36
CA PRO E 223 3.07 2.34 -46.72
C PRO E 223 2.16 1.12 -46.90
N GLY E 224 1.83 0.82 -48.15
CA GLY E 224 0.97 -0.32 -48.42
C GLY E 224 -0.50 -0.03 -48.20
N LYS E 225 -1.35 -1.02 -48.49
CA LYS E 225 -2.78 -0.87 -48.31
C LYS E 225 -3.16 -0.42 -46.90
N THR E 226 -4.38 0.06 -46.75
CA THR E 226 -4.88 0.54 -45.46
C THR E 226 -6.04 -0.33 -45.01
N ALA E 227 -6.27 -0.39 -43.70
CA ALA E 227 -7.36 -1.18 -43.15
C ALA E 227 -8.64 -0.96 -43.95
N LYS E 228 -9.44 -2.00 -44.08
CA LYS E 228 -10.70 -1.93 -44.82
C LYS E 228 -11.63 -0.87 -44.26
N PHE E 229 -11.59 -0.66 -42.95
CA PHE E 229 -12.46 0.33 -42.31
C PHE E 229 -11.82 1.71 -42.18
N VAL E 230 -10.71 1.93 -42.87
CA VAL E 230 -10.03 3.21 -42.84
C VAL E 230 -9.91 3.81 -44.24
N LYS E 231 -10.15 5.11 -44.33
CA LYS E 231 -10.06 5.81 -45.61
C LYS E 231 -8.94 6.85 -45.61
N ASN E 232 -8.20 6.90 -46.70
CA ASN E 232 -7.10 7.84 -46.85
C ASN E 232 -7.65 9.20 -47.29
N PHE E 233 -7.67 10.16 -46.37
CA PHE E 233 -8.18 11.49 -46.70
C PHE E 233 -7.10 12.44 -47.23
N MSE E 234 -5.87 11.96 -47.31
CA MSE E 234 -4.76 12.76 -47.83
C MSE E 234 -4.88 12.80 -49.35
O MSE E 234 -4.78 13.86 -49.96
CB MSE E 234 -3.42 12.15 -47.43
CG MSE E 234 -2.70 12.89 -46.31
SE MSE E 234 -2.10 14.65 -46.84
CE MSE E 234 -0.35 14.19 -47.51
N GLN E 235 -5.08 11.63 -49.95
CA GLN E 235 -5.21 11.51 -51.39
C GLN E 235 -6.35 12.40 -51.89
N GLY E 236 -6.04 13.26 -52.85
CA GLY E 236 -7.06 14.14 -53.40
C GLY E 236 -6.89 15.58 -52.96
N HIS E 237 -6.08 15.80 -51.93
CA HIS E 237 -5.83 17.14 -51.42
C HIS E 237 -4.33 17.41 -51.33
N ASP E 238 -3.96 18.69 -51.27
CA ASP E 238 -2.55 19.06 -51.20
C ASP E 238 -2.18 19.75 -49.89
N SER E 239 -2.89 19.41 -48.82
CA SER E 239 -2.63 19.98 -47.51
C SER E 239 -3.31 19.13 -46.45
N VAL E 240 -2.61 18.90 -45.34
CA VAL E 240 -3.16 18.11 -44.24
C VAL E 240 -4.42 18.77 -43.71
N GLN E 241 -4.39 20.11 -43.67
CA GLN E 241 -5.52 20.88 -43.18
C GLN E 241 -6.79 20.58 -43.97
N ALA E 242 -6.65 20.38 -45.28
CA ALA E 242 -7.78 20.08 -46.15
C ALA E 242 -8.19 18.62 -46.00
N ALA E 243 -7.21 17.75 -45.80
CA ALA E 243 -7.47 16.32 -45.65
C ALA E 243 -8.30 16.06 -44.40
N VAL E 244 -8.00 16.79 -43.33
CA VAL E 244 -8.73 16.64 -42.07
C VAL E 244 -10.15 17.17 -42.19
N ARG E 245 -10.29 18.35 -42.79
CA ARG E 245 -11.61 18.95 -42.97
C ARG E 245 -12.50 18.01 -43.77
N ALA E 246 -11.91 17.36 -44.77
CA ALA E 246 -12.66 16.42 -45.60
C ALA E 246 -13.16 15.28 -44.74
N TYR E 247 -12.35 14.87 -43.77
CA TYR E 247 -12.73 13.80 -42.85
C TYR E 247 -13.96 14.22 -42.05
N VAL E 248 -13.87 15.39 -41.43
CA VAL E 248 -14.97 15.90 -40.63
C VAL E 248 -16.23 16.01 -41.48
N ALA E 249 -16.08 16.56 -42.67
CA ALA E 249 -17.19 16.74 -43.60
C ALA E 249 -17.95 15.44 -43.86
N GLU E 250 -17.23 14.42 -44.33
CA GLU E 250 -17.86 13.14 -44.64
C GLU E 250 -18.45 12.45 -43.41
N VAL E 251 -17.87 12.72 -42.24
CA VAL E 251 -18.39 12.11 -41.01
C VAL E 251 -19.78 12.66 -40.71
N LYS E 252 -19.94 13.97 -40.85
CA LYS E 252 -21.22 14.61 -40.59
C LYS E 252 -22.23 14.33 -41.70
N ALA E 253 -21.74 14.17 -42.92
CA ALA E 253 -22.59 13.89 -44.07
C ALA E 253 -22.95 12.41 -44.07
N LYS E 254 -22.39 11.68 -43.12
CA LYS E 254 -22.62 10.24 -43.01
C LYS E 254 -22.06 9.51 -44.21
N THR E 255 -21.13 10.16 -44.91
CA THR E 255 -20.48 9.59 -46.08
C THR E 255 -19.53 8.51 -45.58
N PHE E 256 -18.81 8.83 -44.50
CA PHE E 256 -17.87 7.90 -43.90
C PHE E 256 -18.36 7.47 -42.54
N PRO E 257 -18.29 6.16 -42.24
CA PRO E 257 -17.76 5.12 -43.13
C PRO E 257 -18.78 4.67 -44.17
N ALA E 258 -18.28 4.29 -45.35
CA ALA E 258 -19.15 3.82 -46.42
C ALA E 258 -19.21 2.30 -46.36
N ALA E 259 -19.60 1.67 -47.47
CA ALA E 259 -19.69 0.22 -47.52
C ALA E 259 -18.31 -0.41 -47.34
C1 GOL F . 5.29 24.56 -4.70
O1 GOL F . 4.69 23.55 -5.46
C2 GOL F . 6.81 24.36 -4.62
O2 GOL F . 7.10 23.09 -4.06
C3 GOL F . 7.47 25.46 -3.80
O3 GOL F . 8.87 25.27 -3.76
C1 GOL G . 20.53 -6.19 -15.80
O1 GOL G . 20.66 -4.93 -16.40
C2 GOL G . 19.43 -6.20 -14.75
O2 GOL G . 19.68 -5.21 -13.76
C3 GOL G . 19.29 -7.57 -14.09
O3 GOL G . 18.24 -7.56 -13.14
C1 GOL H . 14.76 15.22 13.51
O1 GOL H . 13.56 15.36 12.77
C2 GOL H . 15.97 15.18 12.58
O2 GOL H . 15.85 14.09 11.65
C3 GOL H . 17.26 15.01 13.37
O3 GOL H . 18.37 14.93 12.48
C1 GOL I . 25.43 -4.22 6.12
O1 GOL I . 25.88 -3.99 4.81
C2 GOL I . 23.91 -4.01 6.22
O2 GOL I . 23.56 -2.69 5.81
C3 GOL I . 23.41 -4.26 7.63
O3 GOL I . 22.00 -4.03 7.69
C1 GOL J . 7.94 10.35 -21.84
O1 GOL J . 7.60 9.34 -20.91
C2 GOL J . 8.80 11.45 -21.19
O2 GOL J . 8.08 12.07 -20.12
C3 GOL J . 9.19 12.51 -22.21
O3 GOL J . 10.04 13.48 -21.61
#